data_8BOR
#
_entry.id   8BOR
#
_cell.length_a   119.630
_cell.length_b   64.590
_cell.length_c   131.040
_cell.angle_alpha   90.00
_cell.angle_beta   91.55
_cell.angle_gamma   90.00
#
_symmetry.space_group_name_H-M   'P 1 21 1'
#
loop_
_entity.id
_entity.type
_entity.pdbx_description
1 polymer Bacteriophytochrome
2 non-polymer '3-[2-[(Z)-[3-(2-carboxyethyl)-5-[(Z)-(4-ethenyl-3-methyl-5-oxidanylidene-pyrrol-2-ylidene)methyl]-4-methyl-pyrrol-1-ium -2-ylidene]methyl]-5-[(Z)-[(3E)-3-ethylidene-4-methyl-5-oxidanylidene-pyrrolidin-2-ylidene]methyl]-4-methyl-1H-pyrrol-3- yl]propanoic acid'
3 water water
#
_entity_poly.entity_id   1
_entity_poly.type   'polypeptide(L)'
_entity_poly.pdbx_seq_one_letter_code
;MASMTGGQQMGRGSMSRDPLPFFPPLYLGGPEITTENCEREPIHIPGSIQPHGALLTADGHSGEVLQMSLNAATFLGQEP
TVLRGQTLAALLPEQWPALQAALPPGCPDALQYRATLDWPAAGHLSLTVHRVGELLILEFEPTEAWDSTGPHALRNAMFA
LESAPNLRALAEVATQTVRELTGFDRVMLYKFAPDATGEVIAEARREGLHAFLGHRFPASDIPAQARALYTRHLLRLTAD
TRAAAVPLDPVLNPQTNAPTPLGGAVLRATSPMHMQYLRNMGVGSSLSVSVVVGGQLWGLIACHHQTPYVLPPDLRTTLE
YLGRLLSLQVQVKEAADVAAFRQSLREHHARVALAAAHSLSPHDTLSDPALDLLGLMRAGGLILRFEGRWQTLGEVPPAP
AVDALLAWLETQPGALVQTDALGQLWPAGADLAPSAAGLLAISVGEGWSECLVWLRPELRGGGSGYAEPWHPGEIEEAQD
LRDTLTGALEHHHHHH
;
_entity_poly.pdbx_strand_id   A,B,C,D
#
loop_
_chem_comp.id
_chem_comp.type
_chem_comp.name
_chem_comp.formula
LBV non-polymer '3-[2-[(Z)-[3-(2-carboxyethyl)-5-[(Z)-(4-ethenyl-3-methyl-5-oxidanylidene-pyrrol-2-ylidene)methyl]-4-methyl-pyrrol-1-ium -2-ylidene]methyl]-5-[(Z)-[(3E)-3-ethylidene-4-methyl-5-oxidanylidene-pyrrolidin-2-ylidene]methyl]-4-methyl-1H-pyrrol-3- yl]propanoic acid' 'C33 H37 N4 O6 1'
#
# COMPACT_ATOMS: atom_id res chain seq x y z
N MET A 15 -11.21 8.79 57.88
CA MET A 15 -10.45 8.19 56.76
C MET A 15 -10.54 9.08 55.53
N SER A 16 -11.73 9.68 55.30
CA SER A 16 -11.97 10.58 54.20
C SER A 16 -11.82 12.05 54.64
N ARG A 17 -11.67 12.26 55.95
CA ARG A 17 -11.57 13.59 56.54
C ARG A 17 -10.32 14.31 56.04
N ASP A 18 -10.44 15.62 55.81
CA ASP A 18 -9.29 16.48 55.56
C ASP A 18 -8.49 16.62 56.84
N PRO A 19 -7.14 16.61 56.79
CA PRO A 19 -6.32 16.78 57.99
C PRO A 19 -6.40 18.21 58.55
N LEU A 20 -6.30 18.33 59.88
CA LEU A 20 -6.22 19.62 60.56
C LEU A 20 -5.01 20.39 60.04
N PRO A 21 -5.07 21.74 59.99
CA PRO A 21 -3.98 22.54 59.45
C PRO A 21 -2.69 22.47 60.28
N PHE A 22 -1.59 22.41 59.56
CA PHE A 22 -0.30 22.02 60.12
C PHE A 22 0.20 23.09 61.09
N PHE A 23 0.87 22.64 62.14
CA PHE A 23 1.73 23.49 62.95
C PHE A 23 2.94 23.95 62.16
N PRO A 24 3.59 25.07 62.51
CA PRO A 24 4.88 25.41 61.96
C PRO A 24 5.91 24.32 62.28
N PRO A 25 6.93 24.14 61.42
CA PRO A 25 8.03 23.22 61.72
C PRO A 25 8.89 23.68 62.90
N LEU A 26 9.75 22.77 63.39
CA LEU A 26 10.57 23.03 64.57
C LEU A 26 11.55 24.16 64.30
N TYR A 27 12.09 24.25 63.08
CA TYR A 27 13.03 25.31 62.73
C TYR A 27 12.33 26.66 62.58
N LEU A 28 10.98 26.69 62.62
CA LEU A 28 10.23 27.93 62.70
C LEU A 28 9.54 28.03 64.06
N GLY A 29 10.13 27.40 65.07
CA GLY A 29 9.70 27.54 66.45
C GLY A 29 8.34 26.91 66.72
N GLY A 30 8.00 25.87 65.95
CA GLY A 30 6.69 25.24 66.07
C GLY A 30 6.56 24.40 67.34
N PRO A 31 5.32 24.02 67.73
CA PRO A 31 5.13 23.11 68.87
C PRO A 31 5.88 21.78 68.72
N GLU A 32 6.29 21.23 69.86
CA GLU A 32 6.90 19.91 69.93
C GLU A 32 5.78 18.90 69.65
N ILE A 33 6.09 17.88 68.84
CA ILE A 33 5.09 16.91 68.42
C ILE A 33 4.97 15.84 69.50
N THR A 34 3.72 15.53 69.88
CA THR A 34 3.41 14.50 70.85
C THR A 34 2.33 13.60 70.26
N THR A 35 1.93 12.56 71.02
CA THR A 35 0.85 11.68 70.61
C THR A 35 -0.51 12.40 70.67
N GLU A 36 -0.54 13.62 71.23
CA GLU A 36 -1.77 14.39 71.36
C GLU A 36 -1.99 15.33 70.17
N ASN A 37 -0.90 15.64 69.43
CA ASN A 37 -0.99 16.62 68.34
C ASN A 37 -0.38 16.03 67.06
N CYS A 38 -0.43 14.70 66.92
CA CYS A 38 0.07 13.95 65.77
C CYS A 38 -0.25 14.60 64.43
N GLU A 39 -1.55 14.89 64.24
CA GLU A 39 -2.11 15.21 62.95
C GLU A 39 -1.57 16.55 62.43
N ARG A 40 -0.92 17.33 63.29
CA ARG A 40 -0.55 18.70 62.95
C ARG A 40 0.94 18.83 62.67
N GLU A 41 1.70 17.72 62.68
CA GLU A 41 3.10 17.79 62.30
C GLU A 41 3.20 18.07 60.81
N PRO A 42 3.97 19.10 60.38
CA PRO A 42 4.14 19.41 58.98
C PRO A 42 5.24 18.54 58.36
N ILE A 43 4.90 17.27 58.08
CA ILE A 43 5.89 16.28 57.65
C ILE A 43 6.43 16.63 56.27
N HIS A 44 5.71 17.46 55.51
CA HIS A 44 6.07 17.78 54.14
C HIS A 44 7.11 18.90 54.04
N ILE A 45 7.37 19.65 55.13
CA ILE A 45 8.33 20.75 55.12
C ILE A 45 9.33 20.59 56.28
N PRO A 46 10.07 19.47 56.35
CA PRO A 46 11.10 19.31 57.39
C PRO A 46 12.38 20.11 57.16
N GLY A 47 12.49 20.77 55.99
CA GLY A 47 13.65 21.60 55.70
C GLY A 47 14.96 20.82 55.80
N SER A 48 14.87 19.51 55.56
CA SER A 48 16.00 18.62 55.70
C SER A 48 15.75 17.35 54.89
N ILE A 49 16.85 16.63 54.63
CA ILE A 49 16.82 15.44 53.79
C ILE A 49 17.58 14.34 54.50
N GLN A 50 17.52 13.14 53.91
CA GLN A 50 18.21 11.97 54.41
C GLN A 50 19.61 11.97 53.78
N PRO A 51 20.67 11.64 54.55
CA PRO A 51 22.05 11.89 54.13
C PRO A 51 22.62 10.99 53.03
N HIS A 52 21.85 9.96 52.61
CA HIS A 52 22.27 9.07 51.55
C HIS A 52 22.11 9.72 50.18
N GLY A 53 21.58 10.95 50.12
CA GLY A 53 21.54 11.72 48.89
C GLY A 53 21.78 13.20 49.13
N ALA A 54 21.75 13.97 48.04
CA ALA A 54 21.83 15.42 48.08
C ALA A 54 20.62 16.02 47.38
N LEU A 55 20.25 17.24 47.77
CA LEU A 55 19.10 17.92 47.19
C LEU A 55 19.48 19.37 46.84
N LEU A 56 19.12 19.79 45.63
CA LEU A 56 19.11 21.19 45.22
C LEU A 56 17.66 21.63 44.98
N THR A 57 17.40 22.93 45.15
CA THR A 57 16.22 23.55 44.58
C THR A 57 16.69 24.64 43.63
N ALA A 58 15.88 24.91 42.60
CA ALA A 58 16.24 25.84 41.56
C ALA A 58 15.00 26.53 41.01
N ASP A 59 15.20 27.76 40.52
CA ASP A 59 14.10 28.53 39.95
C ASP A 59 13.61 27.82 38.68
N GLY A 60 12.29 27.76 38.54
CA GLY A 60 11.65 27.03 37.45
C GLY A 60 11.94 27.65 36.08
N HIS A 61 12.18 28.97 36.05
CA HIS A 61 12.43 29.68 34.80
C HIS A 61 13.94 29.77 34.54
N SER A 62 14.67 30.40 35.46
CA SER A 62 16.08 30.73 35.24
C SER A 62 16.98 29.53 35.46
N GLY A 63 16.55 28.59 36.30
CA GLY A 63 17.37 27.46 36.69
C GLY A 63 18.48 27.84 37.67
N GLU A 64 18.33 29.00 38.33
CA GLU A 64 19.26 29.43 39.36
C GLU A 64 19.08 28.54 40.60
N VAL A 65 20.19 28.00 41.11
CA VAL A 65 20.19 27.17 42.31
C VAL A 65 19.93 28.08 43.51
N LEU A 66 18.84 27.80 44.23
CA LEU A 66 18.36 28.62 45.33
C LEU A 66 18.72 28.00 46.68
N GLN A 67 18.58 26.68 46.81
CA GLN A 67 18.85 25.98 48.06
C GLN A 67 19.68 24.73 47.78
N MET A 68 20.46 24.31 48.78
CA MET A 68 21.14 23.03 48.70
C MET A 68 21.23 22.40 50.09
N SER A 69 21.22 21.07 50.13
CA SER A 69 21.50 20.36 51.37
C SER A 69 22.97 20.57 51.74
N LEU A 70 23.29 20.58 53.03
CA LEU A 70 24.63 20.90 53.51
C LEU A 70 25.64 19.82 53.16
N ASN A 71 25.16 18.65 52.67
CA ASN A 71 26.03 17.57 52.24
C ASN A 71 26.28 17.64 50.73
N ALA A 72 25.62 18.57 50.03
CA ALA A 72 25.56 18.55 48.57
C ALA A 72 26.88 18.98 47.96
N ALA A 73 27.59 19.93 48.57
CA ALA A 73 28.89 20.38 48.07
C ALA A 73 29.89 19.21 48.10
N THR A 74 29.98 18.53 49.23
CA THR A 74 30.86 17.39 49.39
C THR A 74 30.46 16.24 48.46
N PHE A 75 29.15 16.04 48.31
N PHE A 75 29.15 16.04 48.31
N PHE A 75 29.15 16.04 48.31
CA PHE A 75 28.60 14.91 47.58
CA PHE A 75 28.60 14.91 47.58
CA PHE A 75 28.59 14.91 47.59
C PHE A 75 28.74 15.10 46.08
C PHE A 75 28.74 15.10 46.08
C PHE A 75 28.74 15.10 46.08
N LEU A 76 28.58 16.35 45.61
CA LEU A 76 28.79 16.71 44.22
C LEU A 76 30.23 17.16 43.95
N GLY A 77 31.01 17.42 45.01
CA GLY A 77 32.41 17.75 44.87
C GLY A 77 32.65 19.15 44.30
N GLN A 78 31.70 20.05 44.57
N GLN A 78 31.70 20.05 44.59
CA GLN A 78 31.81 21.46 44.21
CA GLN A 78 31.80 21.45 44.22
C GLN A 78 31.94 22.31 45.47
C GLN A 78 31.94 22.30 45.48
N GLU A 79 32.52 23.50 45.34
CA GLU A 79 32.69 24.41 46.47
C GLU A 79 31.34 25.07 46.76
N PRO A 80 30.94 25.23 48.05
CA PRO A 80 29.61 25.75 48.39
C PRO A 80 29.26 27.06 47.68
N THR A 81 30.20 28.02 47.72
CA THR A 81 30.02 29.34 47.14
C THR A 81 29.82 29.21 45.62
N VAL A 82 30.54 28.27 44.99
CA VAL A 82 30.50 28.08 43.56
C VAL A 82 29.16 27.49 43.15
N LEU A 83 28.65 26.52 43.94
CA LEU A 83 27.44 25.79 43.60
C LEU A 83 26.22 26.70 43.76
N ARG A 84 26.19 27.46 44.86
CA ARG A 84 25.07 28.36 45.13
C ARG A 84 25.18 29.51 44.13
N GLY A 85 24.07 29.83 43.46
CA GLY A 85 24.04 30.88 42.45
C GLY A 85 24.24 30.38 41.03
N GLN A 86 24.92 29.24 40.86
CA GLN A 86 25.07 28.59 39.57
C GLN A 86 23.69 28.30 38.99
N THR A 87 23.63 28.10 37.66
CA THR A 87 22.41 27.70 36.99
C THR A 87 22.49 26.23 36.60
N LEU A 88 21.31 25.62 36.38
CA LEU A 88 21.22 24.25 35.94
C LEU A 88 21.76 24.11 34.51
N ALA A 89 21.79 25.22 33.77
CA ALA A 89 22.40 25.25 32.45
C ALA A 89 23.89 24.96 32.56
N ALA A 90 24.55 25.53 33.59
CA ALA A 90 25.97 25.34 33.83
C ALA A 90 26.25 23.99 34.49
N LEU A 91 25.37 23.60 35.45
CA LEU A 91 25.56 22.38 36.23
C LEU A 91 25.20 21.14 35.41
N LEU A 92 24.05 21.19 34.74
CA LEU A 92 23.47 20.04 34.07
C LEU A 92 23.17 20.40 32.63
N PRO A 93 24.19 20.71 31.80
CA PRO A 93 23.96 21.20 30.43
C PRO A 93 23.20 20.23 29.53
N GLU A 94 23.43 18.92 29.74
CA GLU A 94 22.82 17.89 28.92
C GLU A 94 21.35 17.69 29.32
N GLN A 95 21.08 17.80 30.63
CA GLN A 95 19.79 17.44 31.19
C GLN A 95 18.86 18.66 31.23
N TRP A 96 19.42 19.86 31.41
CA TRP A 96 18.64 21.07 31.63
C TRP A 96 17.57 21.24 30.55
N PRO A 97 17.89 21.13 29.24
CA PRO A 97 16.87 21.23 28.19
C PRO A 97 15.73 20.21 28.32
N ALA A 98 16.09 18.94 28.58
CA ALA A 98 15.13 17.87 28.70
C ALA A 98 14.26 18.04 29.96
N LEU A 99 14.87 18.64 30.98
CA LEU A 99 14.26 18.81 32.30
C LEU A 99 13.09 19.79 32.20
N GLN A 100 13.28 20.89 31.45
CA GLN A 100 12.25 21.91 31.29
C GLN A 100 11.05 21.35 30.54
N ALA A 101 11.32 20.54 29.51
CA ALA A 101 10.27 19.97 28.67
C ALA A 101 9.44 18.96 29.46
N ALA A 102 10.10 18.17 30.32
CA ALA A 102 9.45 17.10 31.05
C ALA A 102 8.58 17.64 32.18
N LEU A 103 8.96 18.82 32.72
CA LEU A 103 8.29 19.41 33.87
C LEU A 103 7.83 20.83 33.54
N PRO A 104 6.81 21.00 32.66
CA PRO A 104 6.31 22.34 32.33
C PRO A 104 5.53 22.93 33.50
N PRO A 105 5.46 24.27 33.64
CA PRO A 105 4.66 24.89 34.71
C PRO A 105 3.23 24.32 34.79
N GLY A 106 2.79 24.07 36.03
CA GLY A 106 1.43 23.62 36.28
C GLY A 106 1.27 22.10 36.20
N CYS A 107 2.37 21.39 35.89
CA CYS A 107 2.35 19.93 35.92
C CYS A 107 2.15 19.47 37.37
N PRO A 108 1.61 18.26 37.62
CA PRO A 108 1.51 17.75 38.99
C PRO A 108 2.89 17.57 39.61
N ASP A 109 2.97 17.66 40.94
CA ASP A 109 4.24 17.59 41.66
C ASP A 109 4.71 16.15 41.78
N ALA A 110 3.84 15.19 41.42
CA ALA A 110 4.19 13.78 41.42
C ALA A 110 4.97 13.41 40.15
N LEU A 111 4.84 14.21 39.09
CA LEU A 111 5.58 13.99 37.86
C LEU A 111 7.07 14.20 38.10
N GLN A 112 7.89 13.36 37.47
CA GLN A 112 9.32 13.34 37.75
C GLN A 112 10.12 13.22 36.46
N TYR A 113 11.16 14.05 36.35
CA TYR A 113 12.23 13.82 35.40
C TYR A 113 13.33 13.03 36.09
N ARG A 114 13.87 12.01 35.41
CA ARG A 114 14.92 11.19 36.00
C ARG A 114 16.04 11.01 34.99
N ALA A 115 17.28 11.00 35.49
CA ALA A 115 18.46 10.82 34.66
C ALA A 115 19.53 10.09 35.46
N THR A 116 20.51 9.54 34.73
CA THR A 116 21.70 8.95 35.32
C THR A 116 22.90 9.81 34.90
N LEU A 117 23.69 10.23 35.89
CA LEU A 117 24.84 11.09 35.65
C LEU A 117 26.12 10.32 35.96
N ASP A 118 27.19 10.66 35.23
CA ASP A 118 28.54 10.35 35.66
C ASP A 118 29.09 11.57 36.40
N TRP A 119 29.69 11.35 37.57
CA TRP A 119 30.19 12.42 38.40
C TRP A 119 31.57 12.04 38.93
N PRO A 120 32.52 12.99 39.07
CA PRO A 120 33.89 12.70 39.49
C PRO A 120 34.06 11.63 40.59
N ALA A 122 31.11 11.07 42.03
CA ALA A 122 30.65 9.84 42.74
C ALA A 122 30.04 8.83 41.76
N GLY A 123 30.83 8.38 40.79
CA GLY A 123 30.49 7.24 39.94
C GLY A 123 29.20 7.44 39.17
N HIS A 124 28.29 6.46 39.27
CA HIS A 124 26.94 6.58 38.71
C HIS A 124 26.06 7.28 39.73
N LEU A 125 25.29 8.28 39.26
CA LEU A 125 24.48 9.10 40.13
C LEU A 125 23.08 9.19 39.56
N SER A 126 22.07 8.86 40.39
CA SER A 126 20.67 8.98 40.01
C SER A 126 20.18 10.39 40.32
N LEU A 127 19.56 11.04 39.32
CA LEU A 127 18.95 12.35 39.49
C LEU A 127 17.44 12.23 39.32
N THR A 128 16.68 12.71 40.33
CA THR A 128 15.23 12.80 40.23
C THR A 128 14.81 14.24 40.45
N VAL A 129 14.04 14.78 39.50
CA VAL A 129 13.61 16.17 39.54
C VAL A 129 12.09 16.20 39.49
N HIS A 130 11.50 17.10 40.27
CA HIS A 130 10.06 17.36 40.19
C HIS A 130 9.85 18.85 40.44
N ARG A 131 8.62 19.30 40.18
CA ARG A 131 8.30 20.72 40.20
C ARG A 131 7.18 20.97 41.21
N VAL A 132 7.40 21.95 42.09
CA VAL A 132 6.35 22.48 42.95
C VAL A 132 6.30 24.00 42.72
N GLY A 133 5.13 24.50 42.34
CA GLY A 133 4.95 25.91 42.02
C GLY A 133 5.98 26.38 40.99
N GLU A 134 6.84 27.32 41.39
CA GLU A 134 7.84 27.92 40.51
C GLU A 134 9.22 27.35 40.81
N LEU A 135 9.25 26.18 41.45
CA LEU A 135 10.48 25.64 42.02
C LEU A 135 10.70 24.21 41.50
N LEU A 136 11.92 23.94 41.03
CA LEU A 136 12.37 22.60 40.70
C LEU A 136 13.15 22.04 41.88
N ILE A 137 12.91 20.77 42.20
CA ILE A 137 13.60 20.10 43.29
C ILE A 137 14.37 18.92 42.72
N LEU A 138 15.70 18.95 42.86
CA LEU A 138 16.59 17.96 42.27
C LEU A 138 17.17 17.08 43.37
N GLU A 139 16.98 15.76 43.25
CA GLU A 139 17.51 14.80 44.20
C GLU A 139 18.57 13.94 43.54
N PHE A 140 19.74 13.86 44.18
CA PHE A 140 20.84 13.06 43.68
C PHE A 140 21.15 11.94 44.67
N GLU A 141 21.25 10.69 44.19
CA GLU A 141 21.75 9.62 45.04
C GLU A 141 22.52 8.61 44.21
N PRO A 142 23.48 7.87 44.81
CA PRO A 142 24.26 6.87 44.10
C PRO A 142 23.41 5.73 43.55
N THR A 143 23.86 5.15 42.43
CA THR A 143 23.15 4.07 41.77
C THR A 143 24.16 3.13 41.11
N HIS A 152 12.17 -8.14 36.30
CA HIS A 152 11.68 -9.37 35.62
C HIS A 152 11.12 -10.36 36.63
N ALA A 153 11.68 -10.39 37.85
CA ALA A 153 11.12 -11.21 38.92
C ALA A 153 9.68 -10.77 39.24
N LEU A 154 9.42 -9.48 39.03
CA LEU A 154 8.08 -8.91 39.14
C LEU A 154 7.17 -9.52 38.06
N ARG A 155 7.66 -9.55 36.81
CA ARG A 155 6.92 -10.10 35.68
C ARG A 155 6.41 -11.50 36.01
N ASN A 156 7.22 -12.30 36.71
CA ASN A 156 6.88 -13.69 37.00
C ASN A 156 5.82 -13.75 38.09
N ALA A 157 5.79 -12.74 38.97
CA ALA A 157 4.83 -12.70 40.07
C ALA A 157 3.46 -12.23 39.57
N MET A 158 3.41 -11.64 38.37
CA MET A 158 2.18 -11.09 37.83
C MET A 158 1.14 -12.20 37.61
N PHE A 159 1.60 -13.42 37.34
CA PHE A 159 0.71 -14.55 37.14
C PHE A 159 0.05 -14.91 38.46
N ALA A 160 0.84 -14.96 39.54
CA ALA A 160 0.35 -15.25 40.87
C ALA A 160 -0.59 -14.15 41.37
N LEU A 161 -0.30 -12.89 40.98
CA LEU A 161 -1.16 -11.77 41.32
C LEU A 161 -2.52 -11.88 40.61
N GLU A 162 -2.50 -12.20 39.32
CA GLU A 162 -3.73 -12.31 38.54
C GLU A 162 -4.55 -13.51 39.01
N SER A 163 -3.86 -14.61 39.37
CA SER A 163 -4.51 -15.86 39.76
C SER A 163 -5.24 -15.71 41.09
N ALA A 164 -4.69 -14.90 42.00
CA ALA A 164 -5.19 -14.79 43.36
C ALA A 164 -6.71 -14.75 43.36
N PRO A 165 -7.38 -15.73 44.00
CA PRO A 165 -8.85 -15.80 43.98
C PRO A 165 -9.58 -14.81 44.89
N ASN A 166 -8.85 -14.13 45.78
CA ASN A 166 -9.45 -13.17 46.70
C ASN A 166 -8.38 -12.20 47.19
N LEU A 167 -8.85 -11.18 47.94
CA LEU A 167 -8.01 -10.10 48.42
C LEU A 167 -6.92 -10.61 49.36
N ARG A 168 -7.26 -11.59 50.21
CA ARG A 168 -6.31 -12.14 51.16
C ARG A 168 -5.19 -12.86 50.40
N ALA A 169 -5.57 -13.67 49.40
CA ALA A 169 -4.60 -14.41 48.61
C ALA A 169 -3.70 -13.45 47.84
N LEU A 170 -4.30 -12.37 47.32
CA LEU A 170 -3.58 -11.35 46.59
C LEU A 170 -2.58 -10.63 47.51
N ALA A 171 -3.03 -10.30 48.72
CA ALA A 171 -2.19 -9.69 49.73
C ALA A 171 -0.97 -10.54 50.02
N GLU A 172 -1.17 -11.86 50.15
CA GLU A 172 -0.10 -12.80 50.47
C GLU A 172 0.93 -12.83 49.34
N VAL A 173 0.43 -12.86 48.10
CA VAL A 173 1.31 -12.92 46.94
C VAL A 173 2.13 -11.64 46.85
N ALA A 174 1.45 -10.49 47.04
CA ALA A 174 2.07 -9.18 46.96
C ALA A 174 3.25 -9.06 47.94
N THR A 175 3.02 -9.41 49.20
CA THR A 175 4.03 -9.29 50.24
C THR A 175 5.20 -10.23 50.01
N GLN A 176 4.89 -11.47 49.58
CA GLN A 176 5.93 -12.44 49.28
C GLN A 176 6.76 -11.95 48.10
N THR A 177 6.08 -11.36 47.10
CA THR A 177 6.72 -10.86 45.90
C THR A 177 7.69 -9.72 46.25
N VAL A 178 7.20 -8.76 47.02
CA VAL A 178 7.98 -7.59 47.41
C VAL A 178 9.20 -8.02 48.23
N ARG A 179 9.02 -9.04 49.08
CA ARG A 179 10.11 -9.51 49.91
C ARG A 179 11.20 -10.14 49.05
N GLU A 180 10.80 -10.89 48.01
CA GLU A 180 11.76 -11.49 47.08
C GLU A 180 12.48 -10.42 46.25
N LEU A 181 11.76 -9.35 45.89
CA LEU A 181 12.33 -8.24 45.13
C LEU A 181 13.42 -7.53 45.94
N THR A 182 13.14 -7.29 47.23
CA THR A 182 13.86 -6.29 48.00
C THR A 182 14.87 -6.93 48.96
N GLY A 183 14.54 -8.12 49.47
CA GLY A 183 15.32 -8.75 50.52
C GLY A 183 14.97 -8.22 51.92
N PHE A 184 13.91 -7.40 52.01
CA PHE A 184 13.49 -6.82 53.28
C PHE A 184 13.13 -7.93 54.26
N ASP A 185 13.49 -7.72 55.52
CA ASP A 185 13.28 -8.69 56.59
C ASP A 185 11.79 -8.86 56.86
N ARG A 186 11.01 -7.81 56.66
CA ARG A 186 9.56 -7.92 56.79
C ARG A 186 8.86 -7.08 55.73
N VAL A 187 7.79 -7.66 55.16
CA VAL A 187 6.93 -6.97 54.24
C VAL A 187 5.49 -7.28 54.63
N MET A 188 4.69 -6.23 54.80
CA MET A 188 3.32 -6.38 55.27
C MET A 188 2.39 -5.69 54.28
N LEU A 189 1.16 -6.18 54.19
CA LEU A 189 0.08 -5.39 53.62
C LEU A 189 -0.80 -4.93 54.77
N TYR A 190 -0.83 -3.60 54.94
CA TYR A 190 -1.55 -2.92 55.98
C TYR A 190 -2.80 -2.31 55.36
N LYS A 191 -3.98 -2.80 55.78
CA LYS A 191 -5.25 -2.38 55.20
C LYS A 191 -5.93 -1.43 56.19
N PHE A 192 -6.47 -0.33 55.66
CA PHE A 192 -7.16 0.67 56.46
C PHE A 192 -8.64 0.31 56.57
N ALA A 193 -9.16 0.36 57.81
CA ALA A 193 -10.59 0.27 58.04
C ALA A 193 -11.20 1.64 57.77
N PRO A 194 -12.55 1.76 57.63
CA PRO A 194 -13.19 3.05 57.42
C PRO A 194 -12.94 4.10 58.52
N ASP A 195 -12.61 3.63 59.73
CA ASP A 195 -12.27 4.51 60.85
C ASP A 195 -10.76 4.79 60.85
N ALA A 196 -10.04 4.26 59.85
CA ALA A 196 -8.65 4.60 59.61
C ALA A 196 -7.71 3.82 60.52
N THR A 197 -8.25 2.97 61.40
CA THR A 197 -7.45 1.94 62.04
C THR A 197 -6.96 1.01 60.94
N GLY A 198 -5.90 0.25 61.26
CA GLY A 198 -5.28 -0.63 60.28
C GLY A 198 -5.11 -2.05 60.80
N GLU A 199 -4.99 -2.97 59.85
CA GLU A 199 -4.78 -4.38 60.15
C GLU A 199 -3.75 -4.92 59.17
N VAL A 200 -2.76 -5.65 59.67
CA VAL A 200 -1.84 -6.38 58.82
C VAL A 200 -2.59 -7.62 58.32
N ILE A 201 -2.99 -7.60 57.05
CA ILE A 201 -3.80 -8.67 56.48
C ILE A 201 -2.92 -9.69 55.76
N ALA A 202 -1.64 -9.35 55.55
CA ALA A 202 -0.68 -10.29 55.02
C ALA A 202 0.72 -9.86 55.45
N GLU A 203 1.63 -10.85 55.52
CA GLU A 203 2.96 -10.62 56.06
C GLU A 203 3.91 -11.69 55.50
N ALA A 204 5.03 -11.24 54.95
CA ALA A 204 6.17 -12.09 54.64
C ALA A 204 7.34 -11.65 55.49
N ARG A 205 7.94 -12.57 56.26
CA ARG A 205 8.97 -12.18 57.22
C ARG A 205 10.09 -13.22 57.28
N ARG A 206 11.26 -12.75 57.71
CA ARG A 206 12.43 -13.57 57.96
C ARG A 206 12.12 -14.50 59.13
N GLU A 207 12.71 -15.70 59.11
CA GLU A 207 12.51 -16.67 60.17
C GLU A 207 13.03 -16.06 61.45
N GLY A 208 12.26 -16.17 62.54
CA GLY A 208 12.71 -15.73 63.85
C GLY A 208 11.98 -14.48 64.34
N LEU A 209 11.54 -13.63 63.41
CA LEU A 209 10.74 -12.46 63.76
C LEU A 209 9.33 -12.89 64.14
N HIS A 210 8.79 -12.25 65.18
CA HIS A 210 7.43 -12.49 65.61
C HIS A 210 6.47 -11.84 64.63
N ALA A 211 5.29 -12.44 64.43
CA ALA A 211 4.37 -12.06 63.38
C ALA A 211 3.55 -10.83 63.78
N PHE A 212 3.35 -9.91 62.84
CA PHE A 212 2.37 -8.83 62.99
C PHE A 212 1.04 -9.23 62.34
N LEU A 213 1.02 -10.34 61.61
CA LEU A 213 -0.17 -10.72 60.85
C LEU A 213 -1.38 -10.78 61.80
N GLY A 214 -2.45 -10.07 61.43
CA GLY A 214 -3.70 -10.07 62.17
C GLY A 214 -3.77 -8.97 63.22
N HIS A 215 -2.62 -8.36 63.53
CA HIS A 215 -2.56 -7.29 64.51
C HIS A 215 -3.24 -6.04 63.95
N ARG A 216 -3.94 -5.33 64.84
CA ARG A 216 -4.63 -4.10 64.50
C ARG A 216 -3.93 -2.95 65.22
N PHE A 217 -3.95 -1.77 64.57
CA PHE A 217 -3.22 -0.61 65.05
C PHE A 217 -4.12 0.61 64.94
N PRO A 218 -4.00 1.58 65.87
CA PRO A 218 -4.89 2.75 65.87
C PRO A 218 -4.61 3.70 64.70
N ALA A 219 -5.64 4.49 64.36
CA ALA A 219 -5.60 5.46 63.28
C ALA A 219 -4.36 6.36 63.38
N SER A 220 -3.94 6.70 64.60
CA SER A 220 -2.94 7.73 64.83
C SER A 220 -1.52 7.23 64.53
N ASP A 221 -1.35 5.92 64.33
CA ASP A 221 -0.05 5.36 63.98
C ASP A 221 0.36 5.80 62.58
N ILE A 222 -0.65 6.03 61.73
CA ILE A 222 -0.47 6.71 60.46
C ILE A 222 -1.48 7.84 60.40
N PRO A 223 -1.10 9.06 60.86
CA PRO A 223 -2.06 10.15 61.05
C PRO A 223 -2.55 10.76 59.75
N ALA A 224 -3.63 11.56 59.83
CA ALA A 224 -4.42 11.97 58.69
C ALA A 224 -3.58 12.72 57.66
N GLN A 225 -2.62 13.54 58.11
CA GLN A 225 -1.85 14.34 57.18
C GLN A 225 -0.88 13.43 56.41
N ALA A 226 -0.40 12.37 57.06
CA ALA A 226 0.41 11.37 56.41
C ALA A 226 -0.43 10.62 55.39
N ARG A 227 -1.60 10.13 55.78
CA ARG A 227 -2.50 9.41 54.88
C ARG A 227 -2.87 10.26 53.67
N ALA A 228 -3.09 11.57 53.89
CA ALA A 228 -3.38 12.50 52.82
C ALA A 228 -2.17 12.62 51.89
N LEU A 229 -0.98 12.83 52.46
CA LEU A 229 0.24 12.94 51.68
C LEU A 229 0.42 11.68 50.85
N TYR A 230 0.13 10.52 51.46
CA TYR A 230 0.39 9.22 50.87
C TYR A 230 -0.60 8.89 49.76
N THR A 231 -1.71 9.66 49.67
CA THR A 231 -2.66 9.50 48.59
C THR A 231 -2.12 10.13 47.30
N ARG A 232 -1.21 11.10 47.41
CA ARG A 232 -0.66 11.82 46.28
C ARG A 232 0.75 11.32 45.96
N HIS A 233 1.59 11.13 46.99
CA HIS A 233 2.97 10.68 46.80
C HIS A 233 3.08 9.26 47.34
N LEU A 234 3.27 8.30 46.43
CA LEU A 234 2.85 6.93 46.65
C LEU A 234 3.98 6.06 47.23
N LEU A 235 5.21 6.59 47.32
CA LEU A 235 6.31 5.86 47.94
C LEU A 235 7.10 6.79 48.84
N ARG A 236 7.41 6.32 50.05
CA ARG A 236 8.33 7.03 50.94
C ARG A 236 9.11 6.00 51.75
N LEU A 237 10.24 6.43 52.32
CA LEU A 237 11.17 5.52 52.97
C LEU A 237 12.04 6.26 53.99
N THR A 238 12.60 5.47 54.91
CA THR A 238 13.69 5.88 55.76
C THR A 238 14.82 4.86 55.57
N ALA A 239 15.92 5.31 54.95
CA ALA A 239 17.03 4.43 54.62
C ALA A 239 17.73 3.94 55.89
N ASP A 240 17.94 4.86 56.83
CA ASP A 240 18.67 4.58 58.06
C ASP A 240 17.97 5.32 59.19
N THR A 241 17.38 4.56 60.12
CA THR A 241 16.55 5.13 61.17
C THR A 241 17.40 5.75 62.29
N ARG A 242 18.73 5.57 62.23
CA ARG A 242 19.62 6.17 63.23
C ARG A 242 20.40 7.35 62.61
N ALA A 243 20.13 7.68 61.34
CA ALA A 243 20.86 8.73 60.66
C ALA A 243 20.16 10.07 60.86
N ALA A 244 20.95 11.12 61.10
CA ALA A 244 20.40 12.45 61.29
C ALA A 244 20.12 13.10 59.94
N ALA A 245 19.06 13.89 59.88
CA ALA A 245 18.68 14.60 58.66
C ALA A 245 19.73 15.66 58.37
N VAL A 246 19.90 15.99 57.08
CA VAL A 246 20.80 17.04 56.65
C VAL A 246 19.97 18.26 56.26
N PRO A 247 20.19 19.44 56.89
CA PRO A 247 19.41 20.64 56.55
C PRO A 247 19.59 21.16 55.13
N LEU A 248 18.54 21.80 54.62
CA LEU A 248 18.60 22.64 53.43
C LEU A 248 19.12 24.02 53.82
N ASP A 249 19.97 24.60 52.97
CA ASP A 249 20.52 25.92 53.20
C ASP A 249 20.36 26.78 51.94
N PRO A 250 19.66 27.94 52.00
CA PRO A 250 18.88 28.33 53.18
C PRO A 250 17.68 27.42 53.35
N VAL A 251 17.10 27.40 54.56
CA VAL A 251 16.02 26.48 54.86
C VAL A 251 14.74 26.95 54.18
N LEU A 252 14.54 28.27 54.10
CA LEU A 252 13.37 28.85 53.44
C LEU A 252 13.66 29.03 51.95
N ASN A 253 12.60 28.93 51.15
CA ASN A 253 12.65 29.18 49.72
C ASN A 253 12.79 30.67 49.49
N PRO A 254 13.89 31.16 48.86
CA PRO A 254 14.05 32.59 48.56
C PRO A 254 12.94 33.21 47.71
N GLN A 255 12.30 32.40 46.85
CA GLN A 255 11.20 32.87 46.01
C GLN A 255 10.05 33.37 46.88
N THR A 256 9.73 32.63 47.94
CA THR A 256 8.50 32.84 48.71
C THR A 256 8.79 33.31 50.12
N ASN A 257 10.05 33.19 50.56
CA ASN A 257 10.41 33.36 51.96
C ASN A 257 9.51 32.47 52.82
N ALA A 258 9.34 31.22 52.37
CA ALA A 258 8.47 30.25 53.02
C ALA A 258 9.09 28.86 52.90
N PRO A 259 8.64 27.87 53.71
CA PRO A 259 9.20 26.51 53.67
C PRO A 259 9.05 25.87 52.29
N THR A 260 10.06 25.07 51.93
CA THR A 260 10.08 24.34 50.68
C THR A 260 9.28 23.05 50.82
N PRO A 261 8.21 22.84 50.01
CA PRO A 261 7.47 21.57 50.03
C PRO A 261 8.34 20.42 49.53
N LEU A 262 8.52 19.40 50.38
CA LEU A 262 9.38 18.26 50.10
C LEU A 262 8.56 16.97 50.03
N GLY A 263 7.23 17.09 49.98
CA GLY A 263 6.35 15.92 49.97
C GLY A 263 6.61 14.98 48.81
N GLY A 264 7.03 15.53 47.66
CA GLY A 264 7.33 14.76 46.47
C GLY A 264 8.80 14.35 46.38
N ALA A 265 9.57 14.61 47.42
CA ALA A 265 10.99 14.28 47.46
C ALA A 265 11.19 13.02 48.29
N VAL A 266 11.79 11.99 47.68
CA VAL A 266 12.05 10.73 48.34
C VAL A 266 13.10 10.91 49.43
N LEU A 267 13.99 11.92 49.26
CA LEU A 267 15.02 12.23 50.23
C LEU A 267 14.47 13.03 51.40
N ARG A 268 13.19 13.41 51.35
CA ARG A 268 12.56 14.11 52.46
C ARG A 268 12.88 13.42 53.78
N ALA A 269 13.22 14.23 54.80
CA ALA A 269 13.50 13.73 56.13
C ALA A 269 12.21 13.18 56.74
N THR A 270 12.34 12.01 57.39
CA THR A 270 11.19 11.35 58.02
C THR A 270 10.84 12.03 59.34
N SER A 271 9.56 12.05 59.66
CA SER A 271 9.08 12.51 60.95
C SER A 271 9.89 11.82 62.06
N PRO A 272 10.57 12.60 62.94
CA PRO A 272 11.25 12.04 64.11
C PRO A 272 10.41 11.11 64.99
N MET A 273 9.12 11.41 65.12
CA MET A 273 8.20 10.58 65.89
C MET A 273 8.20 9.17 65.32
N HIS A 274 8.08 9.08 63.98
CA HIS A 274 7.99 7.82 63.30
C HIS A 274 9.34 7.10 63.33
N MET A 275 10.44 7.84 63.17
CA MET A 275 11.77 7.25 63.23
C MET A 275 12.01 6.63 64.60
N GLN A 276 11.53 7.29 65.67
CA GLN A 276 11.67 6.76 67.02
C GLN A 276 10.89 5.44 67.10
N TYR A 277 9.65 5.45 66.60
CA TYR A 277 8.80 4.28 66.59
C TYR A 277 9.49 3.12 65.87
N LEU A 278 10.16 3.44 64.75
CA LEU A 278 10.86 2.42 63.99
C LEU A 278 12.00 1.83 64.83
N ARG A 279 12.73 2.70 65.56
CA ARG A 279 13.88 2.26 66.35
C ARG A 279 13.41 1.35 67.49
N ASN A 280 12.25 1.67 68.08
CA ASN A 280 11.69 0.85 69.14
C ASN A 280 11.35 -0.55 68.62
N MET A 281 11.07 -0.65 67.31
CA MET A 281 10.74 -1.90 66.66
C MET A 281 11.99 -2.59 66.14
N GLY A 282 13.17 -2.01 66.40
CA GLY A 282 14.43 -2.56 65.92
C GLY A 282 14.51 -2.53 64.40
N VAL A 283 13.77 -1.58 63.78
CA VAL A 283 13.78 -1.37 62.36
C VAL A 283 14.91 -0.39 62.02
N GLY A 284 15.82 -0.81 61.15
CA GLY A 284 16.92 0.01 60.68
C GLY A 284 16.59 0.73 59.38
N SER A 285 15.70 0.14 58.57
CA SER A 285 15.28 0.76 57.32
C SER A 285 13.79 0.49 57.10
N SER A 286 13.09 1.44 56.48
CA SER A 286 11.64 1.32 56.28
C SER A 286 11.25 1.90 54.92
N LEU A 287 10.22 1.31 54.31
CA LEU A 287 9.69 1.76 53.05
C LEU A 287 8.24 1.33 52.97
N SER A 288 7.36 2.22 52.48
CA SER A 288 6.00 1.81 52.19
C SER A 288 5.56 2.37 50.84
N VAL A 289 4.62 1.66 50.21
CA VAL A 289 4.00 2.07 48.96
C VAL A 289 2.50 2.17 49.21
N SER A 290 1.88 3.24 48.73
CA SER A 290 0.45 3.45 48.86
C SER A 290 -0.32 2.49 47.95
N VAL A 291 -1.38 1.92 48.51
CA VAL A 291 -2.43 1.27 47.73
C VAL A 291 -3.63 2.21 47.74
N VAL A 292 -3.91 2.82 46.58
CA VAL A 292 -4.96 3.82 46.45
C VAL A 292 -6.07 3.24 45.57
N VAL A 293 -7.30 3.28 46.05
CA VAL A 293 -8.45 2.70 45.38
C VAL A 293 -9.59 3.71 45.38
N GLY A 294 -9.92 4.25 44.20
CA GLY A 294 -11.00 5.22 44.05
C GLY A 294 -10.61 6.59 44.60
N GLY A 295 -9.32 6.94 44.49
CA GLY A 295 -8.80 8.18 45.03
C GLY A 295 -8.64 8.16 46.56
N GLN A 296 -8.91 7.01 47.18
CA GLN A 296 -8.84 6.87 48.63
C GLN A 296 -7.77 5.87 49.01
N LEU A 297 -7.03 6.16 50.09
CA LEU A 297 -5.95 5.29 50.53
C LEU A 297 -6.56 4.02 51.11
N TRP A 298 -6.31 2.89 50.44
CA TRP A 298 -6.89 1.62 50.81
C TRP A 298 -6.00 0.89 51.81
N GLY A 299 -4.68 1.03 51.62
CA GLY A 299 -3.71 0.31 52.41
C GLY A 299 -2.28 0.72 52.06
N LEU A 300 -1.32 0.01 52.64
CA LEU A 300 0.10 0.27 52.44
C LEU A 300 0.83 -1.06 52.34
N ILE A 301 1.73 -1.16 51.37
CA ILE A 301 2.77 -2.16 51.40
C ILE A 301 3.86 -1.61 52.31
N ALA A 302 3.98 -2.17 53.52
CA ALA A 302 4.90 -1.67 54.53
C ALA A 302 6.07 -2.63 54.69
N CYS A 303 7.30 -2.11 54.49
CA CYS A 303 8.51 -2.90 54.51
C CYS A 303 9.42 -2.45 55.65
N HIS A 304 10.00 -3.42 56.35
CA HIS A 304 11.00 -3.19 57.40
C HIS A 304 12.26 -3.99 57.14
N HIS A 305 13.42 -3.38 57.39
CA HIS A 305 14.68 -4.09 57.47
C HIS A 305 15.29 -3.86 58.86
N GLN A 306 15.97 -4.88 59.41
CA GLN A 306 16.60 -4.80 60.72
CA GLN A 306 16.60 -4.80 60.72
C GLN A 306 17.83 -3.90 60.65
N THR A 307 18.42 -3.77 59.47
CA THR A 307 19.65 -3.02 59.26
C THR A 307 19.42 -1.89 58.27
N PRO A 308 20.19 -0.77 58.34
CA PRO A 308 20.12 0.27 57.32
C PRO A 308 20.25 -0.29 55.91
N TYR A 309 19.51 0.32 54.97
CA TYR A 309 19.41 -0.22 53.62
C TYR A 309 18.87 0.86 52.70
N VAL A 310 19.73 1.32 51.79
CA VAL A 310 19.30 2.19 50.71
C VAL A 310 18.84 1.31 49.55
N LEU A 311 17.52 1.20 49.39
CA LEU A 311 16.96 0.48 48.27
C LEU A 311 17.30 1.25 47.00
N PRO A 312 17.93 0.61 45.97
CA PRO A 312 18.28 1.30 44.73
C PRO A 312 17.08 1.95 44.03
N PRO A 313 17.26 3.13 43.39
CA PRO A 313 16.16 3.83 42.70
C PRO A 313 15.34 2.99 41.72
N ASP A 314 15.99 2.07 41.01
CA ASP A 314 15.31 1.25 40.00
C ASP A 314 14.38 0.25 40.67
N LEU A 315 14.75 -0.23 41.85
CA LEU A 315 13.91 -1.17 42.59
C LEU A 315 12.70 -0.44 43.18
N ARG A 316 12.90 0.83 43.57
CA ARG A 316 11.83 1.66 44.08
C ARG A 316 10.79 1.90 42.98
N THR A 317 11.27 2.17 41.77
CA THR A 317 10.42 2.29 40.60
C THR A 317 9.57 1.03 40.44
N THR A 318 10.21 -0.14 40.61
CA THR A 318 9.53 -1.42 40.51
C THR A 318 8.41 -1.51 41.55
N LEU A 319 8.67 -1.03 42.78
CA LEU A 319 7.68 -1.12 43.84
C LEU A 319 6.53 -0.16 43.58
N GLU A 320 6.82 1.03 43.05
CA GLU A 320 5.81 2.00 42.67
C GLU A 320 4.87 1.39 41.64
N TYR A 321 5.43 0.64 40.68
CA TYR A 321 4.67 -0.04 39.66
C TYR A 321 3.78 -1.12 40.29
N LEU A 322 4.36 -1.90 41.21
CA LEU A 322 3.63 -2.96 41.90
C LEU A 322 2.45 -2.35 42.68
N GLY A 323 2.68 -1.19 43.30
CA GLY A 323 1.64 -0.51 44.06
C GLY A 323 0.45 -0.13 43.19
N ARG A 324 0.74 0.38 41.99
CA ARG A 324 -0.28 0.80 41.04
C ARG A 324 -1.08 -0.41 40.58
N LEU A 325 -0.37 -1.52 40.31
CA LEU A 325 -0.99 -2.73 39.81
C LEU A 325 -1.91 -3.32 40.87
N LEU A 326 -1.41 -3.38 42.11
CA LEU A 326 -2.17 -3.92 43.23
C LEU A 326 -3.40 -3.07 43.52
N SER A 327 -3.24 -1.75 43.42
CA SER A 327 -4.34 -0.82 43.62
C SER A 327 -5.50 -1.17 42.71
N LEU A 328 -5.19 -1.43 41.43
CA LEU A 328 -6.18 -1.68 40.41
C LEU A 328 -6.80 -3.06 40.60
N GLN A 329 -6.01 -4.06 40.99
CA GLN A 329 -6.52 -5.39 41.26
C GLN A 329 -7.54 -5.39 42.39
N VAL A 330 -7.31 -4.56 43.41
CA VAL A 330 -8.24 -4.43 44.52
C VAL A 330 -9.53 -3.76 44.04
N GLN A 331 -9.40 -2.69 43.28
CA GLN A 331 -10.54 -1.95 42.76
C GLN A 331 -11.45 -2.87 41.94
N VAL A 332 -10.84 -3.73 41.12
CA VAL A 332 -11.57 -4.62 40.24
C VAL A 332 -12.24 -5.71 41.06
N LYS A 333 -11.50 -6.33 41.98
CA LYS A 333 -12.03 -7.39 42.84
C LYS A 333 -13.20 -6.86 43.70
N GLU A 334 -13.07 -5.65 44.24
CA GLU A 334 -14.13 -5.09 45.07
C GLU A 334 -15.38 -4.78 44.23
N ALA A 335 -15.16 -4.32 42.99
CA ALA A 335 -16.27 -4.02 42.08
C ALA A 335 -17.05 -5.31 41.79
N ALA A 336 -16.35 -6.44 41.72
CA ALA A 336 -16.96 -7.73 41.44
C ALA A 336 -17.74 -8.23 42.65
N ASP A 337 -17.27 -7.96 43.87
CA ASP A 337 -18.00 -8.31 45.08
C ASP A 337 -19.31 -7.53 45.15
N VAL A 338 -19.26 -6.24 44.79
CA VAL A 338 -20.43 -5.37 44.77
C VAL A 338 -21.46 -5.90 43.77
N ALA A 339 -20.99 -6.24 42.56
CA ALA A 339 -21.84 -6.73 41.49
C ALA A 339 -22.46 -8.06 41.89
N ALA A 340 -21.70 -8.91 42.58
CA ALA A 340 -22.16 -10.21 43.04
C ALA A 340 -23.23 -10.04 44.12
N PHE A 341 -23.08 -9.01 44.95
CA PHE A 341 -24.03 -8.73 46.01
C PHE A 341 -25.33 -8.19 45.42
N ARG A 342 -25.22 -7.26 44.45
CA ARG A 342 -26.39 -6.63 43.85
C ARG A 342 -27.18 -7.61 43.00
N GLN A 343 -26.52 -8.63 42.44
CA GLN A 343 -27.17 -9.66 41.65
C GLN A 343 -28.17 -10.42 42.54
N SER A 344 -27.82 -10.63 43.82
CA SER A 344 -28.69 -11.37 44.73
C SER A 344 -29.86 -10.52 45.20
N LEU A 345 -29.85 -9.22 44.85
CA LEU A 345 -30.97 -8.33 45.19
C LEU A 345 -31.92 -8.18 44.00
N ARG A 346 -31.49 -8.55 42.79
CA ARG A 346 -32.35 -8.55 41.61
C ARG A 346 -33.40 -9.67 41.73
N GLU A 347 -33.00 -10.88 42.12
CA GLU A 347 -33.94 -11.98 42.24
C GLU A 347 -35.05 -11.62 43.23
N HIS A 348 -34.64 -11.06 44.37
CA HIS A 348 -35.57 -10.63 45.41
C HIS A 348 -36.45 -9.49 44.89
N HIS A 349 -35.83 -8.53 44.20
CA HIS A 349 -36.54 -7.38 43.66
C HIS A 349 -37.62 -7.82 42.67
N ALA A 350 -37.33 -8.84 41.86
CA ALA A 350 -38.28 -9.35 40.87
C ALA A 350 -39.52 -9.89 41.57
N ARG A 351 -39.31 -10.67 42.64
CA ARG A 351 -40.39 -11.22 43.46
C ARG A 351 -41.33 -10.11 43.92
N VAL A 352 -40.73 -8.96 44.28
CA VAL A 352 -41.46 -7.83 44.83
C VAL A 352 -42.19 -7.08 43.72
N ALA A 353 -41.52 -6.88 42.58
CA ALA A 353 -42.11 -6.21 41.42
C ALA A 353 -43.31 -7.00 40.92
N LEU A 354 -43.20 -8.32 40.92
CA LEU A 354 -44.27 -9.22 40.50
C LEU A 354 -45.50 -9.02 41.39
N ALA A 355 -45.27 -8.96 42.71
CA ALA A 355 -46.34 -8.79 43.67
C ALA A 355 -47.00 -7.41 43.52
N ALA A 356 -46.17 -6.38 43.29
CA ALA A 356 -46.62 -5.00 43.18
C ALA A 356 -47.45 -4.79 41.93
N ALA A 357 -47.16 -5.54 40.86
CA ALA A 357 -47.90 -5.44 39.61
C ALA A 357 -49.36 -5.88 39.81
N HIS A 358 -49.56 -6.94 40.61
CA HIS A 358 -50.88 -7.52 40.79
C HIS A 358 -51.64 -6.75 41.86
N SER A 359 -50.90 -6.08 42.75
CA SER A 359 -51.43 -5.44 43.96
C SER A 359 -52.74 -4.70 43.67
N LEU A 360 -53.72 -4.89 44.57
CA LEU A 360 -54.90 -4.05 44.67
C LEU A 360 -54.80 -3.18 45.92
N SER A 361 -53.78 -3.42 46.75
CA SER A 361 -53.45 -2.55 47.88
C SER A 361 -51.97 -2.72 48.26
N PRO A 362 -51.16 -1.64 48.25
CA PRO A 362 -49.75 -1.75 48.61
C PRO A 362 -49.52 -2.22 50.05
N HIS A 363 -50.48 -1.92 50.94
CA HIS A 363 -50.38 -2.33 52.33
C HIS A 363 -50.39 -3.85 52.44
N ASP A 364 -51.35 -4.51 51.78
CA ASP A 364 -51.49 -5.96 51.85
C ASP A 364 -50.29 -6.64 51.19
N THR A 365 -49.86 -6.09 50.04
CA THR A 365 -48.84 -6.70 49.21
C THR A 365 -47.46 -6.60 49.87
N LEU A 366 -47.08 -5.38 50.27
CA LEU A 366 -45.71 -5.10 50.70
C LEU A 366 -45.48 -5.57 52.14
N SER A 367 -46.56 -5.73 52.91
CA SER A 367 -46.46 -6.21 54.28
C SER A 367 -46.43 -7.74 54.32
N ASP A 368 -46.65 -8.39 53.17
CA ASP A 368 -46.60 -9.83 53.08
C ASP A 368 -45.20 -10.30 53.50
N PRO A 369 -45.07 -11.13 54.55
CA PRO A 369 -43.77 -11.66 54.98
C PRO A 369 -43.03 -12.42 53.88
N ALA A 370 -43.79 -13.04 52.99
CA ALA A 370 -43.26 -13.82 51.88
C ALA A 370 -42.35 -12.95 51.00
N LEU A 371 -42.69 -11.66 50.86
CA LEU A 371 -41.92 -10.72 50.07
C LEU A 371 -40.61 -10.36 50.78
N ASP A 372 -40.64 -10.31 52.11
CA ASP A 372 -39.42 -10.14 52.92
C ASP A 372 -38.71 -8.85 52.50
N LEU A 373 -39.41 -7.73 52.63
CA LEU A 373 -38.82 -6.43 52.31
C LEU A 373 -37.74 -6.07 53.35
N LEU A 374 -37.87 -6.62 54.56
CA LEU A 374 -36.85 -6.47 55.58
C LEU A 374 -35.51 -7.02 55.10
N GLY A 375 -35.52 -8.29 54.68
CA GLY A 375 -34.32 -9.00 54.29
C GLY A 375 -33.67 -8.42 53.05
N LEU A 376 -34.49 -7.85 52.15
CA LEU A 376 -34.01 -7.21 50.95
C LEU A 376 -32.89 -6.21 51.26
N MET A 377 -33.06 -5.45 52.36
CA MET A 377 -32.15 -4.37 52.70
C MET A 377 -31.37 -4.68 53.97
N ARG A 378 -31.45 -5.94 54.43
CA ARG A 378 -30.84 -6.34 55.69
C ARG A 378 -31.23 -5.36 56.79
N ALA A 379 -32.54 -5.09 56.86
CA ALA A 379 -33.09 -4.12 57.81
C ALA A 379 -33.62 -4.85 59.04
N GLY A 380 -33.68 -4.13 60.16
CA GLY A 380 -34.36 -4.61 61.35
C GLY A 380 -35.84 -4.23 61.34
N GLY A 381 -36.18 -3.13 60.66
CA GLY A 381 -37.55 -2.63 60.64
C GLY A 381 -37.89 -1.96 59.32
N LEU A 382 -39.19 -1.68 59.12
CA LEU A 382 -39.69 -1.11 57.89
C LEU A 382 -41.01 -0.40 58.18
N ILE A 383 -41.12 0.84 57.69
CA ILE A 383 -42.38 1.57 57.75
C ILE A 383 -42.94 1.69 56.34
N LEU A 384 -44.21 1.34 56.19
CA LEU A 384 -44.94 1.46 54.94
C LEU A 384 -46.08 2.46 55.12
N ARG A 385 -46.02 3.60 54.42
CA ARG A 385 -47.14 4.54 54.44
C ARG A 385 -47.79 4.60 53.06
N PHE A 386 -49.11 4.36 53.04
CA PHE A 386 -49.92 4.39 51.83
C PHE A 386 -51.37 4.70 52.22
N GLU A 387 -52.04 5.54 51.43
CA GLU A 387 -53.47 5.78 51.58
C GLU A 387 -53.77 6.38 52.96
N GLY A 388 -52.88 7.26 53.42
CA GLY A 388 -53.09 8.02 54.65
C GLY A 388 -52.90 7.22 55.93
N ARG A 389 -52.38 5.98 55.83
CA ARG A 389 -52.07 5.18 57.01
C ARG A 389 -50.70 4.52 56.82
N TRP A 390 -50.11 4.10 57.94
CA TRP A 390 -48.88 3.35 57.90
C TRP A 390 -48.99 2.08 58.74
N GLN A 391 -48.11 1.12 58.42
CA GLN A 391 -47.90 -0.07 59.22
C GLN A 391 -46.41 -0.39 59.21
N THR A 392 -46.01 -1.37 60.03
CA THR A 392 -44.60 -1.67 60.22
C THR A 392 -44.38 -3.17 60.19
N LEU A 393 -43.15 -3.53 59.83
CA LEU A 393 -42.64 -4.87 59.98
C LEU A 393 -41.33 -4.78 60.77
N GLY A 394 -41.03 -5.82 61.55
CA GLY A 394 -39.80 -5.87 62.32
C GLY A 394 -39.77 -4.88 63.48
N GLU A 395 -38.56 -4.60 63.96
CA GLU A 395 -38.34 -3.74 65.11
C GLU A 395 -38.29 -2.28 64.65
N VAL A 396 -39.22 -1.50 65.19
CA VAL A 396 -39.45 -0.11 64.83
C VAL A 396 -39.60 0.70 66.12
N PRO A 397 -39.46 2.04 66.09
CA PRO A 397 -39.89 2.87 67.22
C PRO A 397 -41.39 2.79 67.43
N PRO A 398 -41.93 3.27 68.57
CA PRO A 398 -43.37 3.34 68.79
C PRO A 398 -44.06 4.38 67.89
N ALA A 399 -45.39 4.37 67.89
CA ALA A 399 -46.19 5.10 66.91
C ALA A 399 -45.82 6.58 66.89
N PRO A 400 -45.75 7.30 68.03
CA PRO A 400 -45.41 8.73 68.03
C PRO A 400 -44.06 9.04 67.37
N ALA A 401 -43.06 8.17 67.60
CA ALA A 401 -41.74 8.33 67.02
C ALA A 401 -41.80 8.14 65.50
N VAL A 402 -42.59 7.15 65.08
CA VAL A 402 -42.79 6.88 63.66
C VAL A 402 -43.45 8.10 63.00
N ASP A 403 -44.47 8.66 63.66
CA ASP A 403 -45.18 9.82 63.14
C ASP A 403 -44.22 11.01 62.97
N ALA A 404 -43.34 11.21 63.98
CA ALA A 404 -42.35 12.27 63.95
C ALA A 404 -41.33 12.03 62.84
N LEU A 405 -40.90 10.77 62.69
CA LEU A 405 -39.97 10.38 61.63
C LEU A 405 -40.56 10.71 60.27
N LEU A 406 -41.84 10.36 60.07
CA LEU A 406 -42.53 10.60 58.81
C LEU A 406 -42.70 12.10 58.56
N ALA A 407 -42.93 12.87 59.64
CA ALA A 407 -43.11 14.31 59.54
C ALA A 407 -41.79 14.98 59.15
N TRP A 408 -40.67 14.47 59.68
CA TRP A 408 -39.35 14.96 59.32
C TRP A 408 -39.05 14.66 57.86
N LEU A 409 -39.42 13.45 57.43
CA LEU A 409 -39.16 12.96 56.08
C LEU A 409 -39.81 13.88 55.05
N GLU A 410 -41.05 14.32 55.34
CA GLU A 410 -41.82 15.20 54.47
C GLU A 410 -41.05 16.48 54.15
N THR A 411 -40.19 16.93 55.07
CA THR A 411 -39.44 18.17 54.91
C THR A 411 -38.22 17.98 54.02
N GLN A 412 -37.84 16.72 53.74
CA GLN A 412 -36.62 16.43 52.99
C GLN A 412 -36.87 16.61 51.50
N PRO A 413 -35.92 17.21 50.75
CA PRO A 413 -36.01 17.29 49.30
C PRO A 413 -35.59 15.98 48.63
N GLY A 414 -36.03 15.78 47.38
CA GLY A 414 -35.73 14.55 46.65
C GLY A 414 -36.65 13.40 47.05
N ALA A 415 -36.34 12.21 46.54
CA ALA A 415 -37.18 11.04 46.73
C ALA A 415 -36.40 9.91 47.42
N LEU A 416 -35.20 10.24 47.93
CA LEU A 416 -34.38 9.28 48.65
C LEU A 416 -33.70 9.99 49.80
N VAL A 417 -33.80 9.38 50.99
CA VAL A 417 -32.98 9.79 52.13
C VAL A 417 -32.28 8.54 52.66
N GLN A 418 -30.97 8.66 52.91
CA GLN A 418 -30.20 7.54 53.44
C GLN A 418 -29.16 8.06 54.44
N THR A 419 -28.98 7.32 55.53
CA THR A 419 -28.09 7.73 56.61
C THR A 419 -27.69 6.49 57.41
N ASP A 420 -26.42 6.46 57.83
CA ASP A 420 -25.89 5.39 58.65
C ASP A 420 -25.83 5.84 60.10
N ALA A 421 -26.25 7.09 60.35
CA ALA A 421 -26.33 7.66 61.69
C ALA A 421 -27.42 8.73 61.69
N LEU A 422 -28.67 8.29 61.87
CA LEU A 422 -29.85 9.14 61.77
C LEU A 422 -29.73 10.33 62.72
N GLY A 423 -29.12 10.10 63.90
CA GLY A 423 -28.94 11.12 64.91
C GLY A 423 -28.26 12.38 64.37
N GLN A 424 -27.18 12.21 63.58
CA GLN A 424 -26.38 13.34 63.14
C GLN A 424 -27.20 14.22 62.19
N LEU A 425 -28.01 13.58 61.33
CA LEU A 425 -28.80 14.28 60.34
C LEU A 425 -30.10 14.79 60.95
N TRP A 426 -30.66 13.99 61.88
CA TRP A 426 -31.97 14.23 62.47
C TRP A 426 -31.86 14.08 63.99
N PRO A 427 -31.31 15.10 64.70
CA PRO A 427 -31.01 14.98 66.13
C PRO A 427 -32.20 14.56 67.02
N ALA A 430 -32.26 10.83 67.31
CA ALA A 430 -31.09 10.18 67.94
C ALA A 430 -31.53 9.17 68.99
N ASP A 431 -32.69 9.43 69.62
CA ASP A 431 -33.23 8.55 70.64
C ASP A 431 -33.86 7.30 70.02
N LEU A 432 -34.00 7.27 68.68
CA LEU A 432 -34.59 6.14 67.99
C LEU A 432 -33.53 5.09 67.66
N ALA A 433 -32.29 5.27 68.15
CA ALA A 433 -31.13 4.53 67.70
C ALA A 433 -31.26 3.03 67.92
N PRO A 434 -31.92 2.52 68.99
CA PRO A 434 -32.09 1.07 69.18
C PRO A 434 -32.63 0.34 67.95
N SER A 435 -33.61 0.93 67.26
CA SER A 435 -34.20 0.30 66.08
C SER A 435 -33.91 1.09 64.81
N ALA A 436 -33.56 2.39 64.93
CA ALA A 436 -33.52 3.28 63.79
C ALA A 436 -32.28 4.17 63.81
N ALA A 437 -31.09 3.57 63.97
CA ALA A 437 -29.84 4.31 63.87
C ALA A 437 -29.54 4.59 62.40
N GLY A 438 -29.71 3.57 61.56
CA GLY A 438 -29.64 3.70 60.11
C GLY A 438 -31.03 3.82 59.51
N LEU A 439 -31.16 4.65 58.45
CA LEU A 439 -32.42 4.86 57.80
C LEU A 439 -32.22 4.95 56.29
N LEU A 440 -33.13 4.33 55.54
CA LEU A 440 -33.18 4.42 54.10
C LEU A 440 -34.65 4.54 53.70
N ALA A 441 -35.01 5.71 53.14
CA ALA A 441 -36.40 6.02 52.84
C ALA A 441 -36.53 6.42 51.38
N ILE A 442 -37.61 5.97 50.74
CA ILE A 442 -37.92 6.32 49.36
C ILE A 442 -39.35 6.81 49.28
N SER A 443 -39.56 7.88 48.51
CA SER A 443 -40.90 8.39 48.23
C SER A 443 -41.47 7.62 47.03
N VAL A 444 -42.75 7.23 47.13
CA VAL A 444 -43.42 6.46 46.08
C VAL A 444 -44.38 7.41 45.34
N GLY A 445 -43.83 8.24 44.46
CA GLY A 445 -44.50 9.45 44.03
C GLY A 445 -43.78 10.68 44.57
N GLU A 446 -44.55 11.72 44.92
CA GLU A 446 -43.98 12.99 45.32
C GLU A 446 -44.59 13.41 46.65
N GLY A 447 -43.77 14.00 47.53
CA GLY A 447 -44.24 14.64 48.75
C GLY A 447 -44.07 13.77 50.00
N TRP A 448 -43.69 12.50 49.79
CA TRP A 448 -43.56 11.50 50.84
C TRP A 448 -44.91 11.13 51.45
N SER A 449 -46.02 11.40 50.75
CA SER A 449 -47.32 10.97 51.24
C SER A 449 -47.38 9.45 51.27
N GLU A 450 -46.73 8.81 50.28
CA GLU A 450 -46.55 7.38 50.24
C GLU A 450 -45.05 7.08 50.21
N CYS A 451 -44.57 6.19 51.09
CA CYS A 451 -43.14 5.93 51.19
C CYS A 451 -42.84 4.61 51.88
N LEU A 452 -41.58 4.16 51.72
CA LEU A 452 -41.02 3.04 52.46
C LEU A 452 -39.80 3.53 53.23
N VAL A 453 -39.65 3.07 54.47
CA VAL A 453 -38.53 3.48 55.32
C VAL A 453 -37.93 2.24 55.97
N TRP A 454 -36.74 1.84 55.49
CA TRP A 454 -35.99 0.76 56.09
C TRP A 454 -35.18 1.30 57.25
N LEU A 455 -35.18 0.55 58.36
CA LEU A 455 -34.51 0.96 59.59
C LEU A 455 -33.50 -0.11 59.98
N ARG A 456 -32.36 0.33 60.53
CA ARG A 456 -31.35 -0.57 61.06
C ARG A 456 -30.98 -0.16 62.49
N PRO A 457 -30.75 -1.12 63.40
CA PRO A 457 -30.36 -0.80 64.78
C PRO A 457 -28.94 -0.24 64.84
N GLU A 458 -28.65 0.46 65.93
CA GLU A 458 -27.30 0.87 66.28
C GLU A 458 -26.41 -0.37 66.39
N LEU A 459 -25.13 -0.22 66.07
CA LEU A 459 -24.14 -1.25 66.29
C LEU A 459 -24.01 -1.56 67.78
N ALA A 467 -25.20 2.78 62.54
CA ALA A 467 -25.73 1.48 62.05
C ALA A 467 -24.75 0.90 61.03
N GLU A 468 -24.87 -0.40 60.78
CA GLU A 468 -24.15 -1.04 59.69
C GLU A 468 -24.42 -0.25 58.41
N PRO A 469 -23.38 0.25 57.70
CA PRO A 469 -23.60 1.13 56.55
C PRO A 469 -24.45 0.45 55.48
N TRP A 470 -25.31 1.24 54.83
CA TRP A 470 -26.00 0.80 53.64
C TRP A 470 -24.96 0.58 52.54
N HIS A 471 -24.98 -0.61 51.93
CA HIS A 471 -24.13 -0.91 50.79
C HIS A 471 -24.64 -0.10 49.60
N PRO A 472 -23.74 0.49 48.74
CA PRO A 472 -24.19 1.27 47.59
C PRO A 472 -25.17 0.55 46.68
N GLY A 473 -25.09 -0.80 46.68
CA GLY A 473 -26.02 -1.66 45.96
C GLY A 473 -27.43 -1.62 46.55
N GLU A 474 -27.54 -1.53 47.88
CA GLU A 474 -28.82 -1.46 48.56
C GLU A 474 -29.47 -0.10 48.28
N ILE A 475 -28.66 0.94 48.08
CA ILE A 475 -29.16 2.27 47.76
C ILE A 475 -29.80 2.26 46.37
N GLU A 476 -29.08 1.69 45.39
CA GLU A 476 -29.57 1.66 44.02
C GLU A 476 -30.77 0.73 43.93
N GLU A 477 -30.78 -0.31 44.75
CA GLU A 477 -31.91 -1.24 44.82
C GLU A 477 -33.14 -0.48 45.31
N ALA A 478 -32.94 0.44 46.26
CA ALA A 478 -34.03 1.27 46.78
C ALA A 478 -34.55 2.19 45.69
N GLN A 479 -33.62 2.78 44.91
CA GLN A 479 -33.99 3.62 43.78
C GLN A 479 -34.81 2.81 42.77
N ASP A 480 -34.38 1.57 42.51
CA ASP A 480 -35.08 0.70 41.57
C ASP A 480 -36.48 0.38 42.11
N LEU A 481 -36.58 0.14 43.42
CA LEU A 481 -37.86 -0.12 44.06
C LEU A 481 -38.77 1.09 43.94
N ARG A 482 -38.22 2.30 44.10
CA ARG A 482 -39.00 3.52 43.98
C ARG A 482 -39.69 3.55 42.61
N ASP A 483 -38.89 3.36 41.55
CA ASP A 483 -39.39 3.36 40.17
C ASP A 483 -40.51 2.33 40.01
N THR A 484 -40.21 1.08 40.37
CA THR A 484 -41.14 -0.04 40.25
C THR A 484 -42.46 0.27 40.94
N LEU A 485 -42.39 0.71 42.21
CA LEU A 485 -43.58 0.97 43.01
C LEU A 485 -44.32 2.18 42.47
N THR A 486 -43.58 3.24 42.11
CA THR A 486 -44.18 4.44 41.54
C THR A 486 -45.01 4.08 40.30
N GLY A 487 -44.43 3.23 39.43
CA GLY A 487 -45.13 2.77 38.23
C GLY A 487 -46.32 1.87 38.55
N ALA A 488 -46.11 0.87 39.40
CA ALA A 488 -47.10 -0.18 39.65
C ALA A 488 -48.33 0.41 40.34
N LEU A 489 -48.10 1.36 41.26
CA LEU A 489 -49.17 1.93 42.06
C LEU A 489 -49.77 3.12 41.29
N LEU B 20 -13.44 -29.11 15.08
CA LEU B 20 -12.43 -29.76 14.20
C LEU B 20 -11.04 -29.25 14.57
N PRO B 21 -10.00 -30.13 14.50
CA PRO B 21 -8.67 -29.79 15.04
C PRO B 21 -7.87 -28.78 14.22
N PHE B 22 -6.71 -28.38 14.77
CA PHE B 22 -5.66 -27.76 13.98
C PHE B 22 -5.19 -28.68 12.87
N PHE B 23 -4.82 -28.08 11.74
CA PHE B 23 -4.08 -28.76 10.69
C PHE B 23 -2.68 -29.07 11.18
N PRO B 24 -2.02 -30.10 10.58
CA PRO B 24 -0.61 -30.32 10.86
C PRO B 24 0.18 -29.11 10.36
N PRO B 25 1.38 -28.85 10.93
CA PRO B 25 2.26 -27.83 10.37
C PRO B 25 2.81 -28.22 8.99
N LEU B 26 3.45 -27.25 8.33
CA LEU B 26 3.90 -27.40 6.96
C LEU B 26 4.98 -28.47 6.86
N TYR B 27 5.86 -28.54 7.87
CA TYR B 27 6.92 -29.53 7.90
C TYR B 27 6.40 -30.93 8.24
N LEU B 28 5.11 -31.05 8.56
CA LEU B 28 4.46 -32.35 8.67
C LEU B 28 3.43 -32.50 7.55
N GLY B 29 3.68 -31.82 6.42
CA GLY B 29 2.89 -31.99 5.21
C GLY B 29 1.48 -31.41 5.33
N GLY B 30 1.30 -30.44 6.22
CA GLY B 30 -0.01 -29.87 6.45
C GLY B 30 -0.46 -28.97 5.30
N PRO B 31 -1.78 -28.68 5.20
CA PRO B 31 -2.32 -27.80 4.16
C PRO B 31 -1.65 -26.43 4.15
N GLU B 32 -1.56 -25.83 2.96
CA GLU B 32 -1.14 -24.45 2.83
C GLU B 32 -2.29 -23.57 3.30
N ILE B 33 -1.96 -22.51 4.04
CA ILE B 33 -2.96 -21.70 4.71
C ILE B 33 -3.50 -20.67 3.72
N THR B 34 -4.83 -20.58 3.65
CA THR B 34 -5.52 -19.64 2.79
C THR B 34 -6.56 -18.89 3.63
N THR B 35 -7.28 -17.96 2.99
CA THR B 35 -8.36 -17.24 3.63
C THR B 35 -9.55 -18.16 3.91
N GLU B 36 -9.53 -19.39 3.40
CA GLU B 36 -10.61 -20.34 3.62
C GLU B 36 -10.36 -21.21 4.85
N ASN B 37 -9.10 -21.35 5.30
CA ASN B 37 -8.75 -22.31 6.33
C ASN B 37 -7.91 -21.66 7.44
N CYS B 38 -8.09 -20.34 7.63
CA CYS B 38 -7.37 -19.54 8.60
C CYS B 38 -7.26 -20.21 9.98
N GLU B 39 -8.41 -20.61 10.51
CA GLU B 39 -8.55 -20.91 11.92
C GLU B 39 -7.79 -22.19 12.29
N ARG B 40 -7.34 -22.93 11.28
CA ARG B 40 -6.77 -24.25 11.52
C ARG B 40 -5.24 -24.25 11.41
N GLU B 41 -4.61 -23.09 11.16
CA GLU B 41 -3.16 -23.02 11.17
C GLU B 41 -2.64 -23.23 12.59
N PRO B 42 -1.70 -24.17 12.81
CA PRO B 42 -1.08 -24.36 14.13
C PRO B 42 0.07 -23.38 14.35
N ILE B 43 -0.30 -22.13 14.72
CA ILE B 43 0.67 -21.04 14.77
C ILE B 43 1.69 -21.24 15.90
N HIS B 44 1.34 -22.10 16.87
CA HIS B 44 2.17 -22.32 18.06
C HIS B 44 3.32 -23.32 17.82
N ILE B 45 3.28 -24.07 16.70
CA ILE B 45 4.30 -25.06 16.40
C ILE B 45 4.86 -24.82 14.99
N PRO B 46 5.43 -23.65 14.67
CA PRO B 46 6.03 -23.40 13.36
C PRO B 46 7.39 -24.07 13.15
N GLY B 47 7.96 -24.67 14.20
CA GLY B 47 9.23 -25.35 14.10
C GLY B 47 10.34 -24.43 13.59
N SER B 48 10.18 -23.12 13.86
CA SER B 48 11.12 -22.13 13.40
C SER B 48 11.04 -20.88 14.28
N ILE B 49 12.08 -20.05 14.20
CA ILE B 49 12.21 -18.85 15.02
C ILE B 49 12.58 -17.67 14.12
N GLN B 50 12.62 -16.48 14.72
CA GLN B 50 12.98 -15.26 14.03
C GLN B 50 14.50 -15.09 14.13
N PRO B 51 15.17 -14.63 13.06
CA PRO B 51 16.63 -14.68 12.99
C PRO B 51 17.41 -13.71 13.88
N HIS B 52 16.73 -12.79 14.54
CA HIS B 52 17.39 -11.82 15.41
C HIS B 52 17.78 -12.44 16.75
N GLY B 53 17.43 -13.71 16.96
CA GLY B 53 17.88 -14.43 18.15
C GLY B 53 18.17 -15.90 17.86
N ALA B 54 18.60 -16.64 18.89
CA ALA B 54 18.80 -18.08 18.81
C ALA B 54 17.96 -18.78 19.86
N LEU B 55 17.60 -20.04 19.59
CA LEU B 55 16.77 -20.81 20.51
C LEU B 55 17.37 -22.21 20.67
N LEU B 56 17.48 -22.66 21.93
CA LEU B 56 17.75 -24.05 22.28
C LEU B 56 16.53 -24.62 22.98
N THR B 57 16.33 -25.94 22.88
CA THR B 57 15.48 -26.67 23.80
C THR B 57 16.35 -27.70 24.51
N ALA B 58 15.94 -28.06 25.73
CA ALA B 58 16.75 -28.92 26.58
C ALA B 58 15.83 -29.74 27.48
N ASP B 59 16.30 -30.92 27.87
CA ASP B 59 15.54 -31.80 28.75
C ASP B 59 15.41 -31.11 30.11
N GLY B 60 14.19 -31.17 30.67
CA GLY B 60 13.86 -30.52 31.92
C GLY B 60 14.66 -31.05 33.12
N HIS B 61 15.05 -32.34 33.07
N HIS B 61 15.05 -32.34 33.07
CA HIS B 61 15.76 -32.97 34.16
CA HIS B 61 15.76 -32.98 34.16
C HIS B 61 17.27 -32.90 33.92
C HIS B 61 17.27 -32.90 33.92
N SER B 62 17.73 -33.47 32.80
CA SER B 62 19.16 -33.63 32.55
C SER B 62 19.81 -32.34 32.06
N GLY B 63 19.02 -31.47 31.42
CA GLY B 63 19.55 -30.26 30.80
C GLY B 63 20.32 -30.56 29.52
N GLU B 64 20.09 -31.75 28.93
CA GLU B 64 20.69 -32.11 27.65
C GLU B 64 20.02 -31.27 26.56
N VAL B 65 20.84 -30.62 25.72
CA VAL B 65 20.34 -29.81 24.62
C VAL B 65 19.80 -30.74 23.54
N LEU B 66 18.51 -30.60 23.22
CA LEU B 66 17.79 -31.50 22.32
C LEU B 66 17.62 -30.88 20.94
N GLN B 67 17.28 -29.59 20.88
CA GLN B 67 17.05 -28.89 19.62
C GLN B 67 17.77 -27.55 19.64
N MET B 68 18.10 -27.04 18.44
CA MET B 68 18.70 -25.73 18.31
C MET B 68 18.30 -25.12 16.98
N SER B 69 18.14 -23.79 16.97
CA SER B 69 17.94 -23.06 15.72
C SER B 69 19.25 -23.11 14.92
N LEU B 70 19.11 -23.12 13.59
CA LEU B 70 20.24 -23.31 12.70
C LEU B 70 21.18 -22.10 12.71
N ASN B 71 20.74 -20.99 13.33
CA ASN B 71 21.56 -19.78 13.44
C ASN B 71 22.30 -19.76 14.77
N ALA B 72 22.05 -20.71 15.67
CA ALA B 72 22.58 -20.68 17.03
C ALA B 72 24.05 -20.21 17.07
N ALA B 73 24.79 -20.56 16.01
CA ALA B 73 26.24 -20.40 15.94
C ALA B 73 26.63 -18.92 16.04
N THR B 74 25.94 -18.05 15.31
CA THR B 74 26.18 -16.62 15.32
C THR B 74 26.00 -16.03 16.72
N PHE B 75 24.98 -16.50 17.44
CA PHE B 75 24.65 -15.95 18.75
C PHE B 75 25.59 -16.55 19.78
N LEU B 76 25.73 -17.89 19.78
CA LEU B 76 26.34 -18.62 20.88
C LEU B 76 27.83 -18.85 20.61
N GLY B 77 28.28 -18.68 19.36
CA GLY B 77 29.68 -18.90 19.03
C GLY B 77 29.99 -20.33 18.60
N GLN B 78 29.09 -21.29 18.87
CA GLN B 78 29.34 -22.69 18.58
C GLN B 78 28.33 -23.19 17.55
N GLU B 79 28.69 -24.28 16.87
CA GLU B 79 27.87 -24.83 15.80
C GLU B 79 26.71 -25.60 16.44
N PRO B 80 25.48 -25.53 15.86
CA PRO B 80 24.34 -26.30 16.33
C PRO B 80 24.63 -27.78 16.62
N THR B 81 25.29 -28.45 15.68
CA THR B 81 25.63 -29.87 15.81
C THR B 81 26.53 -30.09 17.04
N VAL B 82 27.44 -29.15 17.30
CA VAL B 82 28.39 -29.26 18.40
C VAL B 82 27.67 -29.07 19.74
N LEU B 83 26.76 -28.09 19.76
CA LEU B 83 26.07 -27.70 20.99
C LEU B 83 25.09 -28.78 21.43
N ARG B 84 24.38 -29.39 20.47
CA ARG B 84 23.44 -30.46 20.75
C ARG B 84 24.17 -31.65 21.39
N GLY B 85 23.61 -32.15 22.50
CA GLY B 85 24.21 -33.24 23.24
C GLY B 85 24.88 -32.72 24.51
N GLN B 86 25.49 -31.54 24.44
CA GLN B 86 26.03 -30.91 25.64
C GLN B 86 24.87 -30.61 26.59
N THR B 87 25.21 -30.37 27.87
CA THR B 87 24.24 -30.07 28.90
C THR B 87 24.31 -28.60 29.26
N LEU B 88 23.22 -28.08 29.85
CA LEU B 88 23.15 -26.71 30.32
C LEU B 88 24.10 -26.51 31.51
N ALA B 89 24.46 -27.61 32.20
CA ALA B 89 25.46 -27.56 33.26
C ALA B 89 26.81 -27.13 32.69
N ALA B 90 27.15 -27.67 31.51
CA ALA B 90 28.41 -27.36 30.83
C ALA B 90 28.33 -26.01 30.12
N LEU B 91 27.18 -25.72 29.50
CA LEU B 91 27.00 -24.52 28.69
C LEU B 91 26.79 -23.29 29.56
N LEU B 92 25.93 -23.41 30.57
CA LEU B 92 25.50 -22.29 31.39
C LEU B 92 25.70 -22.63 32.86
N PRO B 93 26.95 -22.84 33.32
CA PRO B 93 27.22 -23.31 34.68
C PRO B 93 26.71 -22.39 35.78
N GLU B 94 26.74 -21.07 35.53
CA GLU B 94 26.33 -20.08 36.51
C GLU B 94 24.80 -20.04 36.61
N GLN B 95 24.13 -20.20 35.47
CA GLN B 95 22.69 -19.97 35.37
C GLN B 95 21.93 -21.28 35.62
N TRP B 96 22.52 -22.42 35.25
CA TRP B 96 21.83 -23.70 35.29
C TRP B 96 21.19 -23.96 36.66
N PRO B 97 21.92 -23.78 37.80
CA PRO B 97 21.30 -23.94 39.13
C PRO B 97 20.09 -23.04 39.38
N ALA B 98 20.21 -21.75 39.02
CA ALA B 98 19.16 -20.77 39.24
C ALA B 98 17.96 -21.06 38.33
N LEU B 99 18.26 -21.62 37.15
CA LEU B 99 17.28 -21.89 36.12
C LEU B 99 16.31 -22.97 36.58
N GLN B 100 16.84 -24.03 37.21
CA GLN B 100 16.02 -25.14 37.69
C GLN B 100 15.09 -24.68 38.81
N ALA B 101 15.59 -23.81 39.69
CA ALA B 101 14.82 -23.33 40.83
C ALA B 101 13.67 -22.43 40.35
N ALA B 102 13.95 -21.60 39.34
CA ALA B 102 12.99 -20.61 38.87
C ALA B 102 11.87 -21.26 38.05
N LEU B 103 12.17 -22.41 37.42
CA LEU B 103 11.23 -23.11 36.54
C LEU B 103 11.07 -24.55 37.00
N PRO B 104 10.40 -24.80 38.15
CA PRO B 104 10.20 -26.17 38.65
C PRO B 104 9.15 -26.89 37.80
N PRO B 105 9.20 -28.24 37.69
CA PRO B 105 8.21 -28.99 36.93
C PRO B 105 6.77 -28.58 37.24
N GLY B 106 5.97 -28.43 36.18
CA GLY B 106 4.55 -28.16 36.30
C GLY B 106 4.23 -26.68 36.44
N CYS B 107 5.26 -25.83 36.40
CA CYS B 107 5.06 -24.38 36.45
C CYS B 107 4.37 -23.96 35.15
N PRO B 108 3.63 -22.82 35.12
CA PRO B 108 3.03 -22.34 33.89
C PRO B 108 4.10 -22.02 32.85
N ASP B 109 3.72 -22.13 31.57
CA ASP B 109 4.66 -21.97 30.47
C ASP B 109 4.94 -20.48 30.21
N ALA B 110 4.14 -19.61 30.83
CA ALA B 110 4.32 -18.18 30.72
C ALA B 110 5.44 -17.69 31.67
N LEU B 111 5.73 -18.48 32.71
CA LEU B 111 6.79 -18.15 33.65
C LEU B 111 8.14 -18.19 32.95
N GLN B 112 9.03 -17.26 33.30
CA GLN B 112 10.28 -17.09 32.60
C GLN B 112 11.44 -16.85 33.57
N TYR B 113 12.56 -17.54 33.34
CA TYR B 113 13.84 -17.19 33.92
C TYR B 113 14.57 -16.29 32.93
N ARG B 114 15.19 -15.22 33.41
CA ARG B 114 15.91 -14.31 32.53
C ARG B 114 17.28 -13.99 33.12
N ALA B 115 18.29 -13.86 32.24
CA ALA B 115 19.65 -13.55 32.64
C ALA B 115 20.34 -12.75 31.53
N THR B 116 21.45 -12.11 31.90
CA THR B 116 22.33 -11.45 30.97
C THR B 116 23.66 -12.20 30.96
N LEU B 117 24.13 -12.56 29.75
CA LEU B 117 25.37 -13.30 29.57
C LEU B 117 26.39 -12.43 28.86
N ASP B 118 27.67 -12.71 29.09
CA ASP B 118 28.76 -12.02 28.42
C ASP B 118 29.21 -12.85 27.22
N TRP B 119 29.36 -12.20 26.08
CA TRP B 119 29.77 -12.88 24.85
C TRP B 119 30.83 -12.03 24.16
N PRO B 120 31.83 -12.65 23.51
CA PRO B 120 32.95 -11.92 22.88
C PRO B 120 32.59 -10.63 22.15
N ALA B 121 31.55 -10.66 21.31
CA ALA B 121 31.16 -9.53 20.50
C ALA B 121 30.85 -8.34 21.43
N GLY B 123 28.09 -5.92 22.88
CA GLY B 123 27.65 -5.81 24.30
C GLY B 123 27.42 -7.17 24.93
N HIS B 124 26.20 -7.38 25.46
CA HIS B 124 25.84 -8.59 26.20
C HIS B 124 24.83 -9.42 25.43
N LEU B 125 24.36 -10.50 26.07
CA LEU B 125 23.39 -11.40 25.50
C LEU B 125 22.25 -11.62 26.50
N SER B 126 21.01 -11.40 26.05
CA SER B 126 19.83 -11.63 26.87
C SER B 126 19.38 -13.09 26.73
N LEU B 127 19.18 -13.77 27.87
CA LEU B 127 18.71 -15.13 27.90
C LEU B 127 17.33 -15.18 28.56
N THR B 128 16.34 -15.75 27.85
CA THR B 128 15.02 -15.98 28.40
C THR B 128 14.68 -17.46 28.32
N VAL B 129 14.33 -18.05 29.46
CA VAL B 129 14.05 -19.48 29.54
C VAL B 129 12.64 -19.67 30.08
N HIS B 130 11.92 -20.65 29.52
CA HIS B 130 10.64 -21.06 30.06
C HIS B 130 10.49 -22.57 29.88
N ARG B 131 9.47 -23.16 30.51
CA ARG B 131 9.29 -24.59 30.54
C ARG B 131 7.93 -24.97 29.94
N VAL B 132 7.93 -25.93 29.02
CA VAL B 132 6.73 -26.58 28.54
C VAL B 132 6.89 -28.08 28.75
N GLY B 133 5.95 -28.69 29.49
CA GLY B 133 6.04 -30.10 29.82
C GLY B 133 7.39 -30.47 30.43
N GLU B 134 8.13 -31.34 29.73
CA GLU B 134 9.40 -31.84 30.22
C GLU B 134 10.56 -31.15 29.49
N LEU B 135 10.28 -29.98 28.91
CA LEU B 135 11.19 -29.32 27.99
C LEU B 135 11.43 -27.88 28.45
N LEU B 136 12.71 -27.48 28.52
CA LEU B 136 13.10 -26.09 28.73
C LEU B 136 13.40 -25.46 27.38
N ILE B 137 12.95 -24.21 27.19
CA ILE B 137 13.18 -23.49 25.94
C ILE B 137 13.96 -22.22 26.25
N LEU B 138 15.17 -22.12 25.68
CA LEU B 138 16.10 -21.03 25.96
C LEU B 138 16.20 -20.11 24.75
N GLU B 139 15.94 -18.82 24.95
CA GLU B 139 16.00 -17.82 23.88
C GLU B 139 17.14 -16.85 24.18
N PHE B 140 18.02 -16.64 23.19
CA PHE B 140 19.15 -15.74 23.30
C PHE B 140 18.97 -14.62 22.29
N GLU B 141 19.14 -13.36 22.71
CA GLU B 141 19.24 -12.27 21.76
C GLU B 141 20.15 -11.17 22.30
N PRO B 142 20.80 -10.38 21.42
CA PRO B 142 21.69 -9.30 21.85
C PRO B 142 20.97 -8.22 22.66
N THR B 143 21.69 -7.60 23.59
CA THR B 143 21.15 -6.57 24.46
C THR B 143 22.26 -5.57 24.79
N GLU B 144 21.89 -4.43 25.41
CA GLU B 144 22.87 -3.45 25.86
C GLU B 144 22.51 -2.99 27.28
N SER B 148 17.15 3.44 34.36
CA SER B 148 15.92 2.89 33.72
C SER B 148 15.15 4.01 33.04
N THR B 149 15.44 4.27 31.76
CA THR B 149 14.80 5.33 31.01
C THR B 149 13.37 4.92 30.66
N GLY B 150 13.22 3.71 30.12
CA GLY B 150 11.92 3.17 29.74
C GLY B 150 11.01 2.92 30.94
N PRO B 151 11.39 2.03 31.88
CA PRO B 151 10.61 1.79 33.09
C PRO B 151 10.15 3.06 33.83
N HIS B 152 11.00 4.10 33.83
CA HIS B 152 10.65 5.35 34.50
C HIS B 152 9.75 6.22 33.62
N ALA B 153 9.93 6.17 32.31
CA ALA B 153 9.05 6.88 31.39
C ALA B 153 7.62 6.34 31.52
N LEU B 154 7.51 5.05 31.86
CA LEU B 154 6.24 4.41 32.15
C LEU B 154 5.63 5.02 33.41
N ARG B 155 6.43 5.16 34.46
CA ARG B 155 5.99 5.75 35.72
C ARG B 155 5.31 7.09 35.49
N ASN B 156 5.84 7.89 34.56
CA ASN B 156 5.32 9.23 34.31
C ASN B 156 3.99 9.16 33.56
N ALA B 157 3.79 8.10 32.78
CA ALA B 157 2.58 7.94 31.99
C ALA B 157 1.43 7.42 32.85
N MET B 158 1.77 6.88 34.03
CA MET B 158 0.76 6.31 34.93
C MET B 158 -0.24 7.38 35.38
N PHE B 159 0.22 8.64 35.48
CA PHE B 159 -0.64 9.73 35.90
C PHE B 159 -1.66 10.02 34.81
N ALA B 160 -1.19 10.05 33.56
CA ALA B 160 -2.04 10.29 32.40
C ALA B 160 -3.04 9.14 32.23
N LEU B 161 -2.61 7.91 32.53
CA LEU B 161 -3.48 6.74 32.47
C LEU B 161 -4.58 6.83 33.52
N GLU B 162 -4.21 7.19 34.75
CA GLU B 162 -5.17 7.29 35.85
C GLU B 162 -6.15 8.45 35.59
N SER B 163 -5.64 9.55 35.03
CA SER B 163 -6.42 10.76 34.83
C SER B 163 -7.50 10.55 33.76
N ALA B 164 -7.19 9.73 32.75
CA ALA B 164 -8.06 9.55 31.60
C ALA B 164 -9.52 9.44 32.04
N PRO B 165 -10.41 10.38 31.62
CA PRO B 165 -11.79 10.40 32.10
C PRO B 165 -12.74 9.37 31.50
N ASN B 166 -12.29 8.67 30.45
CA ASN B 166 -13.10 7.65 29.80
C ASN B 166 -12.20 6.70 29.02
N LEU B 167 -12.82 5.63 28.46
CA LEU B 167 -12.11 4.57 27.78
C LEU B 167 -11.39 5.09 26.54
N ARG B 168 -12.04 6.00 25.81
CA ARG B 168 -11.47 6.56 24.60
C ARG B 168 -10.22 7.37 24.95
N ALA B 169 -10.32 8.19 26.00
CA ALA B 169 -9.21 9.03 26.41
C ALA B 169 -8.06 8.15 26.92
N LEU B 170 -8.40 7.07 27.63
CA LEU B 170 -7.41 6.11 28.13
C LEU B 170 -6.70 5.46 26.96
N ALA B 171 -7.48 5.03 25.96
CA ALA B 171 -6.93 4.40 24.78
C ALA B 171 -5.92 5.33 24.09
N GLU B 172 -6.25 6.62 23.99
CA GLU B 172 -5.41 7.61 23.35
C GLU B 172 -4.10 7.78 24.14
N VAL B 173 -4.18 7.83 25.46
CA VAL B 173 -3.03 8.01 26.32
C VAL B 173 -2.12 6.78 26.20
N ALA B 174 -2.73 5.58 26.21
CA ALA B 174 -1.99 4.33 26.16
C ALA B 174 -1.13 4.26 24.89
N THR B 175 -1.78 4.53 23.74
CA THR B 175 -1.11 4.46 22.45
C THR B 175 -0.02 5.53 22.33
N GLN B 176 -0.30 6.73 22.81
CA GLN B 176 0.68 7.82 22.77
C GLN B 176 1.86 7.47 23.68
N THR B 177 1.58 6.87 24.82
CA THR B 177 2.61 6.47 25.78
C THR B 177 3.54 5.42 25.17
N VAL B 178 2.93 4.37 24.58
CA VAL B 178 3.68 3.28 23.99
C VAL B 178 4.54 3.81 22.84
N ARG B 179 4.00 4.75 22.06
CA ARG B 179 4.73 5.30 20.94
C ARG B 179 5.95 6.09 21.43
N GLU B 180 5.82 6.82 22.54
CA GLU B 180 6.94 7.55 23.12
C GLU B 180 7.99 6.58 23.70
N LEU B 181 7.54 5.46 24.27
CA LEU B 181 8.43 4.45 24.80
C LEU B 181 9.28 3.80 23.69
N THR B 182 8.65 3.50 22.55
CA THR B 182 9.18 2.56 21.58
C THR B 182 9.76 3.27 20.36
N GLY B 183 9.17 4.40 19.97
CA GLY B 183 9.50 5.07 18.72
C GLY B 183 8.77 4.48 17.52
N PHE B 184 7.82 3.55 17.77
CA PHE B 184 7.05 2.93 16.69
C PHE B 184 6.28 3.98 15.90
N ASP B 185 6.22 3.78 14.59
CA ASP B 185 5.59 4.71 13.66
C ASP B 185 4.09 4.74 13.87
N ARG B 186 3.51 3.61 14.29
CA ARG B 186 2.09 3.56 14.58
C ARG B 186 1.86 2.66 15.79
N VAL B 187 0.98 3.14 16.68
CA VAL B 187 0.54 2.35 17.81
C VAL B 187 -0.99 2.49 17.89
N MET B 188 -1.68 1.36 17.95
CA MET B 188 -3.13 1.35 17.92
C MET B 188 -3.64 0.59 19.14
N LEU B 189 -4.85 0.94 19.58
CA LEU B 189 -5.59 0.06 20.45
C LEU B 189 -6.72 -0.55 19.63
N TYR B 190 -6.64 -1.87 19.50
CA TYR B 190 -7.59 -2.67 18.73
C TYR B 190 -8.50 -3.38 19.73
N LYS B 191 -9.80 -3.06 19.68
CA LYS B 191 -10.77 -3.61 20.61
C LYS B 191 -11.59 -4.67 19.89
N PHE B 192 -11.76 -5.83 20.54
CA PHE B 192 -12.55 -6.92 20.01
C PHE B 192 -14.00 -6.75 20.46
N ALA B 193 -14.94 -6.91 19.52
CA ALA B 193 -16.34 -7.14 19.86
C ALA B 193 -16.48 -8.59 20.31
N PRO B 194 -17.59 -8.94 21.01
CA PRO B 194 -17.80 -10.33 21.43
C PRO B 194 -17.87 -11.36 20.30
N ASP B 195 -18.14 -10.91 19.07
CA ASP B 195 -18.09 -11.77 17.90
C ASP B 195 -16.69 -11.79 17.29
N ALA B 196 -15.75 -11.08 17.92
CA ALA B 196 -14.33 -11.15 17.60
C ALA B 196 -13.99 -10.26 16.40
N THR B 197 -14.98 -9.56 15.83
CA THR B 197 -14.69 -8.44 14.96
C THR B 197 -14.01 -7.37 15.80
N GLY B 198 -13.31 -6.45 15.15
CA GLY B 198 -12.50 -5.49 15.88
C GLY B 198 -12.65 -4.08 15.33
N GLU B 199 -12.27 -3.11 16.16
CA GLU B 199 -12.27 -1.72 15.80
C GLU B 199 -11.01 -1.08 16.38
N VAL B 200 -10.32 -0.25 15.59
CA VAL B 200 -9.25 0.58 16.13
C VAL B 200 -9.90 1.75 16.86
N ILE B 201 -9.85 1.73 18.20
CA ILE B 201 -10.55 2.74 18.99
C ILE B 201 -9.60 3.86 19.40
N ALA B 202 -8.30 3.68 19.17
CA ALA B 202 -7.32 4.75 19.36
C ALA B 202 -6.08 4.46 18.53
N GLU B 203 -5.30 5.53 18.26
CA GLU B 203 -4.20 5.47 17.33
C GLU B 203 -3.26 6.65 17.56
N ALA B 204 -1.97 6.35 17.70
CA ALA B 204 -0.90 7.34 17.71
C ALA B 204 0.02 7.02 16.54
N ARG B 205 0.25 7.99 15.66
CA ARG B 205 0.95 7.73 14.42
C ARG B 205 1.87 8.90 14.07
N ARG B 206 2.89 8.55 13.27
CA ARG B 206 3.83 9.52 12.70
C ARG B 206 3.05 10.43 11.75
N GLU B 207 3.51 11.69 11.63
CA GLU B 207 2.91 12.65 10.72
C GLU B 207 2.91 12.08 9.31
N GLY B 208 1.76 12.18 8.62
CA GLY B 208 1.66 11.79 7.23
C GLY B 208 0.89 10.49 7.01
N LEU B 209 0.88 9.60 7.99
CA LEU B 209 0.19 8.32 7.86
C LEU B 209 -1.32 8.52 7.94
N HIS B 210 -2.05 7.81 7.08
CA HIS B 210 -3.50 7.83 7.06
C HIS B 210 -4.00 7.01 8.25
N ALA B 211 -5.14 7.43 8.80
CA ALA B 211 -5.61 6.91 10.07
C ALA B 211 -6.34 5.58 9.86
N PHE B 212 -6.10 4.63 10.78
CA PHE B 212 -6.93 3.43 10.91
C PHE B 212 -8.04 3.65 11.94
N LEU B 213 -7.97 4.75 12.67
CA LEU B 213 -8.91 5.03 13.74
C LEU B 213 -10.33 4.90 13.22
N GLY B 214 -11.13 4.08 13.90
CA GLY B 214 -12.54 3.91 13.60
C GLY B 214 -12.81 2.80 12.60
N HIS B 215 -11.75 2.30 11.96
CA HIS B 215 -11.90 1.23 10.98
C HIS B 215 -12.24 -0.08 11.70
N ARG B 216 -13.10 -0.87 11.08
CA ARG B 216 -13.55 -2.15 11.63
C ARG B 216 -13.01 -3.28 10.75
N PHE B 217 -12.73 -4.42 11.39
CA PHE B 217 -12.05 -5.53 10.74
C PHE B 217 -12.74 -6.82 11.14
N PRO B 218 -12.83 -7.81 10.22
CA PRO B 218 -13.54 -9.07 10.50
C PRO B 218 -12.79 -9.96 11.49
N ALA B 219 -13.55 -10.87 12.11
CA ALA B 219 -13.03 -11.80 13.09
C ALA B 219 -11.79 -12.55 12.58
N SER B 220 -11.76 -12.85 11.28
CA SER B 220 -10.77 -13.75 10.72
C SER B 220 -9.40 -13.07 10.55
N ASP B 221 -9.35 -11.73 10.70
CA ASP B 221 -8.09 -11.02 10.60
C ASP B 221 -7.20 -11.37 11.79
N ILE B 222 -7.83 -11.68 12.93
CA ILE B 222 -7.15 -12.28 14.07
C ILE B 222 -7.93 -13.53 14.45
N PRO B 223 -7.59 -14.71 13.88
CA PRO B 223 -8.43 -15.91 14.01
C PRO B 223 -8.38 -16.52 15.41
N ALA B 224 -9.33 -17.43 15.66
CA ALA B 224 -9.65 -17.92 16.99
C ALA B 224 -8.44 -18.52 17.70
N GLN B 225 -7.60 -19.23 16.96
CA GLN B 225 -6.45 -19.90 17.56
C GLN B 225 -5.39 -18.88 17.96
N ALA B 226 -5.28 -17.80 17.18
CA ALA B 226 -4.43 -16.68 17.53
C ALA B 226 -4.92 -15.99 18.82
N ARG B 227 -6.22 -15.67 18.83
CA ARG B 227 -6.84 -15.03 19.98
C ARG B 227 -6.69 -15.88 21.23
N ALA B 228 -6.83 -17.20 21.08
CA ALA B 228 -6.64 -18.13 22.19
C ALA B 228 -5.20 -18.10 22.68
N LEU B 229 -4.24 -18.19 21.75
CA LEU B 229 -2.85 -18.14 22.12
C LEU B 229 -2.53 -16.84 22.85
N TYR B 230 -3.12 -15.74 22.37
CA TYR B 230 -2.83 -14.40 22.86
C TYR B 230 -3.44 -14.15 24.24
N THR B 231 -4.36 -15.02 24.67
CA THR B 231 -4.95 -14.94 25.99
C THR B 231 -3.98 -15.47 27.04
N ARG B 232 -3.06 -16.36 26.64
CA ARG B 232 -2.10 -16.98 27.54
C ARG B 232 -0.73 -16.30 27.42
N HIS B 233 -0.28 -16.08 26.19
CA HIS B 233 1.02 -15.47 25.94
C HIS B 233 0.81 -14.06 25.39
N LEU B 234 1.20 -13.07 26.20
CA LEU B 234 0.59 -11.75 26.15
C LEU B 234 1.37 -10.78 25.27
N LEU B 235 2.55 -11.17 24.78
CA LEU B 235 3.31 -10.33 23.87
C LEU B 235 3.87 -11.18 22.74
N ARG B 236 3.71 -10.70 21.50
CA ARG B 236 4.36 -11.32 20.36
C ARG B 236 4.71 -10.23 19.35
N LEU B 237 5.64 -10.54 18.47
CA LEU B 237 6.21 -9.55 17.58
C LEU B 237 6.76 -10.22 16.32
N THR B 238 6.91 -9.41 15.27
CA THR B 238 7.71 -9.73 14.11
C THR B 238 8.71 -8.62 13.93
N ALA B 239 10.00 -8.91 14.16
CA ALA B 239 11.05 -7.90 14.12
C ALA B 239 11.25 -7.38 12.70
N ASP B 240 11.22 -8.29 11.72
CA ASP B 240 11.44 -7.97 10.32
C ASP B 240 10.49 -8.81 9.50
N THR B 241 9.52 -8.17 8.83
CA THR B 241 8.47 -8.87 8.11
C THR B 241 8.95 -9.42 6.77
N ARG B 242 10.19 -9.09 6.36
CA ARG B 242 10.77 -9.61 5.14
C ARG B 242 11.85 -10.66 5.44
N ALA B 243 12.08 -10.95 6.72
CA ALA B 243 13.13 -11.89 7.10
C ALA B 243 12.54 -13.29 7.21
N ALA B 244 13.32 -14.28 6.77
CA ALA B 244 12.91 -15.66 6.77
C ALA B 244 13.10 -16.26 8.17
N ALA B 245 12.17 -17.14 8.56
CA ALA B 245 12.27 -17.86 9.82
C ALA B 245 13.45 -18.81 9.74
N VAL B 246 14.07 -19.09 10.90
CA VAL B 246 15.18 -20.02 11.00
C VAL B 246 14.66 -21.32 11.62
N PRO B 247 14.79 -22.48 10.95
CA PRO B 247 14.30 -23.75 11.50
C PRO B 247 14.99 -24.18 12.81
N LEU B 248 14.22 -24.91 13.63
CA LEU B 248 14.74 -25.72 14.72
C LEU B 248 15.24 -27.04 14.15
N ASP B 249 16.38 -27.51 14.68
CA ASP B 249 16.97 -28.76 14.25
C ASP B 249 17.32 -29.60 15.47
N PRO B 250 16.76 -30.83 15.64
CA PRO B 250 15.69 -31.34 14.76
C PRO B 250 14.40 -30.56 15.00
N VAL B 251 13.48 -30.63 14.03
CA VAL B 251 12.27 -29.85 14.10
C VAL B 251 11.32 -30.45 15.13
N LEU B 252 11.30 -31.79 15.25
CA LEU B 252 10.48 -32.48 16.23
C LEU B 252 11.24 -32.61 17.54
N ASN B 253 10.49 -32.63 18.64
CA ASN B 253 11.01 -32.84 19.96
C ASN B 253 11.41 -34.31 20.11
N PRO B 254 12.70 -34.65 20.34
CA PRO B 254 13.13 -36.03 20.54
C PRO B 254 12.43 -36.77 21.70
N GLN B 255 12.01 -36.02 22.72
CA GLN B 255 11.29 -36.59 23.85
C GLN B 255 10.00 -37.26 23.39
N THR B 256 9.27 -36.60 22.49
CA THR B 256 7.91 -36.98 22.16
C THR B 256 7.78 -37.44 20.71
N ASN B 257 8.81 -37.16 19.89
CA ASN B 257 8.70 -37.31 18.44
C ASN B 257 7.48 -36.54 17.95
N ALA B 258 7.32 -35.32 18.46
CA ALA B 258 6.16 -34.48 18.14
C ALA B 258 6.61 -33.01 18.11
N PRO B 259 5.79 -32.10 17.54
CA PRO B 259 6.15 -30.68 17.43
C PRO B 259 6.43 -30.04 18.79
N THR B 260 7.42 -29.13 18.80
CA THR B 260 7.77 -28.38 20.00
C THR B 260 6.84 -27.17 20.12
N PRO B 261 6.08 -27.04 21.24
CA PRO B 261 5.26 -25.84 21.47
C PRO B 261 6.16 -24.61 21.67
N LEU B 262 5.95 -23.60 20.79
CA LEU B 262 6.76 -22.40 20.79
C LEU B 262 5.94 -21.17 21.15
N GLY B 263 4.69 -21.39 21.60
CA GLY B 263 3.77 -20.32 21.91
C GLY B 263 4.33 -19.34 22.94
N GLY B 264 5.13 -19.84 23.89
CA GLY B 264 5.70 -19.02 24.95
C GLY B 264 7.05 -18.42 24.60
N ALA B 265 7.50 -18.65 23.35
CA ALA B 265 8.78 -18.14 22.88
C ALA B 265 8.54 -16.89 22.04
N VAL B 266 9.17 -15.78 22.44
CA VAL B 266 9.02 -14.51 21.73
C VAL B 266 9.69 -14.62 20.36
N LEU B 267 10.69 -15.50 20.24
CA LEU B 267 11.38 -15.74 18.97
C LEU B 267 10.55 -16.63 18.04
N ARG B 268 9.40 -17.13 18.49
CA ARG B 268 8.54 -17.93 17.64
C ARG B 268 8.32 -17.24 16.28
N ALA B 269 8.41 -18.04 15.21
CA ALA B 269 8.17 -17.55 13.87
C ALA B 269 6.70 -17.16 13.70
N THR B 270 6.46 -16.03 13.05
CA THR B 270 5.12 -15.51 12.82
C THR B 270 4.46 -16.27 11.68
N SER B 271 3.14 -16.45 11.79
CA SER B 271 2.34 -17.01 10.72
C SER B 271 2.66 -16.29 9.42
N PRO B 272 3.11 -17.01 8.37
CA PRO B 272 3.29 -16.42 7.04
C PRO B 272 2.11 -15.62 6.51
N MET B 273 0.88 -16.08 6.78
CA MET B 273 -0.31 -15.35 6.36
C MET B 273 -0.31 -13.94 6.96
N HIS B 274 0.00 -13.85 8.25
CA HIS B 274 -0.02 -12.59 8.95
C HIS B 274 1.15 -11.72 8.48
N MET B 275 2.32 -12.33 8.25
CA MET B 275 3.47 -11.58 7.76
C MET B 275 3.15 -10.98 6.40
N GLN B 276 2.42 -11.70 5.54
CA GLN B 276 2.01 -11.17 4.25
C GLN B 276 1.09 -9.97 4.47
N TYR B 277 0.11 -10.11 5.37
CA TYR B 277 -0.81 -9.04 5.71
C TYR B 277 -0.04 -7.81 6.18
N LEU B 278 1.02 -8.02 6.97
CA LEU B 278 1.83 -6.92 7.46
C LEU B 278 2.52 -6.22 6.30
N ARG B 279 3.03 -7.00 5.34
CA ARG B 279 3.75 -6.44 4.21
C ARG B 279 2.80 -5.62 3.34
N ASN B 280 1.55 -6.08 3.19
CA ASN B 280 0.54 -5.35 2.43
C ASN B 280 0.26 -4.00 3.08
N MET B 281 0.47 -3.92 4.40
CA MET B 281 0.26 -2.70 5.17
C MET B 281 1.53 -1.87 5.23
N GLY B 282 2.59 -2.29 4.54
CA GLY B 282 3.85 -1.57 4.55
C GLY B 282 4.51 -1.58 5.93
N VAL B 283 4.19 -2.62 6.71
CA VAL B 283 4.73 -2.78 8.05
C VAL B 283 6.01 -3.60 7.95
N GLY B 284 7.12 -3.02 8.45
CA GLY B 284 8.40 -3.70 8.49
C GLY B 284 8.64 -4.42 9.81
N SER B 285 8.04 -3.88 10.88
CA SER B 285 8.14 -4.50 12.19
C SER B 285 6.80 -4.39 12.91
N SER B 286 6.42 -5.43 13.65
CA SER B 286 5.13 -5.46 14.33
C SER B 286 5.29 -6.03 15.74
N LEU B 287 4.50 -5.50 16.66
CA LEU B 287 4.45 -5.97 18.03
C LEU B 287 3.07 -5.70 18.57
N SER B 288 2.49 -6.66 19.27
CA SER B 288 1.26 -6.41 19.98
C SER B 288 1.35 -6.98 21.39
N VAL B 289 0.60 -6.36 22.30
CA VAL B 289 0.47 -6.81 23.66
C VAL B 289 -1.02 -7.07 23.88
N SER B 290 -1.33 -8.22 24.50
CA SER B 290 -2.70 -8.58 24.82
C SER B 290 -3.23 -7.66 25.92
N VAL B 291 -4.48 -7.22 25.72
CA VAL B 291 -5.29 -6.63 26.77
C VAL B 291 -6.31 -7.69 27.15
N VAL B 292 -6.13 -8.26 28.35
CA VAL B 292 -6.94 -9.35 28.83
C VAL B 292 -7.78 -8.84 30.00
N VAL B 293 -9.10 -9.07 29.91
CA VAL B 293 -10.04 -8.58 30.89
C VAL B 293 -10.99 -9.73 31.25
N GLY B 294 -10.85 -10.24 32.49
CA GLY B 294 -11.70 -11.31 32.99
C GLY B 294 -11.36 -12.66 32.36
N GLY B 295 -10.07 -12.87 32.05
CA GLY B 295 -9.60 -14.07 31.39
C GLY B 295 -9.95 -14.11 29.89
N GLN B 296 -10.55 -13.03 29.36
CA GLN B 296 -10.93 -12.95 27.96
C GLN B 296 -10.13 -11.84 27.27
N LEU B 297 -9.75 -12.12 26.01
CA LEU B 297 -9.01 -11.16 25.23
C LEU B 297 -9.91 -9.99 24.88
N TRP B 298 -9.60 -8.81 25.43
CA TRP B 298 -10.40 -7.62 25.24
C TRP B 298 -9.94 -6.87 23.99
N GLY B 299 -8.64 -6.88 23.75
CA GLY B 299 -8.07 -6.09 22.69
C GLY B 299 -6.57 -6.30 22.61
N LEU B 300 -5.93 -5.46 21.77
CA LEU B 300 -4.50 -5.54 21.53
C LEU B 300 -3.96 -4.13 21.45
N ILE B 301 -2.82 -3.91 22.11
CA ILE B 301 -1.96 -2.79 21.76
C ILE B 301 -1.16 -3.25 20.56
N ALA B 302 -1.49 -2.71 19.38
CA ALA B 302 -0.89 -3.15 18.13
C ALA B 302 0.05 -2.06 17.64
N CYS B 303 1.33 -2.41 17.48
CA CYS B 303 2.38 -1.50 17.08
C CYS B 303 2.91 -1.88 15.71
N HIS B 304 3.11 -0.87 14.86
CA HIS B 304 3.69 -1.02 13.53
C HIS B 304 4.88 -0.09 13.39
N HIS B 305 5.95 -0.60 12.78
CA HIS B 305 7.03 0.24 12.29
C HIS B 305 7.12 0.03 10.78
N GLN B 306 7.44 1.11 10.05
CA GLN B 306 7.58 1.05 8.61
C GLN B 306 8.83 0.27 8.21
N THR B 307 9.82 0.22 9.12
CA THR B 307 11.11 -0.39 8.86
C THR B 307 11.37 -1.49 9.90
N PRO B 308 12.20 -2.52 9.59
CA PRO B 308 12.59 -3.52 10.58
C PRO B 308 13.11 -2.89 11.87
N TYR B 309 12.82 -3.55 13.00
CA TYR B 309 13.09 -2.98 14.31
C TYR B 309 13.01 -4.09 15.37
N VAL B 310 14.18 -4.43 15.93
CA VAL B 310 14.24 -5.30 17.08
C VAL B 310 14.10 -4.42 18.32
N LEU B 311 12.92 -4.45 18.94
CA LEU B 311 12.71 -3.78 20.20
C LEU B 311 13.57 -4.45 21.27
N PRO B 312 14.42 -3.70 22.01
CA PRO B 312 15.26 -4.27 23.06
C PRO B 312 14.46 -5.04 24.12
N PRO B 313 15.00 -6.15 24.67
CA PRO B 313 14.31 -6.95 25.69
C PRO B 313 13.74 -6.19 26.90
N ASP B 314 14.47 -5.16 27.35
CA ASP B 314 14.08 -4.38 28.52
C ASP B 314 12.83 -3.57 28.21
N LEU B 315 12.72 -3.07 26.97
CA LEU B 315 11.56 -2.29 26.56
C LEU B 315 10.35 -3.21 26.40
N ARG B 316 10.58 -4.45 25.96
CA ARG B 316 9.52 -5.43 25.83
C ARG B 316 8.93 -5.75 27.21
N THR B 317 9.81 -5.91 28.20
CA THR B 317 9.42 -6.08 29.58
C THR B 317 8.52 -4.94 30.02
N THR B 318 8.90 -3.71 29.64
CA THR B 318 8.14 -2.52 29.97
C THR B 318 6.75 -2.58 29.35
N LEU B 319 6.64 -3.07 28.11
CA LEU B 319 5.37 -3.15 27.42
C LEU B 319 4.48 -4.22 28.04
N GLU B 320 5.08 -5.34 28.46
CA GLU B 320 4.35 -6.40 29.14
C GLU B 320 3.71 -5.85 30.42
N TYR B 321 4.47 -5.00 31.14
CA TYR B 321 3.99 -4.36 32.35
C TYR B 321 2.83 -3.41 32.02
N LEU B 322 3.01 -2.61 30.97
CA LEU B 322 2.01 -1.66 30.53
C LEU B 322 0.73 -2.40 30.14
N GLY B 323 0.87 -3.57 29.51
CA GLY B 323 -0.29 -4.35 29.09
C GLY B 323 -1.12 -4.83 30.28
N ARG B 324 -0.44 -5.25 31.35
CA ARG B 324 -1.10 -5.71 32.56
C ARG B 324 -1.86 -4.55 33.21
N LEU B 325 -1.18 -3.40 33.25
CA LEU B 325 -1.72 -2.20 33.88
C LEU B 325 -2.95 -1.73 33.10
N LEU B 326 -2.81 -1.67 31.78
CA LEU B 326 -3.85 -1.18 30.89
C LEU B 326 -5.04 -2.13 30.92
N SER B 327 -4.81 -3.43 31.04
CA SER B 327 -5.89 -4.40 31.14
C SER B 327 -6.86 -4.01 32.26
N LEU B 328 -6.28 -3.66 33.41
CA LEU B 328 -7.07 -3.32 34.60
C LEU B 328 -7.70 -1.93 34.43
N GLN B 329 -6.93 -0.98 33.90
CA GLN B 329 -7.41 0.37 33.64
C GLN B 329 -8.55 0.35 32.63
N VAL B 330 -8.51 -0.56 31.64
CA VAL B 330 -9.56 -0.67 30.66
C VAL B 330 -10.83 -1.21 31.32
N GLN B 331 -10.67 -2.25 32.15
CA GLN B 331 -11.80 -2.85 32.84
C GLN B 331 -12.54 -1.80 33.68
N VAL B 332 -11.76 -0.97 34.39
CA VAL B 332 -12.32 0.04 35.28
C VAL B 332 -12.99 1.15 34.48
N LYS B 333 -12.28 1.66 33.47
CA LYS B 333 -12.76 2.79 32.69
C LYS B 333 -13.97 2.38 31.87
N GLU B 334 -13.96 1.14 31.37
CA GLU B 334 -15.05 0.63 30.56
C GLU B 334 -16.29 0.43 31.42
N ALA B 335 -16.10 -0.01 32.68
CA ALA B 335 -17.21 -0.19 33.60
C ALA B 335 -17.92 1.15 33.85
N ALA B 336 -17.14 2.23 33.88
CA ALA B 336 -17.68 3.56 34.14
C ALA B 336 -18.45 4.08 32.92
N ASP B 337 -17.95 3.78 31.71
CA ASP B 337 -18.65 4.16 30.48
C ASP B 337 -19.99 3.44 30.39
N VAL B 338 -20.00 2.16 30.76
CA VAL B 338 -21.20 1.32 30.73
C VAL B 338 -22.23 1.89 31.70
N ALA B 339 -21.78 2.22 32.92
CA ALA B 339 -22.67 2.74 33.95
C ALA B 339 -23.25 4.07 33.52
N ALA B 340 -22.42 4.90 32.87
CA ALA B 340 -22.85 6.21 32.39
C ALA B 340 -23.89 6.06 31.28
N PHE B 341 -23.72 5.05 30.43
CA PHE B 341 -24.62 4.80 29.32
C PHE B 341 -25.95 4.25 29.85
N ARG B 342 -25.87 3.31 30.78
CA ARG B 342 -27.06 2.63 31.31
C ARG B 342 -27.90 3.59 32.15
N GLN B 343 -27.27 4.61 32.76
CA GLN B 343 -28.00 5.60 33.53
C GLN B 343 -28.99 6.33 32.63
N SER B 344 -28.58 6.61 31.38
CA SER B 344 -29.43 7.33 30.45
C SER B 344 -30.54 6.44 29.88
N LEU B 345 -30.50 5.14 30.18
CA LEU B 345 -31.51 4.18 29.75
C LEU B 345 -32.38 3.72 30.91
N ARG B 346 -32.25 4.34 32.09
CA ARG B 346 -32.88 3.79 33.30
C ARG B 346 -34.40 3.97 33.22
N GLU B 347 -34.87 5.16 32.83
CA GLU B 347 -36.30 5.43 32.72
C GLU B 347 -36.95 4.41 31.80
N HIS B 348 -36.33 4.18 30.63
CA HIS B 348 -36.84 3.24 29.64
C HIS B 348 -36.79 1.83 30.21
N HIS B 349 -35.67 1.48 30.87
CA HIS B 349 -35.49 0.15 31.43
C HIS B 349 -36.57 -0.17 32.46
N ALA B 350 -36.89 0.83 33.30
CA ALA B 350 -37.87 0.67 34.36
C ALA B 350 -39.23 0.36 33.75
N ARG B 351 -39.60 1.12 32.71
CA ARG B 351 -40.84 0.97 31.99
C ARG B 351 -41.02 -0.47 31.54
N VAL B 352 -39.91 -1.07 31.07
CA VAL B 352 -39.91 -2.41 30.51
C VAL B 352 -40.00 -3.45 31.62
N ALA B 353 -39.23 -3.25 32.69
CA ALA B 353 -39.25 -4.14 33.85
C ALA B 353 -40.65 -4.20 34.46
N LEU B 354 -41.29 -3.03 34.53
CA LEU B 354 -42.64 -2.89 35.07
C LEU B 354 -43.62 -3.71 34.24
N ALA B 355 -43.50 -3.61 32.91
CA ALA B 355 -44.41 -4.31 32.01
C ALA B 355 -44.18 -5.82 32.08
N ALA B 356 -42.91 -6.23 32.20
CA ALA B 356 -42.54 -7.65 32.26
C ALA B 356 -43.06 -8.31 33.54
N ALA B 357 -43.12 -7.53 34.63
CA ALA B 357 -43.61 -8.02 35.91
C ALA B 357 -45.08 -8.43 35.81
N HIS B 358 -45.89 -7.67 35.05
CA HIS B 358 -47.23 -8.09 34.66
C HIS B 358 -47.23 -9.32 33.72
N SER B 361 -49.37 -12.14 29.19
CA SER B 361 -48.82 -12.73 27.95
C SER B 361 -47.64 -11.90 27.47
N PRO B 362 -46.43 -12.50 27.32
CA PRO B 362 -45.26 -11.75 26.86
C PRO B 362 -45.42 -11.19 25.45
N HIS B 363 -46.23 -11.85 24.62
CA HIS B 363 -46.49 -11.41 23.27
C HIS B 363 -47.19 -10.04 23.27
N ASP B 364 -48.25 -9.91 24.06
CA ASP B 364 -49.04 -8.69 24.11
C ASP B 364 -48.21 -7.56 24.74
N THR B 365 -47.46 -7.90 25.80
CA THR B 365 -46.73 -6.91 26.57
C THR B 365 -45.53 -6.36 25.80
N LEU B 366 -44.69 -7.26 25.28
CA LEU B 366 -43.39 -6.87 24.73
C LEU B 366 -43.55 -6.29 23.32
N SER B 367 -44.67 -6.60 22.65
CA SER B 367 -44.95 -6.07 21.32
C SER B 367 -45.59 -4.68 21.40
N ASP B 368 -45.98 -4.26 22.61
CA ASP B 368 -46.62 -2.97 22.82
C ASP B 368 -45.68 -1.87 22.34
N PRO B 369 -46.07 -1.04 21.35
CA PRO B 369 -45.23 0.08 20.89
C PRO B 369 -44.86 1.07 22.00
N ALA B 370 -45.75 1.19 22.99
CA ALA B 370 -45.55 2.06 24.13
C ALA B 370 -44.26 1.71 24.88
N LEU B 371 -43.92 0.41 24.93
CA LEU B 371 -42.70 -0.05 25.58
C LEU B 371 -41.47 0.32 24.77
N ASP B 372 -41.61 0.28 23.44
CA ASP B 372 -40.54 0.64 22.51
C ASP B 372 -39.28 -0.16 22.83
N LEU B 373 -39.39 -1.49 22.73
CA LEU B 373 -38.25 -2.39 22.87
C LEU B 373 -37.24 -2.19 21.72
N LEU B 374 -37.73 -1.74 20.56
CA LEU B 374 -36.88 -1.39 19.45
C LEU B 374 -35.91 -0.29 19.85
N GLY B 375 -36.44 0.83 20.35
CA GLY B 375 -35.66 2.01 20.68
C GLY B 375 -34.70 1.78 21.84
N LEU B 376 -35.09 0.88 22.76
CA LEU B 376 -34.25 0.52 23.90
C LEU B 376 -32.86 0.12 23.44
N MET B 377 -32.78 -0.59 22.32
CA MET B 377 -31.54 -1.17 21.84
C MET B 377 -31.10 -0.50 20.53
N ARG B 378 -31.76 0.60 20.16
CA ARG B 378 -31.53 1.26 18.89
C ARG B 378 -31.56 0.23 17.76
N ALA B 379 -32.60 -0.61 17.76
CA ALA B 379 -32.77 -1.69 16.81
C ALA B 379 -33.70 -1.25 15.67
N GLY B 380 -33.57 -1.90 14.51
CA GLY B 380 -34.52 -1.74 13.42
C GLY B 380 -35.64 -2.78 13.48
N GLY B 381 -35.35 -3.92 14.11
CA GLY B 381 -36.31 -5.02 14.18
C GLY B 381 -36.18 -5.82 15.46
N LEU B 382 -37.18 -6.68 15.71
CA LEU B 382 -37.24 -7.47 16.92
C LEU B 382 -38.06 -8.72 16.67
N ILE B 383 -37.52 -9.88 17.05
CA ILE B 383 -38.27 -11.12 17.02
C ILE B 383 -38.57 -11.53 18.46
N LEU B 384 -39.84 -11.86 18.71
CA LEU B 384 -40.31 -12.34 20.00
C LEU B 384 -40.83 -13.76 19.81
N ARG B 385 -40.18 -14.76 20.41
CA ARG B 385 -40.75 -16.11 20.43
C ARG B 385 -41.15 -16.49 21.85
N PHE B 386 -42.43 -16.86 22.01
CA PHE B 386 -42.99 -17.28 23.28
C PHE B 386 -44.19 -18.19 23.04
N GLU B 387 -44.30 -19.26 23.82
CA GLU B 387 -45.47 -20.14 23.82
C GLU B 387 -45.64 -20.79 22.44
N GLY B 388 -44.52 -21.16 21.81
CA GLY B 388 -44.54 -21.90 20.55
C GLY B 388 -44.91 -21.05 19.33
N ARG B 389 -44.96 -19.72 19.47
CA ARG B 389 -45.20 -18.83 18.34
C ARG B 389 -44.24 -17.64 18.42
N TRP B 390 -44.05 -16.98 17.27
CA TRP B 390 -43.26 -15.76 17.25
C TRP B 390 -44.00 -14.65 16.51
N GLN B 391 -43.60 -13.41 16.80
CA GLN B 391 -44.05 -12.23 16.09
C GLN B 391 -42.86 -11.26 15.99
N THR B 392 -43.07 -10.19 15.21
CA THR B 392 -41.99 -9.26 14.93
C THR B 392 -42.49 -7.82 15.05
N LEU B 393 -41.53 -6.92 15.29
CA LEU B 393 -41.72 -5.50 15.21
C LEU B 393 -40.63 -4.95 14.31
N GLY B 394 -40.94 -3.83 13.63
CA GLY B 394 -39.96 -3.12 12.81
C GLY B 394 -39.61 -3.91 11.55
N GLU B 395 -38.42 -3.60 10.99
CA GLU B 395 -37.92 -4.26 9.80
C GLU B 395 -37.25 -5.58 10.18
N VAL B 396 -37.79 -6.67 9.60
CA VAL B 396 -37.40 -8.03 9.94
C VAL B 396 -37.24 -8.84 8.65
N PRO B 397 -36.49 -9.97 8.65
CA PRO B 397 -36.57 -10.93 7.55
C PRO B 397 -37.95 -11.56 7.43
N PRO B 398 -38.27 -12.22 6.29
CA PRO B 398 -39.52 -12.99 6.16
C PRO B 398 -39.52 -14.26 7.00
N ALA B 399 -40.68 -14.92 7.05
CA ALA B 399 -40.93 -16.00 8.01
C ALA B 399 -39.88 -17.10 7.91
N PRO B 400 -39.58 -17.65 6.72
CA PRO B 400 -38.60 -18.74 6.61
C PRO B 400 -37.21 -18.37 7.12
N ALA B 401 -36.78 -17.11 6.88
CA ALA B 401 -35.50 -16.61 7.36
C ALA B 401 -35.50 -16.53 8.89
N VAL B 402 -36.61 -16.06 9.45
CA VAL B 402 -36.78 -15.98 10.89
C VAL B 402 -36.70 -17.37 11.49
N ASP B 403 -37.37 -18.35 10.86
CA ASP B 403 -37.38 -19.72 11.34
C ASP B 403 -35.97 -20.28 11.34
N ALA B 404 -35.21 -20.01 10.28
CA ALA B 404 -33.83 -20.46 10.15
C ALA B 404 -32.95 -19.78 11.21
N LEU B 405 -33.17 -18.47 11.41
CA LEU B 405 -32.45 -17.71 12.43
C LEU B 405 -32.67 -18.34 13.81
N LEU B 406 -33.93 -18.66 14.11
CA LEU B 406 -34.31 -19.26 15.39
C LEU B 406 -33.69 -20.65 15.52
N ALA B 407 -33.63 -21.40 14.42
CA ALA B 407 -33.08 -22.75 14.42
C ALA B 407 -31.57 -22.71 14.66
N TRP B 408 -30.89 -21.70 14.09
CA TRP B 408 -29.47 -21.51 14.30
C TRP B 408 -29.20 -21.14 15.75
N LEU B 409 -30.07 -20.28 16.30
CA LEU B 409 -29.93 -19.77 17.65
C LEU B 409 -29.96 -20.93 18.64
N GLU B 410 -30.86 -21.90 18.42
CA GLU B 410 -31.03 -23.07 19.28
C GLU B 410 -29.73 -23.84 19.43
N THR B 411 -28.85 -23.78 18.43
CA THR B 411 -27.59 -24.52 18.44
C THR B 411 -26.52 -23.78 19.26
N GLN B 412 -26.77 -22.51 19.61
CA GLN B 412 -25.78 -21.69 20.28
C GLN B 412 -25.77 -22.02 21.77
N PRO B 413 -24.58 -22.13 22.41
CA PRO B 413 -24.50 -22.31 23.86
C PRO B 413 -24.67 -20.98 24.59
N GLY B 414 -25.03 -21.05 25.87
CA GLY B 414 -25.29 -19.86 26.67
C GLY B 414 -26.66 -19.26 26.39
N ALA B 415 -26.90 -18.07 26.95
CA ALA B 415 -28.21 -17.43 26.91
C ALA B 415 -28.11 -16.06 26.25
N LEU B 416 -26.96 -15.75 25.63
CA LEU B 416 -26.77 -14.49 24.95
C LEU B 416 -25.93 -14.71 23.70
N VAL B 417 -26.42 -14.20 22.57
CA VAL B 417 -25.65 -14.16 21.33
C VAL B 417 -25.68 -12.73 20.83
N GLN B 418 -24.51 -12.21 20.45
CA GLN B 418 -24.39 -10.83 20.01
C GLN B 418 -23.33 -10.74 18.91
N THR B 419 -23.64 -9.95 17.89
CA THR B 419 -22.79 -9.86 16.72
C THR B 419 -23.08 -8.54 16.00
N ASP B 420 -22.01 -7.92 15.50
CA ASP B 420 -22.11 -6.68 14.74
C ASP B 420 -22.03 -6.99 13.24
N ALA B 421 -21.85 -8.28 12.92
CA ALA B 421 -21.79 -8.75 11.54
C ALA B 421 -22.26 -10.20 11.51
N LEU B 422 -23.59 -10.40 11.45
CA LEU B 422 -24.21 -11.70 11.57
C LEU B 422 -23.64 -12.67 10.53
N GLY B 423 -23.35 -12.14 9.33
CA GLY B 423 -22.81 -12.93 8.23
C GLY B 423 -21.55 -13.72 8.61
N GLN B 424 -20.61 -13.06 9.32
CA GLN B 424 -19.32 -13.66 9.63
C GLN B 424 -19.50 -14.84 10.58
N LEU B 425 -20.42 -14.70 11.54
CA LEU B 425 -20.67 -15.73 12.54
C LEU B 425 -21.63 -16.78 11.99
N TRP B 426 -22.61 -16.35 11.19
CA TRP B 426 -23.70 -17.18 10.70
C TRP B 426 -23.83 -16.95 9.19
N PRO B 427 -22.95 -17.56 8.36
CA PRO B 427 -22.89 -17.28 6.93
C PRO B 427 -24.20 -17.42 6.15
N ALA B 428 -25.03 -18.39 6.52
CA ALA B 428 -26.36 -18.55 5.92
C ALA B 428 -27.26 -17.36 6.24
N GLY B 429 -26.90 -16.60 7.29
CA GLY B 429 -27.66 -15.42 7.68
C GLY B 429 -27.12 -14.13 7.07
N ALA B 430 -26.15 -14.23 6.15
CA ALA B 430 -25.54 -13.07 5.54
C ALA B 430 -26.53 -12.34 4.62
N ASP B 431 -27.48 -13.08 4.06
CA ASP B 431 -28.48 -12.53 3.14
C ASP B 431 -29.55 -11.75 3.89
N LEU B 432 -29.54 -11.82 5.23
CA LEU B 432 -30.51 -11.11 6.06
C LEU B 432 -30.02 -9.69 6.37
N ALA B 433 -28.92 -9.25 5.76
CA ALA B 433 -28.19 -8.05 6.17
C ALA B 433 -29.04 -6.77 6.08
N PRO B 434 -29.99 -6.62 5.12
CA PRO B 434 -30.82 -5.42 5.08
C PRO B 434 -31.50 -5.07 6.41
N SER B 435 -31.99 -6.09 7.12
CA SER B 435 -32.68 -5.89 8.39
C SER B 435 -31.88 -6.46 9.57
N ALA B 436 -30.98 -7.43 9.30
CA ALA B 436 -30.38 -8.22 10.37
C ALA B 436 -28.88 -8.42 10.16
N ALA B 437 -28.15 -7.33 9.94
CA ALA B 437 -26.69 -7.39 9.88
C ALA B 437 -26.14 -7.54 11.30
N GLY B 438 -26.67 -6.75 12.24
CA GLY B 438 -26.37 -6.90 13.65
C GLY B 438 -27.46 -7.66 14.37
N LEU B 439 -27.09 -8.47 15.37
CA LEU B 439 -28.05 -9.29 16.08
C LEU B 439 -27.67 -9.35 17.56
N LEU B 440 -28.68 -9.26 18.41
CA LEU B 440 -28.53 -9.43 19.84
C LEU B 440 -29.73 -10.25 20.33
N ALA B 441 -29.44 -11.47 20.80
CA ALA B 441 -30.47 -12.41 21.17
C ALA B 441 -30.24 -12.88 22.60
N ILE B 442 -31.35 -13.04 23.34
CA ILE B 442 -31.32 -13.53 24.71
C ILE B 442 -32.33 -14.66 24.84
N SER B 443 -31.93 -15.74 25.53
CA SER B 443 -32.84 -16.83 25.85
C SER B 443 -33.58 -16.48 27.14
N VAL B 444 -34.90 -16.73 27.16
CA VAL B 444 -35.74 -16.40 28.29
C VAL B 444 -36.07 -17.68 29.07
N GLY B 445 -35.84 -18.85 28.47
CA GLY B 445 -35.77 -20.08 29.24
C GLY B 445 -34.35 -20.64 29.21
N GLU B 446 -34.26 -21.96 28.98
CA GLU B 446 -33.04 -22.55 28.46
C GLU B 446 -33.38 -23.28 27.16
N GLY B 447 -32.49 -23.18 26.18
CA GLY B 447 -32.64 -23.87 24.91
C GLY B 447 -33.27 -23.01 23.81
N TRP B 448 -33.54 -21.74 24.15
CA TRP B 448 -34.00 -20.73 23.20
C TRP B 448 -35.43 -21.00 22.73
N SER B 449 -36.21 -21.77 23.51
CA SER B 449 -37.61 -21.99 23.16
C SER B 449 -38.38 -20.67 23.26
N GLU B 450 -37.98 -19.83 24.22
CA GLU B 450 -38.48 -18.47 24.34
C GLU B 450 -37.29 -17.52 24.26
N CYS B 451 -37.37 -16.48 23.41
CA CYS B 451 -36.25 -15.58 23.25
C CYS B 451 -36.66 -14.24 22.64
N LEU B 452 -35.76 -13.26 22.76
N LEU B 452 -35.76 -13.26 22.76
CA LEU B 452 -35.87 -11.97 22.09
CA LEU B 452 -35.87 -11.96 22.10
C LEU B 452 -34.65 -11.79 21.21
C LEU B 452 -34.65 -11.79 21.21
N VAL B 453 -34.86 -11.25 20.00
CA VAL B 453 -33.78 -11.04 19.06
C VAL B 453 -33.90 -9.64 18.49
N TRP B 454 -32.99 -8.75 18.93
CA TRP B 454 -32.91 -7.41 18.38
C TRP B 454 -32.05 -7.47 17.12
N LEU B 455 -32.52 -6.76 16.09
CA LEU B 455 -31.87 -6.78 14.79
C LEU B 455 -31.53 -5.34 14.40
N ARG B 456 -30.38 -5.17 13.73
CA ARG B 456 -29.98 -3.88 13.20
C ARG B 456 -29.62 -4.05 11.72
N PRO B 457 -29.99 -3.06 10.88
CA PRO B 457 -29.65 -3.10 9.46
C PRO B 457 -28.16 -2.92 9.23
N GLU B 458 -27.69 -3.37 8.06
CA GLU B 458 -26.36 -3.07 7.59
C GLU B 458 -26.20 -1.55 7.48
N LEU B 459 -24.96 -1.07 7.68
CA LEU B 459 -24.66 0.35 7.51
C LEU B 459 -24.82 0.71 6.03
N ARG B 460 -25.45 1.86 5.76
CA ARG B 460 -25.69 2.34 4.41
C ARG B 460 -24.36 2.71 3.72
N SER B 464 -18.30 -4.38 4.45
CA SER B 464 -19.78 -4.52 4.34
C SER B 464 -20.26 -5.63 5.27
N GLY B 465 -21.58 -5.70 5.46
CA GLY B 465 -22.20 -6.67 6.35
C GLY B 465 -22.11 -6.30 7.82
N TYR B 466 -21.63 -5.08 8.11
CA TYR B 466 -21.51 -4.58 9.47
C TYR B 466 -22.74 -3.73 9.82
N ALA B 467 -23.20 -3.90 11.06
CA ALA B 467 -24.18 -3.02 11.65
C ALA B 467 -23.46 -2.12 12.66
N GLU B 468 -24.15 -1.05 13.08
CA GLU B 468 -23.66 -0.19 14.15
C GLU B 468 -23.40 -1.08 15.36
N PRO B 469 -22.18 -1.06 15.95
CA PRO B 469 -21.86 -1.99 17.04
C PRO B 469 -22.79 -1.81 18.23
N TRP B 470 -23.13 -2.92 18.88
CA TRP B 470 -23.84 -2.90 20.15
C TRP B 470 -22.93 -2.27 21.20
N HIS B 471 -23.41 -1.25 21.90
CA HIS B 471 -22.73 -0.67 23.05
C HIS B 471 -22.72 -1.69 24.19
N PRO B 472 -21.60 -1.88 24.93
CA PRO B 472 -21.56 -2.80 26.07
C PRO B 472 -22.66 -2.58 27.11
N GLY B 473 -23.20 -1.35 27.17
CA GLY B 473 -24.35 -1.04 28.00
C GLY B 473 -25.63 -1.68 27.50
N GLU B 474 -25.80 -1.74 26.18
CA GLU B 474 -26.96 -2.38 25.57
C GLU B 474 -26.91 -3.89 25.81
N ILE B 475 -25.70 -4.45 25.88
CA ILE B 475 -25.50 -5.86 26.14
C ILE B 475 -25.95 -6.18 27.56
N GLU B 476 -25.51 -5.38 28.55
CA GLU B 476 -25.85 -5.62 29.94
C GLU B 476 -27.35 -5.38 30.16
N GLU B 477 -27.91 -4.43 29.41
CA GLU B 477 -29.34 -4.16 29.45
C GLU B 477 -30.10 -5.40 29.01
N ALA B 478 -29.57 -6.07 27.98
CA ALA B 478 -30.17 -7.29 27.45
C ALA B 478 -30.08 -8.40 28.49
N GLN B 479 -28.94 -8.50 29.17
CA GLN B 479 -28.74 -9.46 30.24
C GLN B 479 -29.74 -9.20 31.36
N ASP B 480 -29.97 -7.92 31.70
CA ASP B 480 -30.93 -7.56 32.73
C ASP B 480 -32.33 -7.97 32.32
N LEU B 481 -32.66 -7.73 31.04
CA LEU B 481 -33.96 -8.12 30.50
C LEU B 481 -34.14 -9.64 30.59
N ARG B 482 -33.07 -10.39 30.25
CA ARG B 482 -33.12 -11.83 30.28
C ARG B 482 -33.52 -12.31 31.67
N ASP B 483 -32.82 -11.81 32.71
CA ASP B 483 -33.07 -12.19 34.09
C ASP B 483 -34.52 -11.90 34.46
N THR B 484 -34.95 -10.65 34.23
CA THR B 484 -36.29 -10.21 34.57
C THR B 484 -37.34 -11.14 33.95
N LEU B 485 -37.21 -11.38 32.63
CA LEU B 485 -38.18 -12.16 31.90
C LEU B 485 -38.11 -13.63 32.32
N THR B 486 -36.89 -14.16 32.47
CA THR B 486 -36.69 -15.53 32.94
C THR B 486 -37.42 -15.76 34.26
N GLY B 487 -37.28 -14.80 35.20
CA GLY B 487 -37.94 -14.87 36.49
C GLY B 487 -39.46 -14.74 36.38
N ALA B 488 -39.92 -13.72 35.64
CA ALA B 488 -41.33 -13.39 35.58
C ALA B 488 -42.14 -14.49 34.91
N LEU B 489 -41.55 -15.13 33.89
CA LEU B 489 -42.25 -16.11 33.08
C LEU B 489 -42.28 -17.49 33.74
N GLU B 490 -41.27 -17.80 34.56
CA GLU B 490 -41.22 -19.07 35.28
C GLU B 490 -42.29 -19.05 36.39
N MET C 15 11.75 -4.78 -59.34
CA MET C 15 10.93 -4.51 -58.13
C MET C 15 10.81 -3.00 -57.89
N SER C 16 11.91 -2.26 -58.15
CA SER C 16 11.92 -0.81 -58.04
C SER C 16 11.71 -0.16 -59.41
N ARG C 17 11.68 -0.98 -60.47
CA ARG C 17 11.47 -0.52 -61.83
C ARG C 17 10.11 0.16 -61.98
N ASP C 18 10.06 1.22 -62.79
CA ASP C 18 8.82 1.82 -63.23
C ASP C 18 8.14 0.85 -64.21
N PRO C 19 6.80 0.69 -64.17
CA PRO C 19 6.10 -0.16 -65.14
C PRO C 19 6.13 0.41 -66.55
N LEU C 20 6.17 -0.48 -67.57
CA LEU C 20 6.07 -0.08 -68.96
C LEU C 20 4.74 0.66 -69.19
N PRO C 21 4.69 1.64 -70.11
CA PRO C 21 3.50 2.49 -70.29
C PRO C 21 2.29 1.71 -70.79
N PHE C 22 1.14 2.04 -70.22
CA PHE C 22 -0.05 1.22 -70.31
C PHE C 22 -0.58 1.22 -71.74
N PHE C 23 -1.12 0.08 -72.16
CA PHE C 23 -1.98 0.01 -73.34
C PHE C 23 -3.27 0.76 -73.10
N PRO C 24 -3.96 1.22 -74.16
CA PRO C 24 -5.33 1.73 -74.01
C PRO C 24 -6.23 0.61 -73.47
N PRO C 25 -7.31 0.94 -72.74
CA PRO C 25 -8.28 -0.05 -72.32
C PRO C 25 -9.07 -0.64 -73.50
N LEU C 26 -9.79 -1.73 -73.21
CA LEU C 26 -10.50 -2.48 -74.23
C LEU C 26 -11.60 -1.62 -74.86
N TYR C 27 -12.26 -0.77 -74.07
CA TYR C 27 -13.32 0.10 -74.58
C TYR C 27 -12.74 1.26 -75.40
N LEU C 28 -11.41 1.40 -75.43
CA LEU C 28 -10.76 2.32 -76.38
C LEU C 28 -9.98 1.53 -77.41
N GLY C 29 -10.42 0.31 -77.69
CA GLY C 29 -9.88 -0.52 -78.75
C GLY C 29 -8.45 -0.99 -78.48
N GLY C 30 -8.09 -1.11 -77.20
CA GLY C 30 -6.74 -1.48 -76.83
C GLY C 30 -6.45 -2.96 -77.11
N PRO C 31 -5.16 -3.37 -77.13
CA PRO C 31 -4.82 -4.78 -77.28
C PRO C 31 -5.47 -5.68 -76.23
N GLU C 32 -5.77 -6.92 -76.63
CA GLU C 32 -6.26 -7.93 -75.74
C GLU C 32 -5.12 -8.33 -74.82
N ILE C 33 -5.42 -8.51 -73.53
CA ILE C 33 -4.37 -8.80 -72.55
C ILE C 33 -4.10 -10.31 -72.57
N THR C 34 -2.81 -10.65 -72.63
CA THR C 34 -2.35 -12.04 -72.59
C THR C 34 -1.26 -12.15 -71.53
N THR C 35 -0.75 -13.37 -71.33
CA THR C 35 0.34 -13.60 -70.41
C THR C 35 1.65 -13.00 -70.93
N GLU C 36 1.66 -12.53 -72.19
CA GLU C 36 2.85 -11.95 -72.79
C GLU C 36 2.91 -10.43 -72.61
N ASN C 37 1.76 -9.79 -72.33
CA ASN C 37 1.68 -8.34 -72.27
C ASN C 37 1.02 -7.90 -70.96
N CYS C 38 1.14 -8.73 -69.91
CA CYS C 38 0.61 -8.48 -68.57
C CYS C 38 0.81 -7.06 -68.09
N GLU C 39 2.05 -6.59 -68.16
CA GLU C 39 2.49 -5.39 -67.47
C GLU C 39 1.82 -4.14 -68.04
N ARG C 40 1.18 -4.26 -69.20
CA ARG C 40 0.69 -3.10 -69.93
C ARG C 40 -0.83 -2.96 -69.83
N GLU C 41 -1.50 -3.84 -69.05
CA GLU C 41 -2.93 -3.68 -68.82
C GLU C 41 -3.15 -2.44 -67.96
N PRO C 42 -4.04 -1.52 -68.40
CA PRO C 42 -4.36 -0.33 -67.61
C PRO C 42 -5.42 -0.66 -66.56
N ILE C 43 -4.98 -1.30 -65.46
CA ILE C 43 -5.90 -1.83 -64.45
C ILE C 43 -6.61 -0.70 -63.71
N HIS C 44 -6.07 0.52 -63.77
CA HIS C 44 -6.62 1.66 -63.03
C HIS C 44 -7.79 2.34 -63.77
N ILE C 45 -8.00 2.04 -65.06
CA ILE C 45 -9.06 2.65 -65.84
C ILE C 45 -9.89 1.58 -66.53
N PRO C 46 -10.50 0.62 -65.79
CA PRO C 46 -11.28 -0.43 -66.41
C PRO C 46 -12.67 0.00 -66.88
N GLY C 47 -13.07 1.23 -66.55
CA GLY C 47 -14.35 1.75 -67.01
C GLY C 47 -15.52 0.89 -66.53
N SER C 48 -15.30 0.21 -65.40
CA SER C 48 -16.28 -0.73 -64.88
C SER C 48 -16.03 -0.94 -63.39
N ILE C 49 -17.06 -1.45 -62.71
CA ILE C 49 -17.04 -1.62 -61.27
C ILE C 49 -17.53 -3.04 -60.95
N GLN C 50 -17.46 -3.37 -59.65
CA GLN C 50 -17.92 -4.65 -59.17
C GLN C 50 -19.40 -4.55 -58.83
N PRO C 51 -20.22 -5.57 -59.17
CA PRO C 51 -21.68 -5.41 -59.17
C PRO C 51 -22.37 -5.37 -57.80
N HIS C 52 -21.61 -5.57 -56.71
CA HIS C 52 -22.18 -5.52 -55.36
C HIS C 52 -22.42 -4.06 -54.93
N GLY C 53 -21.97 -3.10 -55.75
CA GLY C 53 -22.10 -1.69 -55.45
C GLY C 53 -22.49 -0.90 -56.70
N ALA C 54 -22.76 0.39 -56.47
CA ALA C 54 -23.01 1.32 -57.56
C ALA C 54 -21.99 2.46 -57.47
N LEU C 55 -21.67 3.05 -58.62
CA LEU C 55 -20.71 4.13 -58.67
C LEU C 55 -21.27 5.26 -59.50
N LEU C 56 -21.19 6.47 -58.92
CA LEU C 56 -21.44 7.70 -59.66
C LEU C 56 -20.11 8.47 -59.74
N THR C 57 -19.97 9.26 -60.81
CA THR C 57 -18.98 10.32 -60.83
C THR C 57 -19.74 11.64 -60.99
N ALA C 58 -19.14 12.71 -60.46
CA ALA C 58 -19.81 13.99 -60.42
C ALA C 58 -18.77 15.10 -60.50
N ASP C 59 -19.20 16.24 -61.06
CA ASP C 59 -18.34 17.40 -61.19
C ASP C 59 -17.99 17.92 -59.80
N GLY C 60 -16.71 18.25 -59.62
CA GLY C 60 -16.18 18.69 -58.33
C GLY C 60 -16.79 20.00 -57.85
N HIS C 61 -17.21 20.86 -58.78
CA HIS C 61 -17.77 22.16 -58.44
C HIS C 61 -19.29 22.09 -58.37
N SER C 62 -19.93 21.71 -59.47
CA SER C 62 -21.37 21.77 -59.60
C SER C 62 -22.06 20.61 -58.89
N GLY C 63 -21.38 19.47 -58.79
CA GLY C 63 -21.97 18.25 -58.26
C GLY C 63 -22.93 17.59 -59.25
N GLU C 64 -22.82 17.94 -60.53
CA GLU C 64 -23.61 17.31 -61.57
C GLU C 64 -23.10 15.89 -61.79
N VAL C 65 -24.03 14.93 -61.78
CA VAL C 65 -23.73 13.52 -62.01
C VAL C 65 -23.38 13.33 -63.48
N LEU C 66 -22.14 12.87 -63.73
CA LEU C 66 -21.57 12.77 -65.07
C LEU C 66 -21.62 11.32 -65.56
N GLN C 67 -21.29 10.36 -64.68
CA GLN C 67 -21.25 8.95 -65.05
C GLN C 67 -21.97 8.13 -63.99
N MET C 68 -22.53 6.99 -64.41
CA MET C 68 -23.10 6.05 -63.46
C MET C 68 -22.90 4.62 -63.98
N SER C 69 -22.72 3.70 -63.03
CA SER C 69 -22.69 2.28 -63.39
C SER C 69 -24.08 1.85 -63.84
N LEU C 70 -24.15 0.86 -64.74
CA LEU C 70 -25.40 0.45 -65.37
C LEU C 70 -26.32 -0.25 -64.37
N ASN C 71 -25.81 -0.57 -63.17
CA ASN C 71 -26.63 -1.17 -62.11
C ASN C 71 -27.17 -0.11 -61.14
N ALA C 72 -26.77 1.15 -61.34
CA ALA C 72 -26.98 2.20 -60.33
C ALA C 72 -28.44 2.62 -60.28
N ALA C 73 -29.13 2.66 -61.42
CA ALA C 73 -30.55 3.02 -61.44
C ALA C 73 -31.38 2.02 -60.63
N THR C 74 -31.16 0.72 -60.87
CA THR C 74 -31.86 -0.33 -60.14
C THR C 74 -31.48 -0.30 -58.66
N PHE C 75 -30.21 -0.04 -58.38
CA PHE C 75 -29.65 -0.12 -57.05
C PHE C 75 -30.12 1.06 -56.19
N LEU C 76 -30.19 2.25 -56.81
CA LEU C 76 -30.70 3.44 -56.16
C LEU C 76 -32.20 3.61 -56.35
N GLY C 77 -32.79 2.84 -57.27
CA GLY C 77 -34.25 2.80 -57.45
C GLY C 77 -34.79 4.04 -58.14
N GLN C 78 -33.94 4.68 -58.96
CA GLN C 78 -34.32 5.84 -59.76
C GLN C 78 -34.28 5.46 -61.24
N GLU C 79 -34.99 6.24 -62.06
CA GLU C 79 -34.99 6.06 -63.51
C GLU C 79 -33.65 6.59 -64.07
N PRO C 80 -33.03 5.87 -65.03
CA PRO C 80 -31.71 6.27 -65.55
C PRO C 80 -31.63 7.74 -65.99
N THR C 81 -32.62 8.17 -66.77
CA THR C 81 -32.72 9.51 -67.28
C THR C 81 -32.79 10.52 -66.14
N VAL C 82 -33.51 10.16 -65.06
CA VAL C 82 -33.71 11.05 -63.92
C VAL C 82 -32.41 11.20 -63.14
N LEU C 83 -31.67 10.09 -62.97
CA LEU C 83 -30.47 10.09 -62.15
C LEU C 83 -29.34 10.84 -62.86
N ARG C 84 -29.19 10.60 -64.16
CA ARG C 84 -28.17 11.28 -64.96
C ARG C 84 -28.58 12.74 -65.10
N GLY C 85 -27.65 13.65 -64.81
CA GLY C 85 -27.92 15.08 -64.89
C GLY C 85 -28.28 15.70 -63.54
N GLN C 86 -28.84 14.89 -62.62
CA GLN C 86 -29.13 15.32 -61.27
C GLN C 86 -27.85 15.83 -60.61
N THR C 87 -28.01 16.63 -59.54
CA THR C 87 -26.87 17.10 -58.77
C THR C 87 -26.81 16.36 -57.43
N LEU C 88 -25.62 16.36 -56.82
CA LEU C 88 -25.43 15.77 -55.51
C LEU C 88 -26.16 16.58 -54.45
N ALA C 89 -26.46 17.85 -54.73
CA ALA C 89 -27.29 18.68 -53.87
C ALA C 89 -28.69 18.07 -53.77
N ALA C 90 -29.24 17.59 -54.89
CA ALA C 90 -30.56 16.99 -54.94
C ALA C 90 -30.53 15.55 -54.43
N LEU C 91 -29.47 14.80 -54.77
CA LEU C 91 -29.36 13.39 -54.44
C LEU C 91 -28.97 13.21 -52.98
N LEU C 92 -27.98 13.98 -52.51
CA LEU C 92 -27.38 13.79 -51.20
C LEU C 92 -27.38 15.13 -50.47
N PRO C 93 -28.56 15.71 -50.15
CA PRO C 93 -28.63 17.05 -49.58
C PRO C 93 -27.91 17.21 -48.23
N GLU C 94 -27.94 16.15 -47.42
CA GLU C 94 -27.34 16.17 -46.10
C GLU C 94 -25.82 16.06 -46.20
N GLN C 95 -25.35 15.26 -47.16
CA GLN C 95 -23.93 14.90 -47.25
C GLN C 95 -23.17 15.88 -48.14
N TRP C 96 -23.86 16.43 -49.16
CA TRP C 96 -23.22 17.26 -50.17
C TRP C 96 -22.37 18.36 -49.54
N PRO C 97 -22.88 19.15 -48.57
CA PRO C 97 -22.07 20.17 -47.90
C PRO C 97 -20.80 19.63 -47.24
N ALA C 98 -20.94 18.52 -46.49
CA ALA C 98 -19.83 17.91 -45.78
C ALA C 98 -18.81 17.33 -46.75
N LEU C 99 -19.31 16.86 -47.89
CA LEU C 99 -18.52 16.19 -48.90
C LEU C 99 -17.52 17.15 -49.53
N GLN C 100 -17.97 18.38 -49.84
CA GLN C 100 -17.12 19.40 -50.45
C GLN C 100 -15.99 19.81 -49.50
N ALA C 101 -16.33 19.93 -48.21
CA ALA C 101 -15.36 20.37 -47.21
C ALA C 101 -14.28 19.30 -47.01
N ALA C 102 -14.70 18.02 -47.01
CA ALA C 102 -13.81 16.91 -46.70
C ALA C 102 -12.84 16.63 -47.86
N LEU C 103 -13.26 16.97 -49.09
CA LEU C 103 -12.49 16.69 -50.30
C LEU C 103 -12.28 17.99 -51.07
N PRO C 104 -11.43 18.92 -50.59
CA PRO C 104 -11.17 20.17 -51.30
C PRO C 104 -10.28 19.90 -52.52
N PRO C 105 -10.36 20.73 -53.59
CA PRO C 105 -9.48 20.57 -54.75
C PRO C 105 -8.01 20.41 -54.37
N GLY C 106 -7.34 19.45 -55.03
CA GLY C 106 -5.91 19.23 -54.85
C GLY C 106 -5.59 18.30 -53.68
N CYS C 107 -6.61 17.80 -52.98
CA CYS C 107 -6.41 16.80 -51.95
C CYS C 107 -5.93 15.51 -52.60
N PRO C 108 -5.22 14.62 -51.89
CA PRO C 108 -4.81 13.32 -52.46
C PRO C 108 -6.04 12.47 -52.81
N ASP C 109 -5.87 11.58 -53.79
CA ASP C 109 -6.97 10.74 -54.26
C ASP C 109 -7.22 9.57 -53.29
N ALA C 110 -6.31 9.38 -52.34
CA ALA C 110 -6.47 8.36 -51.30
C ALA C 110 -7.40 8.85 -50.19
N LEU C 111 -7.55 10.18 -50.06
CA LEU C 111 -8.43 10.76 -49.06
C LEU C 111 -9.88 10.41 -49.40
N GLN C 112 -10.69 10.14 -48.38
CA GLN C 112 -12.05 9.63 -48.59
C GLN C 112 -13.03 10.31 -47.63
N TYR C 113 -14.18 10.71 -48.17
CA TYR C 113 -15.34 11.02 -47.37
C TYR C 113 -16.19 9.76 -47.29
N ARG C 114 -16.72 9.45 -46.09
CA ARG C 114 -17.55 8.27 -45.93
C ARG C 114 -18.80 8.62 -45.13
N ALA C 115 -19.93 8.01 -45.51
CA ALA C 115 -21.21 8.22 -44.84
C ALA C 115 -22.04 6.95 -44.90
N THR C 116 -23.03 6.88 -44.01
CA THR C 116 -24.04 5.85 -44.01
C THR C 116 -25.38 6.49 -44.35
N LEU C 117 -26.08 5.93 -45.34
CA LEU C 117 -27.34 6.48 -45.81
C LEU C 117 -28.45 5.48 -45.50
N ASP C 118 -29.68 5.98 -45.37
CA ASP C 118 -30.87 5.19 -45.58
C ASP C 118 -31.31 5.37 -47.03
N TRP C 119 -31.66 4.26 -47.68
CA TRP C 119 -32.26 4.33 -49.01
C TRP C 119 -33.57 3.53 -49.03
N PRO C 120 -34.63 4.06 -49.68
CA PRO C 120 -35.99 3.53 -49.56
C PRO C 120 -36.14 2.01 -49.50
N ALA C 121 -35.48 1.30 -50.43
CA ALA C 121 -35.59 -0.15 -50.53
C ALA C 121 -35.20 -0.79 -49.18
N HIS C 124 -29.65 -0.02 -45.12
CA HIS C 124 -28.45 0.81 -44.81
C HIS C 124 -27.52 0.77 -46.02
N LEU C 125 -26.94 1.93 -46.38
CA LEU C 125 -26.10 2.04 -47.55
C LEU C 125 -24.81 2.77 -47.18
N SER C 126 -23.67 2.15 -47.51
CA SER C 126 -22.36 2.75 -47.29
C SER C 126 -21.96 3.60 -48.49
N LEU C 127 -21.55 4.84 -48.24
CA LEU C 127 -21.10 5.76 -49.28
C LEU C 127 -19.63 6.09 -49.05
N THR C 128 -18.78 5.87 -50.07
CA THR C 128 -17.38 6.28 -50.02
C THR C 128 -17.09 7.18 -51.21
N VAL C 129 -16.55 8.38 -50.93
CA VAL C 129 -16.30 9.39 -51.95
C VAL C 129 -14.83 9.76 -51.90
N HIS C 130 -14.24 9.96 -53.08
CA HIS C 130 -12.88 10.49 -53.18
C HIS C 130 -12.83 11.37 -54.42
N ARG C 131 -11.74 12.12 -54.55
CA ARG C 131 -11.59 13.13 -55.58
C ARG C 131 -10.35 12.84 -56.42
N VAL C 132 -10.55 12.84 -57.75
CA VAL C 132 -9.45 12.83 -58.70
C VAL C 132 -9.65 14.03 -59.63
N GLY C 133 -8.62 14.88 -59.72
CA GLY C 133 -8.70 16.10 -60.52
C GLY C 133 -9.93 16.92 -60.16
N GLU C 134 -10.84 17.11 -61.13
CA GLU C 134 -12.03 17.92 -60.95
C GLU C 134 -13.26 17.03 -60.77
N LEU C 135 -13.03 15.77 -60.37
CA LEU C 135 -14.06 14.74 -60.43
C LEU C 135 -14.18 14.08 -59.05
N LEU C 136 -15.42 13.99 -58.56
CA LEU C 136 -15.74 13.22 -57.37
C LEU C 136 -16.23 11.84 -57.81
N ILE C 137 -15.78 10.80 -57.10
CA ILE C 137 -16.19 9.43 -57.38
C ILE C 137 -16.88 8.88 -56.15
N LEU C 138 -18.17 8.54 -56.30
CA LEU C 138 -19.01 8.10 -55.19
C LEU C 138 -19.33 6.62 -55.34
N GLU C 139 -18.99 5.85 -54.30
CA GLU C 139 -19.22 4.41 -54.30
C GLU C 139 -20.27 4.09 -53.24
N PHE C 140 -21.31 3.37 -53.65
CA PHE C 140 -22.39 2.97 -52.77
C PHE C 140 -22.40 1.45 -52.67
N GLU C 141 -22.46 0.91 -51.45
CA GLU C 141 -22.67 -0.53 -51.29
C GLU C 141 -23.50 -0.76 -50.03
N PRO C 142 -24.28 -1.88 -49.97
CA PRO C 142 -25.06 -2.22 -48.79
C PRO C 142 -24.19 -2.48 -47.56
N THR C 143 -24.73 -2.18 -46.38
CA THR C 143 -24.01 -2.35 -45.13
C THR C 143 -25.02 -2.71 -44.04
N GLU C 144 -24.51 -3.23 -42.92
CA GLU C 144 -25.35 -3.78 -41.87
C GLU C 144 -24.75 -3.44 -40.50
N ALA C 145 -24.62 -2.14 -40.21
CA ALA C 145 -24.02 -1.69 -38.96
C ALA C 145 -25.01 -1.92 -37.81
N HIS C 152 -11.97 -4.23 -32.03
CA HIS C 152 -11.43 -4.50 -30.67
C HIS C 152 -10.66 -5.82 -30.64
N ALA C 153 -11.06 -6.80 -31.47
CA ALA C 153 -10.31 -8.03 -31.61
C ALA C 153 -8.90 -7.74 -32.14
N LEU C 154 -8.78 -6.66 -32.93
CA LEU C 154 -7.49 -6.16 -33.39
C LEU C 154 -6.67 -5.68 -32.20
N ARG C 155 -7.29 -4.87 -31.33
CA ARG C 155 -6.63 -4.33 -30.15
C ARG C 155 -5.95 -5.45 -29.35
N ASN C 156 -6.60 -6.62 -29.26
CA ASN C 156 -6.09 -7.72 -28.45
C ASN C 156 -4.92 -8.39 -29.15
N ALA C 157 -4.89 -8.33 -30.48
CA ALA C 157 -3.82 -8.94 -31.27
C ALA C 157 -2.57 -8.07 -31.26
N MET C 158 -2.72 -6.80 -30.86
CA MET C 158 -1.60 -5.86 -30.87
C MET C 158 -0.50 -6.30 -29.93
N PHE C 159 -0.86 -7.02 -28.86
CA PHE C 159 0.11 -7.52 -27.90
C PHE C 159 0.95 -8.61 -28.55
N ALA C 160 0.28 -9.52 -29.26
CA ALA C 160 0.95 -10.61 -29.97
C ALA C 160 1.83 -10.06 -31.10
N LEU C 161 1.38 -8.98 -31.75
CA LEU C 161 2.15 -8.33 -32.80
C LEU C 161 3.43 -7.71 -32.23
N GLU C 162 3.30 -6.99 -31.12
CA GLU C 162 4.43 -6.33 -30.48
C GLU C 162 5.41 -7.36 -29.92
N SER C 163 4.88 -8.47 -29.38
CA SER C 163 5.69 -9.49 -28.73
C SER C 163 6.55 -10.25 -29.74
N ALA C 164 6.02 -10.42 -30.96
CA ALA C 164 6.66 -11.25 -31.97
C ALA C 164 8.16 -11.00 -31.98
N PRO C 165 9.00 -12.03 -31.69
CA PRO C 165 10.46 -11.84 -31.62
C PRO C 165 11.19 -11.71 -32.95
N ASN C 166 10.51 -12.01 -34.06
CA ASN C 166 11.14 -11.92 -35.37
C ASN C 166 10.06 -11.79 -36.46
N LEU C 167 10.52 -11.57 -37.70
CA LEU C 167 9.68 -11.32 -38.85
C LEU C 167 8.75 -12.51 -39.11
N ARG C 168 9.27 -13.74 -38.97
CA ARG C 168 8.49 -14.92 -39.24
C ARG C 168 7.35 -15.04 -38.22
N ALA C 169 7.68 -14.82 -36.94
CA ALA C 169 6.71 -14.89 -35.88
C ALA C 169 5.63 -13.81 -36.06
N LEU C 170 6.08 -12.63 -36.48
CA LEU C 170 5.19 -11.51 -36.73
C LEU C 170 4.25 -11.83 -37.89
N ALA C 171 4.80 -12.41 -38.96
CA ALA C 171 4.03 -12.81 -40.12
C ALA C 171 2.91 -13.78 -39.72
N GLU C 172 3.25 -14.74 -38.85
CA GLU C 172 2.30 -15.76 -38.40
C GLU C 172 1.17 -15.10 -37.60
N VAL C 173 1.53 -14.18 -36.71
CA VAL C 173 0.55 -13.50 -35.88
C VAL C 173 -0.38 -12.65 -36.76
N ALA C 174 0.21 -11.93 -37.72
CA ALA C 174 -0.53 -11.05 -38.62
C ALA C 174 -1.60 -11.82 -39.38
N THR C 175 -1.22 -12.94 -40.00
CA THR C 175 -2.14 -13.74 -40.80
C THR C 175 -3.24 -14.36 -39.94
N GLN C 176 -2.85 -14.85 -38.75
CA GLN C 176 -3.81 -15.44 -37.84
C GLN C 176 -4.79 -14.36 -37.36
N THR C 177 -4.26 -13.15 -37.12
CA THR C 177 -5.07 -12.03 -36.65
C THR C 177 -6.10 -11.64 -37.71
N VAL C 178 -5.64 -11.48 -38.95
CA VAL C 178 -6.50 -11.07 -40.05
C VAL C 178 -7.58 -12.12 -40.30
N ARG C 179 -7.22 -13.40 -40.15
CA ARG C 179 -8.18 -14.47 -40.36
C ARG C 179 -9.28 -14.43 -39.30
N GLU C 180 -8.91 -14.14 -38.05
CA GLU C 180 -9.87 -14.01 -36.97
C GLU C 180 -10.78 -12.78 -37.17
N LEU C 181 -10.21 -11.69 -37.69
CA LEU C 181 -10.94 -10.46 -37.97
C LEU C 181 -12.01 -10.70 -39.04
N THR C 182 -11.65 -11.42 -40.10
CA THR C 182 -12.39 -11.42 -41.35
C THR C 182 -13.23 -12.68 -41.54
N GLY C 183 -12.74 -13.81 -41.01
CA GLY C 183 -13.35 -15.11 -41.27
C GLY C 183 -12.91 -15.72 -42.60
N PHE C 184 -11.95 -15.08 -43.28
CA PHE C 184 -11.46 -15.55 -44.57
C PHE C 184 -10.89 -16.96 -44.44
N ASP C 185 -11.16 -17.79 -45.46
CA ASP C 185 -10.76 -19.19 -45.47
C ASP C 185 -9.24 -19.30 -45.54
N ARG C 186 -8.59 -18.33 -46.20
CA ARG C 186 -7.13 -18.31 -46.21
C ARG C 186 -6.63 -16.87 -46.10
N VAL C 187 -5.57 -16.69 -45.31
CA VAL C 187 -4.87 -15.43 -45.20
C VAL C 187 -3.38 -15.71 -45.25
N MET C 188 -2.68 -15.02 -46.15
CA MET C 188 -1.26 -15.27 -46.36
C MET C 188 -0.49 -13.96 -46.22
N LEU C 189 0.77 -14.06 -45.80
CA LEU C 189 1.70 -12.95 -45.97
C LEU C 189 2.64 -13.33 -47.11
N TYR C 190 2.56 -12.53 -48.17
CA TYR C 190 3.30 -12.72 -49.40
C TYR C 190 4.42 -11.70 -49.42
N LYS C 191 5.68 -12.16 -49.39
CA LYS C 191 6.84 -11.31 -49.34
C LYS C 191 7.50 -11.27 -50.72
N PHE C 192 7.85 -10.07 -51.18
CA PHE C 192 8.50 -9.87 -52.47
C PHE C 192 10.02 -9.97 -52.31
N ALA C 193 10.64 -10.77 -53.19
CA ALA C 193 12.09 -10.78 -53.30
C ALA C 193 12.51 -9.57 -54.12
N PRO C 194 13.81 -9.19 -54.13
CA PRO C 194 14.27 -8.06 -54.95
C PRO C 194 14.03 -8.20 -56.45
N ASP C 195 13.87 -9.43 -56.94
CA ASP C 195 13.55 -9.70 -58.33
C ASP C 195 12.02 -9.75 -58.53
N ALA C 196 11.27 -9.48 -57.45
CA ALA C 196 9.83 -9.26 -57.51
C ALA C 196 9.07 -10.58 -57.55
N THR C 197 9.79 -11.72 -57.55
CA THR C 197 9.18 -13.00 -57.23
C THR C 197 8.70 -12.91 -55.78
N GLY C 198 7.78 -13.81 -55.42
CA GLY C 198 7.20 -13.77 -54.09
C GLY C 198 7.21 -15.14 -53.43
N GLU C 199 7.07 -15.10 -52.10
CA GLU C 199 7.02 -16.29 -51.29
C GLU C 199 5.96 -16.08 -50.23
N VAL C 200 5.09 -17.08 -50.02
CA VAL C 200 4.20 -17.08 -48.89
C VAL C 200 5.03 -17.46 -47.66
N ILE C 201 5.31 -16.48 -46.79
CA ILE C 201 6.17 -16.70 -45.64
C ILE C 201 5.34 -16.98 -44.39
N ALA C 202 4.01 -16.77 -44.48
CA ALA C 202 3.11 -17.17 -43.42
C ALA C 202 1.70 -17.39 -44.00
N GLU C 203 0.90 -18.22 -43.33
CA GLU C 203 -0.40 -18.63 -43.83
C GLU C 203 -1.27 -19.11 -42.67
N ALA C 204 -2.49 -18.57 -42.60
CA ALA C 204 -3.54 -19.07 -41.74
C ALA C 204 -4.68 -19.55 -42.63
N ARG C 205 -5.10 -20.80 -42.46
CA ARG C 205 -6.07 -21.39 -43.37
C ARG C 205 -7.05 -22.29 -42.64
N ARG C 206 -8.22 -22.48 -43.26
CA ARG C 206 -9.26 -23.39 -42.80
C ARG C 206 -8.71 -24.81 -42.89
N GLU C 207 -9.15 -25.67 -41.97
CA GLU C 207 -8.74 -27.07 -41.98
C GLU C 207 -9.19 -27.69 -43.31
N GLY C 208 -8.30 -28.43 -43.97
CA GLY C 208 -8.67 -29.14 -45.18
C GLY C 208 -8.05 -28.53 -46.45
N LEU C 209 -7.77 -27.22 -46.43
CA LEU C 209 -7.08 -26.58 -47.54
C LEU C 209 -5.60 -26.95 -47.52
N HIS C 210 -5.05 -27.21 -48.70
CA HIS C 210 -3.63 -27.49 -48.86
C HIS C 210 -2.86 -26.18 -48.70
N ALA C 211 -1.64 -26.28 -48.17
CA ALA C 211 -0.87 -25.11 -47.75
C ALA C 211 -0.18 -24.47 -48.95
N PHE C 212 -0.17 -23.12 -48.99
CA PHE C 212 0.69 -22.37 -49.88
C PHE C 212 1.99 -21.96 -49.18
N LEU C 213 2.06 -22.18 -47.86
CA LEU C 213 3.21 -21.73 -47.08
C LEU C 213 4.49 -22.28 -47.70
N GLY C 214 5.45 -21.39 -48.00
CA GLY C 214 6.76 -21.77 -48.50
C GLY C 214 6.82 -21.77 -50.03
N HIS C 215 5.64 -21.71 -50.67
CA HIS C 215 5.57 -21.72 -52.12
C HIS C 215 6.07 -20.38 -52.65
N ARG C 216 6.77 -20.43 -53.79
CA ARG C 216 7.27 -19.26 -54.48
C ARG C 216 6.51 -19.09 -55.80
N PHE C 217 6.35 -17.83 -56.20
CA PHE C 217 5.52 -17.47 -57.33
C PHE C 217 6.27 -16.44 -58.17
N PRO C 218 6.12 -16.47 -59.52
CA PRO C 218 6.88 -15.56 -60.39
C PRO C 218 6.41 -14.11 -60.28
N ALA C 219 7.32 -13.19 -60.64
CA ALA C 219 7.07 -11.76 -60.61
C ALA C 219 5.75 -11.40 -61.31
N SER C 220 5.43 -12.11 -62.39
CA SER C 220 4.35 -11.73 -63.29
C SER C 220 2.97 -12.06 -62.72
N ASP C 221 2.91 -12.83 -61.63
CA ASP C 221 1.64 -13.13 -60.98
C ASP C 221 1.07 -11.86 -60.35
N ILE C 222 1.96 -10.95 -59.93
CA ILE C 222 1.58 -9.60 -59.56
C ILE C 222 2.47 -8.65 -60.37
N PRO C 223 2.03 -8.21 -61.57
CA PRO C 223 2.87 -7.46 -62.49
C PRO C 223 3.16 -6.04 -62.02
N ALA C 224 4.15 -5.41 -62.68
CA ALA C 224 4.79 -4.19 -62.19
C ALA C 224 3.78 -3.06 -62.01
N GLN C 225 2.78 -2.95 -62.91
CA GLN C 225 1.84 -1.85 -62.84
C GLN C 225 0.91 -2.06 -61.63
N ALA C 226 0.61 -3.32 -61.31
CA ALA C 226 -0.16 -3.66 -60.14
C ALA C 226 0.64 -3.29 -58.88
N ARG C 227 1.90 -3.74 -58.82
CA ARG C 227 2.76 -3.45 -57.69
C ARG C 227 2.92 -1.95 -57.48
N ALA C 228 3.02 -1.20 -58.58
CA ALA C 228 3.11 0.25 -58.52
C ALA C 228 1.81 0.84 -57.97
N LEU C 229 0.66 0.40 -58.51
CA LEU C 229 -0.63 0.87 -58.04
C LEU C 229 -0.78 0.58 -56.55
N TYR C 230 -0.30 -0.61 -56.13
CA TYR C 230 -0.47 -1.09 -54.78
C TYR C 230 0.44 -0.36 -53.79
N THR C 231 1.41 0.40 -54.29
CA THR C 231 2.26 1.23 -53.46
C THR C 231 1.52 2.50 -53.04
N ARG C 232 0.52 2.92 -53.82
CA ARG C 232 -0.22 4.16 -53.58
C ARG C 232 -1.59 3.87 -52.98
N HIS C 233 -2.32 2.89 -53.54
CA HIS C 233 -3.61 2.48 -53.04
C HIS C 233 -3.46 1.11 -52.37
N LEU C 234 -3.61 1.08 -51.04
CA LEU C 234 -3.03 0.05 -50.20
C LEU C 234 -3.99 -1.11 -49.93
N LEU C 235 -5.27 -1.00 -50.35
CA LEU C 235 -6.21 -2.10 -50.23
C LEU C 235 -7.02 -2.24 -51.52
N ARG C 236 -7.15 -3.49 -51.99
CA ARG C 236 -8.06 -3.78 -53.09
C ARG C 236 -8.64 -5.17 -52.89
N LEU C 237 -9.76 -5.45 -53.57
CA LEU C 237 -10.51 -6.67 -53.34
C LEU C 237 -11.35 -7.04 -54.57
N THR C 238 -11.73 -8.33 -54.64
CA THR C 238 -12.77 -8.82 -55.51
C THR C 238 -13.81 -9.53 -54.65
N ALA C 239 -15.00 -8.93 -54.54
CA ALA C 239 -16.03 -9.44 -53.64
C ALA C 239 -16.58 -10.76 -54.15
N ASP C 240 -16.80 -10.86 -55.47
CA ASP C 240 -17.38 -12.03 -56.10
C ASP C 240 -16.68 -12.26 -57.43
N THR C 241 -15.91 -13.35 -57.51
CA THR C 241 -15.08 -13.62 -58.69
C THR C 241 -15.91 -14.20 -59.84
N ARG C 242 -17.19 -14.51 -59.59
CA ARG C 242 -18.05 -15.08 -60.61
C ARG C 242 -19.07 -14.03 -61.09
N ALA C 243 -19.03 -12.82 -60.50
CA ALA C 243 -19.79 -11.68 -60.96
C ALA C 243 -18.93 -10.93 -61.97
N ALA C 244 -19.52 -10.56 -63.12
CA ALA C 244 -18.79 -9.75 -64.09
C ALA C 244 -18.91 -8.29 -63.69
N ALA C 245 -17.87 -7.51 -64.05
CA ALA C 245 -17.86 -6.07 -63.88
C ALA C 245 -19.03 -5.40 -64.59
N VAL C 246 -19.51 -4.31 -64.00
CA VAL C 246 -20.60 -3.51 -64.53
C VAL C 246 -20.01 -2.23 -65.12
N PRO C 247 -20.25 -1.94 -66.42
CA PRO C 247 -19.70 -0.72 -67.03
C PRO C 247 -20.21 0.59 -66.44
N LEU C 248 -19.35 1.62 -66.49
CA LEU C 248 -19.73 3.01 -66.30
C LEU C 248 -20.31 3.55 -67.59
N ASP C 249 -21.38 4.37 -67.47
CA ASP C 249 -22.04 4.98 -68.61
C ASP C 249 -22.20 6.48 -68.38
N PRO C 250 -21.63 7.37 -69.23
CA PRO C 250 -20.71 6.97 -70.29
C PRO C 250 -19.39 6.48 -69.70
N VAL C 251 -18.63 5.73 -70.50
CA VAL C 251 -17.42 5.10 -70.00
C VAL C 251 -16.32 6.17 -69.85
N LEU C 252 -16.30 7.16 -70.74
CA LEU C 252 -15.32 8.25 -70.66
C LEU C 252 -15.87 9.36 -69.78
N ASN C 253 -14.95 10.08 -69.12
CA ASN C 253 -15.27 11.23 -68.31
C ASN C 253 -15.64 12.39 -69.24
N PRO C 254 -16.88 12.94 -69.19
CA PRO C 254 -17.27 14.09 -70.01
C PRO C 254 -16.41 15.33 -69.85
N GLN C 255 -15.84 15.53 -68.67
CA GLN C 255 -14.96 16.66 -68.40
C GLN C 255 -13.76 16.65 -69.32
N THR C 256 -13.17 15.47 -69.51
CA THR C 256 -11.87 15.33 -70.16
C THR C 256 -11.98 14.60 -71.50
N ASN C 257 -13.12 13.94 -71.73
CA ASN C 257 -13.26 13.00 -72.83
C ASN C 257 -12.13 11.96 -72.75
N ALA C 258 -11.86 11.48 -71.54
CA ALA C 258 -10.78 10.55 -71.29
C ALA C 258 -11.21 9.56 -70.19
N PRO C 259 -10.48 8.42 -70.04
CA PRO C 259 -10.82 7.42 -69.03
C PRO C 259 -10.87 7.99 -67.62
N THR C 260 -11.81 7.47 -66.82
CA THR C 260 -11.95 7.85 -65.42
C THR C 260 -10.97 7.05 -64.57
N PRO C 261 -10.03 7.70 -63.83
CA PRO C 261 -9.13 6.98 -62.92
C PRO C 261 -9.89 6.36 -61.77
N LEU C 262 -9.80 5.03 -61.63
CA LEU C 262 -10.54 4.29 -60.63
C LEU C 262 -9.60 3.63 -59.62
N GLY C 263 -8.31 3.99 -59.65
CA GLY C 263 -7.31 3.37 -58.79
C GLY C 263 -7.65 3.49 -57.29
N GLY C 264 -8.26 4.60 -56.90
CA GLY C 264 -8.63 4.83 -55.51
C GLY C 264 -10.08 4.40 -55.20
N ALA C 265 -10.72 3.69 -56.14
CA ALA C 265 -12.09 3.22 -55.96
C ALA C 265 -12.06 1.73 -55.61
N VAL C 266 -12.65 1.38 -54.47
CA VAL C 266 -12.67 0.02 -53.99
C VAL C 266 -13.58 -0.82 -54.90
N LEU C 267 -14.58 -0.20 -55.55
CA LEU C 267 -15.48 -0.87 -56.47
C LEU C 267 -14.82 -1.05 -57.85
N ARG C 268 -13.60 -0.53 -58.04
CA ARG C 268 -12.87 -0.72 -59.28
C ARG C 268 -12.93 -2.19 -59.69
N ALA C 269 -13.20 -2.43 -60.98
CA ALA C 269 -13.22 -3.79 -61.51
C ALA C 269 -11.81 -4.36 -61.49
N THR C 270 -11.72 -5.63 -61.07
CA THR C 270 -10.46 -6.34 -61.01
C THR C 270 -10.07 -6.79 -62.42
N SER C 271 -8.75 -6.80 -62.67
CA SER C 271 -8.23 -7.32 -63.92
C SER C 271 -8.82 -8.70 -64.19
N PRO C 272 -9.49 -8.92 -65.34
CA PRO C 272 -9.95 -10.25 -65.75
C PRO C 272 -8.92 -11.37 -65.66
N MET C 273 -7.64 -11.06 -65.96
CA MET C 273 -6.56 -12.04 -65.84
C MET C 273 -6.51 -12.59 -64.41
N HIS C 274 -6.55 -11.66 -63.45
CA HIS C 274 -6.44 -12.01 -62.05
C HIS C 274 -7.71 -12.72 -61.57
N MET C 275 -8.87 -12.26 -62.04
CA MET C 275 -10.13 -12.89 -61.67
C MET C 275 -10.15 -14.35 -62.14
N GLN C 276 -9.60 -14.60 -63.33
CA GLN C 276 -9.51 -15.96 -63.85
C GLN C 276 -8.62 -16.79 -62.94
N TYR C 277 -7.46 -16.22 -62.57
CA TYR C 277 -6.52 -16.89 -61.69
C TYR C 277 -7.18 -17.24 -60.36
N LEU C 278 -8.04 -16.33 -59.85
CA LEU C 278 -8.73 -16.57 -58.61
C LEU C 278 -9.69 -17.75 -58.76
N ARG C 279 -10.39 -17.80 -59.90
CA ARG C 279 -11.37 -18.85 -60.15
C ARG C 279 -10.67 -20.21 -60.26
N ASN C 280 -9.48 -20.23 -60.86
CA ASN C 280 -8.69 -21.46 -60.95
C ASN C 280 -8.33 -21.97 -59.57
N MET C 281 -8.24 -21.06 -58.60
CA MET C 281 -7.89 -21.39 -57.23
C MET C 281 -9.13 -21.66 -56.40
N GLY C 282 -10.31 -21.64 -57.04
CA GLY C 282 -11.57 -21.85 -56.35
C GLY C 282 -11.85 -20.75 -55.34
N VAL C 283 -11.29 -19.56 -55.59
CA VAL C 283 -11.47 -18.40 -54.75
C VAL C 283 -12.71 -17.65 -55.23
N GLY C 284 -13.65 -17.46 -54.30
CA GLY C 284 -14.87 -16.73 -54.57
C GLY C 284 -14.75 -15.26 -54.21
N SER C 285 -13.90 -14.95 -53.23
CA SER C 285 -13.67 -13.58 -52.82
C SER C 285 -12.19 -13.40 -52.46
N SER C 286 -11.65 -12.22 -52.77
CA SER C 286 -10.24 -11.94 -52.56
C SER C 286 -10.04 -10.52 -52.04
N LEU C 287 -9.01 -10.34 -51.21
CA LEU C 287 -8.64 -9.05 -50.68
C LEU C 287 -7.15 -9.07 -50.35
N SER C 288 -6.43 -8.00 -50.67
CA SER C 288 -5.06 -7.88 -50.19
C SER C 288 -4.81 -6.46 -49.70
N VAL C 289 -3.86 -6.35 -48.75
CA VAL C 289 -3.42 -5.08 -48.21
C VAL C 289 -1.92 -4.98 -48.47
N SER C 290 -1.47 -3.81 -48.94
CA SER C 290 -0.06 -3.56 -49.20
C SER C 290 0.73 -3.45 -47.89
N VAL C 291 1.89 -4.10 -47.86
CA VAL C 291 2.91 -3.86 -46.85
C VAL C 291 4.03 -3.07 -47.54
N VAL C 292 4.13 -1.79 -47.18
CA VAL C 292 5.06 -0.86 -47.81
C VAL C 292 6.12 -0.47 -46.78
N VAL C 293 7.39 -0.62 -47.14
CA VAL C 293 8.50 -0.42 -46.23
C VAL C 293 9.56 0.41 -46.94
N GLY C 294 9.75 1.65 -46.51
CA GLY C 294 10.72 2.57 -47.10
C GLY C 294 10.27 3.08 -48.46
N GLY C 295 8.95 3.22 -48.65
CA GLY C 295 8.38 3.63 -49.93
C GLY C 295 8.39 2.53 -50.97
N GLN C 296 8.81 1.31 -50.59
CA GLN C 296 8.89 0.17 -51.50
C GLN C 296 7.91 -0.91 -51.05
N LEU C 297 7.25 -1.56 -52.01
CA LEU C 297 6.29 -2.61 -51.69
C LEU C 297 7.06 -3.82 -51.21
N TRP C 298 6.87 -4.17 -49.93
CA TRP C 298 7.61 -5.23 -49.27
C TRP C 298 6.87 -6.56 -49.43
N GLY C 299 5.54 -6.49 -49.39
CA GLY C 299 4.73 -7.69 -49.42
C GLY C 299 3.24 -7.34 -49.45
N LEU C 300 2.42 -8.38 -49.29
CA LEU C 300 0.97 -8.26 -49.32
C LEU C 300 0.40 -9.19 -48.25
N ILE C 301 -0.59 -8.68 -47.52
CA ILE C 301 -1.52 -9.53 -46.81
C ILE C 301 -2.56 -9.97 -47.84
N ALA C 302 -2.50 -11.24 -48.26
CA ALA C 302 -3.36 -11.76 -49.30
C ALA C 302 -4.41 -12.70 -48.69
N CYS C 303 -5.69 -12.36 -48.90
CA CYS C 303 -6.81 -13.08 -48.31
C CYS C 303 -7.67 -13.73 -49.40
N HIS C 304 -8.09 -14.98 -49.16
CA HIS C 304 -8.98 -15.70 -50.04
C HIS C 304 -10.19 -16.25 -49.27
N HIS C 305 -11.38 -16.18 -49.88
CA HIS C 305 -12.54 -16.91 -49.41
C HIS C 305 -13.03 -17.82 -50.52
N GLN C 306 -13.53 -19.01 -50.15
CA GLN C 306 -14.04 -19.98 -51.12
C GLN C 306 -15.36 -19.50 -51.71
N THR C 307 -16.07 -18.64 -50.96
CA THR C 307 -17.39 -18.16 -51.34
C THR C 307 -17.37 -16.64 -51.50
N PRO C 308 -18.26 -16.05 -52.34
CA PRO C 308 -18.40 -14.60 -52.39
C PRO C 308 -18.59 -13.98 -51.01
N TYR C 309 -18.03 -12.79 -50.82
CA TYR C 309 -17.98 -12.18 -49.51
C TYR C 309 -17.65 -10.69 -49.68
N VAL C 310 -18.64 -9.85 -49.38
CA VAL C 310 -18.44 -8.42 -49.31
C VAL C 310 -18.00 -8.11 -47.88
N LEU C 311 -16.70 -7.86 -47.70
CA LEU C 311 -16.18 -7.44 -46.41
C LEU C 311 -16.74 -6.06 -46.09
N PRO C 312 -17.39 -5.86 -44.93
CA PRO C 312 -17.93 -4.54 -44.56
C PRO C 312 -16.88 -3.43 -44.57
N PRO C 313 -17.26 -2.18 -44.96
CA PRO C 313 -16.32 -1.06 -45.02
C PRO C 313 -15.49 -0.80 -43.77
N ASP C 314 -16.09 -1.00 -42.59
CA ASP C 314 -15.43 -0.73 -41.32
C ASP C 314 -14.32 -1.76 -41.08
N LEU C 315 -14.52 -3.00 -41.53
CA LEU C 315 -13.52 -4.03 -41.38
C LEU C 315 -12.36 -3.79 -42.34
N ARG C 316 -12.67 -3.23 -43.52
CA ARG C 316 -11.65 -2.88 -44.50
C ARG C 316 -10.74 -1.79 -43.92
N THR C 317 -11.35 -0.79 -43.28
CA THR C 317 -10.64 0.25 -42.57
C THR C 317 -9.67 -0.38 -41.56
N THR C 318 -10.16 -1.38 -40.83
CA THR C 318 -9.36 -2.07 -39.84
C THR C 318 -8.14 -2.73 -40.49
N LEU C 319 -8.34 -3.33 -41.67
CA LEU C 319 -7.26 -4.03 -42.35
C LEU C 319 -6.23 -3.04 -42.89
N GLU C 320 -6.70 -1.88 -43.38
CA GLU C 320 -5.81 -0.83 -43.84
C GLU C 320 -4.91 -0.37 -42.70
N TYR C 321 -5.49 -0.26 -41.49
CA TYR C 321 -4.74 0.11 -40.30
C TYR C 321 -3.72 -0.97 -39.96
N LEU C 322 -4.13 -2.23 -40.01
CA LEU C 322 -3.25 -3.36 -39.73
C LEU C 322 -2.07 -3.38 -40.71
N GLY C 323 -2.35 -3.06 -41.98
CA GLY C 323 -1.31 -3.01 -43.00
C GLY C 323 -0.24 -1.96 -42.69
N ARG C 324 -0.68 -0.80 -42.23
CA ARG C 324 0.21 0.30 -41.89
C ARG C 324 1.06 -0.08 -40.68
N LEU C 325 0.44 -0.73 -39.70
CA LEU C 325 1.10 -1.11 -38.47
C LEU C 325 2.18 -2.16 -38.77
N LEU C 326 1.80 -3.16 -39.58
CA LEU C 326 2.72 -4.23 -39.94
C LEU C 326 3.89 -3.71 -40.78
N SER C 327 3.60 -2.75 -41.66
CA SER C 327 4.62 -2.12 -42.48
C SER C 327 5.73 -1.55 -41.58
N LEU C 328 5.31 -0.86 -40.52
CA LEU C 328 6.22 -0.17 -39.63
C LEU C 328 6.97 -1.18 -38.76
N GLN C 329 6.30 -2.25 -38.31
CA GLN C 329 6.95 -3.28 -37.52
C GLN C 329 8.07 -3.97 -38.31
N VAL C 330 7.87 -4.15 -39.61
CA VAL C 330 8.88 -4.75 -40.47
C VAL C 330 10.07 -3.79 -40.60
N GLN C 331 9.78 -2.51 -40.85
CA GLN C 331 10.79 -1.49 -41.01
C GLN C 331 11.69 -1.43 -39.78
N VAL C 332 11.08 -1.51 -38.59
CA VAL C 332 11.79 -1.41 -37.33
C VAL C 332 12.63 -2.67 -37.11
N LYS C 333 12.04 -3.85 -37.32
CA LYS C 333 12.75 -5.11 -37.15
C LYS C 333 13.93 -5.23 -38.11
N GLU C 334 13.76 -4.78 -39.36
CA GLU C 334 14.86 -4.84 -40.32
C GLU C 334 15.98 -3.87 -39.94
N ALA C 335 15.60 -2.70 -39.41
CA ALA C 335 16.56 -1.71 -38.95
C ALA C 335 17.39 -2.28 -37.80
N ALA C 336 16.78 -3.12 -36.97
CA ALA C 336 17.45 -3.72 -35.82
C ALA C 336 18.43 -4.81 -36.28
N ASP C 337 18.08 -5.56 -37.34
CA ASP C 337 18.99 -6.54 -37.91
C ASP C 337 20.22 -5.85 -38.47
N VAL C 338 20.01 -4.71 -39.15
CA VAL C 338 21.09 -3.94 -39.74
C VAL C 338 22.03 -3.42 -38.64
N ALA C 339 21.44 -2.87 -37.57
CA ALA C 339 22.20 -2.32 -36.46
C ALA C 339 22.98 -3.43 -35.76
N ALA C 340 22.39 -4.62 -35.64
CA ALA C 340 23.02 -5.77 -35.02
C ALA C 340 24.20 -6.25 -35.87
N PHE C 341 24.07 -6.15 -37.20
CA PHE C 341 25.12 -6.54 -38.12
C PHE C 341 26.27 -5.53 -38.05
N ARG C 342 25.96 -4.23 -38.04
CA ARG C 342 26.97 -3.19 -38.05
C ARG C 342 27.75 -3.14 -36.73
N GLN C 343 27.09 -3.56 -35.63
CA GLN C 343 27.73 -3.60 -34.33
C GLN C 343 28.89 -4.60 -34.36
N SER C 344 28.73 -5.70 -35.10
CA SER C 344 29.76 -6.72 -35.18
C SER C 344 30.91 -6.29 -36.09
N LEU C 345 30.75 -5.15 -36.78
CA LEU C 345 31.82 -4.61 -37.62
C LEU C 345 32.61 -3.53 -36.88
N ARG C 346 32.05 -2.96 -35.80
CA ARG C 346 32.77 -2.03 -34.95
C ARG C 346 33.87 -2.75 -34.16
N GLU C 347 33.55 -3.90 -33.57
CA GLU C 347 34.53 -4.66 -32.79
C GLU C 347 35.75 -4.98 -33.65
N HIS C 348 35.48 -5.45 -34.87
CA HIS C 348 36.51 -5.81 -35.82
C HIS C 348 37.27 -4.56 -36.26
N HIS C 349 36.54 -3.48 -36.53
CA HIS C 349 37.13 -2.22 -36.96
C HIS C 349 38.09 -1.68 -35.90
N ALA C 350 37.74 -1.82 -34.61
CA ALA C 350 38.57 -1.34 -33.52
C ALA C 350 39.92 -2.06 -33.54
N ARG C 351 39.88 -3.39 -33.71
CA ARG C 351 41.07 -4.22 -33.81
C ARG C 351 42.01 -3.68 -34.89
N VAL C 352 41.43 -3.25 -36.00
CA VAL C 352 42.16 -2.78 -37.17
C VAL C 352 42.71 -1.38 -36.92
N ALA C 353 41.89 -0.49 -36.33
CA ALA C 353 42.30 0.86 -36.00
C ALA C 353 43.47 0.84 -35.02
N LEU C 354 43.42 -0.08 -34.06
CA LEU C 354 44.47 -0.27 -33.08
C LEU C 354 45.80 -0.63 -33.77
N ALA C 355 45.72 -1.55 -34.73
CA ALA C 355 46.89 -2.00 -35.46
C ALA C 355 47.46 -0.87 -36.33
N ALA C 356 46.56 -0.10 -36.96
CA ALA C 356 46.93 0.98 -37.88
C ALA C 356 47.61 2.12 -37.13
N ALA C 357 47.22 2.34 -35.86
CA ALA C 357 47.80 3.40 -35.06
C ALA C 357 49.29 3.13 -34.80
N HIS C 358 49.62 1.86 -34.55
CA HIS C 358 50.97 1.47 -34.17
C HIS C 358 51.83 1.31 -35.41
N SER C 359 51.18 1.04 -36.55
CA SER C 359 51.84 0.66 -37.80
C SER C 359 53.12 1.46 -38.06
N LEU C 360 54.17 0.74 -38.48
CA LEU C 360 55.36 1.33 -39.07
C LEU C 360 55.39 1.07 -40.57
N SER C 361 54.44 0.26 -41.06
CA SER C 361 54.23 0.02 -42.48
C SER C 361 52.82 -0.53 -42.70
N PRO C 362 51.96 0.11 -43.53
CA PRO C 362 50.61 -0.40 -43.76
C PRO C 362 50.58 -1.77 -44.42
N HIS C 363 51.63 -2.10 -45.19
CA HIS C 363 51.73 -3.41 -45.83
C HIS C 363 51.81 -4.52 -44.79
N ASP C 364 52.71 -4.36 -43.80
CA ASP C 364 52.91 -5.39 -42.79
C ASP C 364 51.67 -5.50 -41.90
N THR C 365 51.08 -4.34 -41.55
CA THR C 365 49.99 -4.28 -40.60
C THR C 365 48.69 -4.85 -41.20
N LEU C 366 48.32 -4.37 -42.38
CA LEU C 366 47.00 -4.65 -42.95
C LEU C 366 46.96 -6.03 -43.59
N SER C 367 48.13 -6.57 -43.95
CA SER C 367 48.22 -7.89 -44.54
C SER C 367 48.26 -8.97 -43.45
N ASP C 368 48.38 -8.56 -42.18
CA ASP C 368 48.37 -9.49 -41.06
C ASP C 368 47.07 -10.27 -41.08
N PRO C 369 47.11 -11.61 -41.19
CA PRO C 369 45.90 -12.45 -41.16
C PRO C 369 45.06 -12.26 -39.89
N ALA C 370 45.75 -11.93 -38.79
CA ALA C 370 45.11 -11.73 -37.50
C ALA C 370 44.06 -10.61 -37.58
N LEU C 371 44.32 -9.60 -38.42
CA LEU C 371 43.39 -8.49 -38.61
C LEU C 371 42.17 -8.92 -39.41
N ASP C 372 42.35 -9.85 -40.36
CA ASP C 372 41.25 -10.45 -41.10
C ASP C 372 40.43 -9.36 -41.76
N LEU C 373 41.08 -8.59 -42.65
CA LEU C 373 40.38 -7.55 -43.41
C LEU C 373 39.42 -8.18 -44.43
N LEU C 374 39.72 -9.42 -44.84
CA LEU C 374 38.83 -10.19 -45.69
C LEU C 374 37.46 -10.38 -45.02
N GLY C 375 37.48 -10.93 -43.80
CA GLY C 375 36.28 -11.28 -43.07
C GLY C 375 35.45 -10.06 -42.69
N LEU C 376 36.13 -8.93 -42.46
CA LEU C 376 35.49 -7.66 -42.14
C LEU C 376 34.38 -7.35 -43.15
N MET C 377 34.64 -7.62 -44.43
CA MET C 377 33.75 -7.22 -45.50
C MET C 377 33.13 -8.44 -46.19
N ARG C 378 33.31 -9.63 -45.57
CA ARG C 378 32.88 -10.89 -46.18
C ARG C 378 33.36 -10.94 -47.62
N ALA C 379 34.66 -10.65 -47.80
CA ALA C 379 35.29 -10.61 -49.12
C ALA C 379 35.98 -11.95 -49.38
N GLY C 380 36.17 -12.25 -50.67
CA GLY C 380 36.99 -13.36 -51.09
C GLY C 380 38.45 -12.94 -51.27
N GLY C 381 38.66 -11.65 -51.58
CA GLY C 381 40.00 -11.14 -51.87
C GLY C 381 40.15 -9.68 -51.45
N LEU C 382 41.40 -9.21 -51.44
CA LEU C 382 41.73 -7.87 -51.00
C LEU C 382 43.04 -7.44 -51.65
N ILE C 383 43.06 -6.24 -52.23
CA ILE C 383 44.28 -5.65 -52.74
C ILE C 383 44.66 -4.47 -51.85
N LEU C 384 45.92 -4.45 -51.44
CA LEU C 384 46.49 -3.38 -50.63
C LEU C 384 47.59 -2.70 -51.44
N ARG C 385 47.40 -1.43 -51.83
CA ARG C 385 48.47 -0.68 -52.47
C ARG C 385 48.95 0.44 -51.54
N PHE C 386 50.27 0.44 -51.28
CA PHE C 386 50.93 1.44 -50.45
C PHE C 386 52.39 1.52 -50.86
N GLU C 387 52.94 2.75 -50.91
CA GLU C 387 54.36 2.97 -51.12
C GLU C 387 54.80 2.42 -52.48
N GLY C 388 53.93 2.58 -53.49
CA GLY C 388 54.26 2.23 -54.86
C GLY C 388 54.26 0.72 -55.14
N ARG C 389 53.78 -0.10 -54.20
CA ARG C 389 53.65 -1.53 -54.42
C ARG C 389 52.30 -2.01 -53.89
N TRP C 390 51.87 -3.18 -54.34
CA TRP C 390 50.67 -3.80 -53.83
C TRP C 390 50.93 -5.26 -53.45
N GLN C 391 50.06 -5.77 -52.59
CA GLN C 391 50.00 -7.18 -52.26
C GLN C 391 48.53 -7.56 -52.08
N THR C 392 48.27 -8.87 -51.94
CA THR C 392 46.91 -9.37 -51.92
C THR C 392 46.74 -10.40 -50.81
N LEU C 393 45.49 -10.53 -50.37
CA LEU C 393 45.05 -11.62 -49.52
C LEU C 393 43.86 -12.27 -50.21
N GLY C 394 43.70 -13.59 -50.00
CA GLY C 394 42.56 -14.32 -50.54
C GLY C 394 42.63 -14.48 -52.05
N GLU C 395 41.47 -14.78 -52.65
CA GLU C 395 41.35 -15.04 -54.08
C GLU C 395 41.19 -13.71 -54.83
N VAL C 396 42.15 -13.46 -55.72
CA VAL C 396 42.29 -12.23 -56.47
C VAL C 396 42.57 -12.61 -57.93
N PRO C 397 42.36 -11.69 -58.91
CA PRO C 397 42.90 -11.89 -60.26
C PRO C 397 44.43 -11.92 -60.25
N PRO C 398 45.08 -12.37 -61.35
CA PRO C 398 46.54 -12.31 -61.46
C PRO C 398 47.07 -10.88 -61.58
N ALA C 399 48.39 -10.74 -61.51
CA ALA C 399 49.05 -9.45 -61.35
C ALA C 399 48.62 -8.47 -62.43
N PRO C 400 48.66 -8.82 -63.75
CA PRO C 400 48.26 -7.88 -64.80
C PRO C 400 46.84 -7.34 -64.66
N ALA C 401 45.91 -8.21 -64.24
CA ALA C 401 44.51 -7.84 -64.04
C ALA C 401 44.40 -6.86 -62.86
N VAL C 402 45.17 -7.12 -61.79
CA VAL C 402 45.21 -6.25 -60.64
C VAL C 402 45.74 -4.88 -61.04
N ASP C 403 46.81 -4.86 -61.85
CA ASP C 403 47.41 -3.62 -62.32
C ASP C 403 46.39 -2.80 -63.12
N ALA C 404 45.63 -3.50 -63.99
CA ALA C 404 44.60 -2.86 -64.81
C ALA C 404 43.48 -2.33 -63.92
N LEU C 405 43.08 -3.14 -62.92
CA LEU C 405 42.04 -2.74 -61.98
C LEU C 405 42.45 -1.45 -61.27
N LEU C 406 43.71 -1.40 -60.80
CA LEU C 406 44.24 -0.24 -60.09
C LEU C 406 44.32 0.97 -61.02
N ALA C 407 44.65 0.74 -62.29
CA ALA C 407 44.75 1.82 -63.27
C ALA C 407 43.38 2.41 -63.57
N TRP C 408 42.35 1.55 -63.61
CA TRP C 408 40.98 1.99 -63.80
C TRP C 408 40.51 2.81 -62.60
N LEU C 409 40.88 2.34 -61.41
CA LEU C 409 40.47 2.96 -60.15
C LEU C 409 40.97 4.40 -60.09
N GLU C 410 42.20 4.63 -60.54
CA GLU C 410 42.83 5.95 -60.55
C GLU C 410 41.99 6.98 -61.31
N THR C 411 41.22 6.51 -62.31
CA THR C 411 40.41 7.39 -63.15
C THR C 411 39.09 7.76 -62.46
N GLN C 412 38.74 7.05 -61.36
CA GLN C 412 37.46 7.24 -60.71
C GLN C 412 37.49 8.50 -59.83
N PRO C 413 36.41 9.31 -59.82
CA PRO C 413 36.30 10.42 -58.88
C PRO C 413 35.84 9.94 -57.50
N GLY C 414 36.12 10.77 -56.49
CA GLY C 414 35.77 10.42 -55.11
C GLY C 414 36.79 9.49 -54.49
N ALA C 415 36.48 9.02 -53.28
CA ALA C 415 37.39 8.19 -52.50
C ALA C 415 36.75 6.84 -52.18
N LEU C 416 35.61 6.55 -52.82
CA LEU C 416 34.93 5.28 -52.64
C LEU C 416 34.35 4.84 -53.98
N VAL C 417 34.62 3.58 -54.35
CA VAL C 417 33.95 2.94 -55.47
C VAL C 417 33.37 1.62 -54.96
N GLN C 418 32.10 1.36 -55.29
CA GLN C 418 31.45 0.13 -54.86
C GLN C 418 30.52 -0.36 -55.97
N THR C 419 30.50 -1.67 -56.19
CA THR C 419 29.75 -2.27 -57.27
C THR C 419 29.48 -3.74 -56.92
N ASP C 420 28.28 -4.20 -57.27
CA ASP C 420 27.87 -5.58 -57.08
C ASP C 420 28.00 -6.33 -58.41
N ALA C 421 28.40 -5.61 -59.46
CA ALA C 421 28.63 -6.18 -60.78
C ALA C 421 29.67 -5.34 -61.50
N LEU C 422 30.95 -5.63 -61.23
CA LEU C 422 32.07 -4.84 -61.71
C LEU C 422 32.02 -4.72 -63.24
N GLY C 423 31.58 -5.79 -63.91
CA GLY C 423 31.47 -5.83 -65.36
C GLY C 423 30.68 -4.66 -65.94
N GLN C 424 29.52 -4.33 -65.33
CA GLN C 424 28.62 -3.33 -65.88
C GLN C 424 29.28 -1.95 -65.82
N LEU C 425 30.02 -1.69 -64.72
CA LEU C 425 30.65 -0.40 -64.51
C LEU C 425 32.00 -0.35 -65.23
N TRP C 426 32.70 -1.48 -65.26
CA TRP C 426 34.05 -1.60 -65.78
C TRP C 426 34.12 -2.80 -66.72
N PRO C 427 33.62 -2.67 -67.98
CA PRO C 427 33.49 -3.80 -68.90
C PRO C 427 34.75 -4.63 -69.14
N ALA C 428 35.92 -3.98 -69.17
CA ALA C 428 37.19 -4.66 -69.32
C ALA C 428 37.47 -5.52 -68.07
N ALA C 430 35.08 -7.37 -66.61
CA ALA C 430 34.02 -8.41 -66.59
C ALA C 430 34.63 -9.80 -66.51
N ASP C 431 35.85 -9.95 -67.07
CA ASP C 431 36.53 -11.25 -67.10
C ASP C 431 37.13 -11.58 -65.73
N LEU C 432 37.10 -10.62 -64.79
CA LEU C 432 37.65 -10.82 -63.45
C LEU C 432 36.59 -11.42 -62.52
N ALA C 433 35.42 -11.79 -63.07
CA ALA C 433 34.24 -12.11 -62.28
C ALA C 433 34.44 -13.29 -61.32
N PRO C 434 35.25 -14.32 -61.64
CA PRO C 434 35.49 -15.43 -60.71
C PRO C 434 35.90 -14.98 -59.30
N SER C 435 36.76 -13.96 -59.20
CA SER C 435 37.23 -13.48 -57.91
C SER C 435 36.76 -12.05 -57.64
N ALA C 436 36.38 -11.30 -58.69
CA ALA C 436 36.16 -9.86 -58.56
C ALA C 436 34.90 -9.41 -59.31
N ALA C 437 33.78 -10.07 -59.05
CA ALA C 437 32.50 -9.65 -59.58
C ALA C 437 32.01 -8.42 -58.81
N GLY C 438 32.10 -8.50 -57.48
CA GLY C 438 31.85 -7.36 -56.61
C GLY C 438 33.14 -6.68 -56.21
N LEU C 439 33.11 -5.34 -56.09
CA LEU C 439 34.28 -4.58 -55.72
C LEU C 439 33.89 -3.45 -54.78
N LEU C 440 34.73 -3.23 -53.76
CA LEU C 440 34.60 -2.11 -52.86
C LEU C 440 36.00 -1.56 -52.59
N ALA C 441 36.25 -0.34 -53.05
CA ALA C 441 37.57 0.26 -52.99
C ALA C 441 37.50 1.60 -52.28
N ILE C 442 38.52 1.90 -51.47
CA ILE C 442 38.63 3.16 -50.77
C ILE C 442 40.03 3.72 -51.01
N SER C 443 40.11 5.04 -51.26
CA SER C 443 41.38 5.73 -51.36
C SER C 443 41.84 6.14 -49.96
N VAL C 444 43.13 5.94 -49.68
CA VAL C 444 43.73 6.27 -48.39
C VAL C 444 44.54 7.55 -48.54
N GLY C 445 43.85 8.69 -48.56
CA GLY C 445 44.40 9.92 -49.12
C GLY C 445 43.68 10.28 -50.42
N GLU C 446 44.44 10.82 -51.37
CA GLU C 446 43.89 11.32 -52.62
C GLU C 446 44.65 10.69 -53.78
N GLY C 447 43.94 10.37 -54.87
CA GLY C 447 44.54 9.97 -56.13
C GLY C 447 44.53 8.46 -56.35
N TRP C 448 44.17 7.71 -55.30
CA TRP C 448 44.21 6.26 -55.29
C TRP C 448 45.64 5.71 -55.36
N SER C 449 46.64 6.53 -55.01
CA SER C 449 48.01 6.04 -54.98
C SER C 449 48.14 4.99 -53.88
N GLU C 450 47.39 5.19 -52.78
CA GLU C 450 47.26 4.23 -51.71
C GLU C 450 45.79 3.88 -51.55
N CYS C 451 45.45 2.58 -51.51
CA CYS C 451 44.05 2.18 -51.47
C CYS C 451 43.89 0.73 -50.98
N LEU C 452 42.65 0.40 -50.60
CA LEU C 452 42.23 -0.96 -50.31
C LEU C 452 41.09 -1.32 -51.25
N VAL C 453 41.11 -2.56 -51.76
CA VAL C 453 40.09 -3.02 -52.70
C VAL C 453 39.62 -4.40 -52.25
N TRP C 454 38.40 -4.45 -51.72
CA TRP C 454 37.76 -5.71 -51.36
C TRP C 454 37.08 -6.28 -52.59
N LEU C 455 37.25 -7.60 -52.80
CA LEU C 455 36.71 -8.28 -53.97
C LEU C 455 35.81 -9.41 -53.50
N ARG C 456 34.73 -9.64 -54.25
CA ARG C 456 33.83 -10.75 -54.02
C ARG C 456 33.63 -11.54 -55.31
N PRO C 457 33.54 -12.89 -55.23
CA PRO C 457 33.32 -13.71 -56.41
C PRO C 457 31.89 -13.55 -56.94
N GLU C 458 31.71 -13.90 -58.22
CA GLU C 458 30.40 -14.05 -58.83
C GLU C 458 29.62 -15.11 -58.02
N LEU C 459 28.29 -14.95 -57.98
CA LEU C 459 27.42 -15.94 -57.37
C LEU C 459 27.49 -17.27 -58.13
N GLY C 465 27.47 -12.26 -63.61
CA GLY C 465 28.48 -11.25 -63.22
C GLY C 465 28.11 -10.49 -61.95
N TYR C 466 27.13 -11.01 -61.20
N TYR C 466 27.13 -11.01 -61.20
CA TYR C 466 26.69 -10.37 -59.97
CA TYR C 466 26.69 -10.38 -59.96
C TYR C 466 27.38 -11.05 -58.78
C TYR C 466 27.38 -11.05 -58.78
N ALA C 467 27.80 -10.24 -57.81
CA ALA C 467 28.29 -10.73 -56.53
C ALA C 467 27.23 -10.49 -55.47
N GLU C 468 27.35 -11.17 -54.33
CA GLU C 468 26.50 -10.90 -53.18
C GLU C 468 26.60 -9.41 -52.87
N PRO C 469 25.47 -8.65 -52.83
CA PRO C 469 25.54 -7.21 -52.67
C PRO C 469 26.25 -6.83 -51.37
N TRP C 470 27.01 -5.72 -51.44
CA TRP C 470 27.56 -5.09 -50.26
C TRP C 470 26.40 -4.57 -49.41
N HIS C 471 26.38 -4.94 -48.13
CA HIS C 471 25.41 -4.43 -47.18
C HIS C 471 25.74 -2.95 -46.93
N PRO C 472 24.73 -2.05 -46.83
CA PRO C 472 25.00 -0.63 -46.59
C PRO C 472 25.89 -0.35 -45.38
N GLY C 473 25.87 -1.27 -44.41
CA GLY C 473 26.75 -1.23 -43.25
C GLY C 473 28.21 -1.47 -43.60
N GLU C 474 28.47 -2.36 -44.57
CA GLU C 474 29.82 -2.65 -45.02
C GLU C 474 30.38 -1.45 -45.78
N ILE C 475 29.50 -0.68 -46.44
CA ILE C 475 29.91 0.51 -47.17
C ILE C 475 30.37 1.59 -46.19
N GLU C 476 29.56 1.81 -45.14
CA GLU C 476 29.87 2.83 -44.15
C GLU C 476 31.11 2.41 -43.34
N GLU C 477 31.27 1.10 -43.15
CA GLU C 477 32.44 0.56 -42.47
C GLU C 477 33.68 0.87 -43.30
N ALA C 478 33.56 0.79 -44.63
CA ALA C 478 34.65 1.12 -45.54
C ALA C 478 34.99 2.60 -45.44
N GLN C 479 33.96 3.45 -45.37
CA GLN C 479 34.15 4.88 -45.20
C GLN C 479 34.87 5.15 -43.87
N ASP C 480 34.47 4.43 -42.81
CA ASP C 480 35.10 4.59 -41.50
C ASP C 480 36.57 4.16 -41.59
N LEU C 481 36.84 3.07 -42.30
CA LEU C 481 38.20 2.58 -42.49
C LEU C 481 39.04 3.60 -43.25
N ARG C 482 38.44 4.24 -44.26
CA ARG C 482 39.14 5.26 -45.04
C ARG C 482 39.68 6.34 -44.10
N ASP C 483 38.77 6.89 -43.26
CA ASP C 483 39.10 7.95 -42.32
C ASP C 483 40.24 7.51 -41.40
N THR C 484 40.04 6.35 -40.74
CA THR C 484 41.00 5.80 -39.81
C THR C 484 42.39 5.68 -40.45
N LEU C 485 42.44 5.04 -41.63
CA LEU C 485 43.71 4.78 -42.31
C LEU C 485 44.32 6.10 -42.79
N THR C 486 43.49 6.98 -43.36
CA THR C 486 43.96 8.28 -43.83
C THR C 486 44.64 9.02 -42.68
N GLY C 487 44.01 9.01 -41.49
CA GLY C 487 44.57 9.65 -40.31
C GLY C 487 45.84 8.97 -39.83
N ALA C 488 45.79 7.64 -39.66
CA ALA C 488 46.85 6.87 -39.03
C ALA C 488 48.14 6.92 -39.87
N LEU C 489 47.97 6.88 -41.20
CA LEU C 489 49.10 6.73 -42.10
C LEU C 489 49.73 8.07 -42.42
N GLU C 490 48.98 9.18 -42.30
CA GLU C 490 49.52 10.51 -42.54
C GLU C 490 50.53 10.88 -41.45
N HIS C 491 50.36 10.33 -40.23
CA HIS C 491 51.34 10.48 -39.18
C HIS C 491 52.56 9.63 -39.51
N LEU D 20 13.21 0.30 -2.85
CA LEU D 20 12.22 0.28 -1.74
C LEU D 20 10.82 0.13 -2.31
N PRO D 21 9.89 -0.56 -1.59
CA PRO D 21 8.58 -0.87 -2.14
C PRO D 21 7.62 0.31 -2.27
N PHE D 22 6.45 0.06 -2.88
CA PHE D 22 5.30 0.92 -2.76
C PHE D 22 4.86 1.05 -1.29
N PHE D 23 4.36 2.23 -0.96
CA PHE D 23 3.62 2.43 0.28
C PHE D 23 2.29 1.70 0.21
N PRO D 24 1.70 1.35 1.38
CA PRO D 24 0.33 0.84 1.38
C PRO D 24 -0.61 1.93 0.87
N PRO D 25 -1.79 1.58 0.33
CA PRO D 25 -2.80 2.58 0.01
C PRO D 25 -3.39 3.26 1.24
N LEU D 26 -4.13 4.36 1.00
CA LEU D 26 -4.65 5.19 2.07
C LEU D 26 -5.64 4.41 2.95
N TYR D 27 -6.44 3.53 2.32
CA TYR D 27 -7.41 2.73 3.05
C TYR D 27 -6.73 1.59 3.83
N LEU D 28 -5.42 1.41 3.66
CA LEU D 28 -4.64 0.52 4.51
C LEU D 28 -3.67 1.34 5.35
N GLY D 29 -4.04 2.59 5.64
CA GLY D 29 -3.31 3.43 6.57
C GLY D 29 -1.95 3.89 6.02
N GLY D 30 -1.82 3.94 4.70
CA GLY D 30 -0.56 4.30 4.08
C GLY D 30 -0.27 5.79 4.20
N PRO D 31 1.01 6.21 4.03
CA PRO D 31 1.39 7.62 4.09
C PRO D 31 0.62 8.50 3.11
N GLU D 32 0.39 9.74 3.50
CA GLU D 32 -0.16 10.74 2.60
C GLU D 32 0.95 11.13 1.63
N ILE D 33 0.58 11.29 0.36
CA ILE D 33 1.55 11.48 -0.71
C ILE D 33 1.92 12.96 -0.77
N THR D 34 3.22 13.22 -0.83
CA THR D 34 3.77 14.57 -0.96
C THR D 34 4.77 14.57 -2.11
N THR D 35 5.36 15.74 -2.38
CA THR D 35 6.39 15.87 -3.39
C THR D 35 7.68 15.17 -2.96
N GLU D 36 7.77 14.70 -1.71
CA GLU D 36 8.94 14.03 -1.19
C GLU D 36 8.85 12.51 -1.38
N ASN D 37 7.63 11.97 -1.53
CA ASN D 37 7.45 10.52 -1.53
C ASN D 37 6.61 10.06 -2.73
N CYS D 38 6.67 10.84 -3.82
CA CYS D 38 5.92 10.60 -5.05
C CYS D 38 5.95 9.15 -5.51
N GLU D 39 7.18 8.61 -5.60
CA GLU D 39 7.46 7.39 -6.34
C GLU D 39 6.82 6.19 -5.64
N ARG D 40 6.35 6.37 -4.39
CA ARG D 40 5.92 5.22 -3.59
C ARG D 40 4.40 5.13 -3.50
N GLU D 41 3.65 6.03 -4.15
CA GLU D 41 2.20 5.92 -4.17
C GLU D 41 1.78 4.68 -4.99
N PRO D 42 0.95 3.79 -4.42
CA PRO D 42 0.43 2.63 -5.15
C PRO D 42 -0.78 3.01 -6.01
N ILE D 43 -0.51 3.62 -7.17
CA ILE D 43 -1.56 4.21 -8.00
C ILE D 43 -2.46 3.12 -8.60
N HIS D 44 -1.97 1.87 -8.63
CA HIS D 44 -2.68 0.77 -9.28
C HIS D 44 -3.75 0.14 -8.38
N ILE D 45 -3.75 0.47 -7.07
CA ILE D 45 -4.70 -0.10 -6.12
C ILE D 45 -5.39 1.00 -5.33
N PRO D 46 -6.08 1.97 -5.99
CA PRO D 46 -6.81 3.01 -5.26
C PRO D 46 -8.13 2.57 -4.63
N GLY D 47 -8.55 1.33 -4.89
CA GLY D 47 -9.77 0.79 -4.31
C GLY D 47 -11.00 1.64 -4.64
N SER D 48 -10.93 2.33 -5.78
CA SER D 48 -11.99 3.23 -6.20
C SER D 48 -11.93 3.46 -7.70
N ILE D 49 -13.04 3.96 -8.26
CA ILE D 49 -13.20 4.16 -9.68
C ILE D 49 -13.75 5.55 -9.93
N GLN D 50 -13.84 5.92 -11.21
CA GLN D 50 -14.37 7.21 -11.62
C GLN D 50 -15.86 7.06 -11.83
N PRO D 51 -16.68 8.06 -11.42
CA PRO D 51 -18.13 7.89 -11.33
C PRO D 51 -18.92 7.82 -12.64
N HIS D 52 -18.26 8.04 -13.78
CA HIS D 52 -18.92 7.98 -15.08
C HIS D 52 -19.11 6.54 -15.53
N GLY D 53 -18.65 5.57 -14.74
CA GLY D 53 -18.91 4.17 -15.02
C GLY D 53 -19.10 3.35 -13.75
N ALA D 54 -19.36 2.05 -13.93
CA ALA D 54 -19.46 1.11 -12.82
C ALA D 54 -18.47 -0.03 -13.02
N LEU D 55 -18.03 -0.65 -11.92
CA LEU D 55 -17.06 -1.73 -11.97
C LEU D 55 -17.52 -2.87 -11.06
N LEU D 56 -17.48 -4.09 -11.59
CA LEU D 56 -17.60 -5.32 -10.81
C LEU D 56 -16.27 -6.07 -10.87
N THR D 57 -15.99 -6.87 -9.84
CA THR D 57 -14.99 -7.93 -9.92
C THR D 57 -15.71 -9.25 -9.67
N ALA D 58 -15.16 -10.34 -10.23
CA ALA D 58 -15.81 -11.64 -10.18
C ALA D 58 -14.73 -12.71 -10.16
N ASP D 59 -15.05 -13.87 -9.58
CA ASP D 59 -14.15 -15.01 -9.54
C ASP D 59 -13.95 -15.50 -10.98
N GLY D 60 -12.68 -15.80 -11.31
CA GLY D 60 -12.29 -16.21 -12.64
C GLY D 60 -12.91 -17.53 -13.08
N HIS D 61 -13.19 -18.41 -12.12
CA HIS D 61 -13.76 -19.73 -12.41
C HIS D 61 -15.28 -19.69 -12.32
N SER D 62 -15.80 -19.34 -11.14
CA SER D 62 -17.23 -19.45 -10.86
C SER D 62 -18.02 -18.30 -11.47
N GLY D 63 -17.38 -17.15 -11.66
CA GLY D 63 -18.06 -15.95 -12.13
C GLY D 63 -18.93 -15.32 -11.04
N GLU D 64 -18.66 -15.66 -9.77
CA GLU D 64 -19.35 -15.05 -8.65
C GLU D 64 -18.86 -13.62 -8.48
N VAL D 65 -19.80 -12.68 -8.40
CA VAL D 65 -19.47 -11.27 -8.24
C VAL D 65 -18.99 -11.04 -6.81
N LEU D 66 -17.74 -10.55 -6.69
CA LEU D 66 -17.05 -10.41 -5.41
C LEU D 66 -17.07 -8.96 -4.92
N GLN D 67 -16.83 -8.00 -5.83
CA GLN D 67 -16.77 -6.59 -5.47
C GLN D 67 -17.60 -5.77 -6.46
N MET D 68 -18.06 -4.61 -6.02
CA MET D 68 -18.79 -3.70 -6.89
C MET D 68 -18.57 -2.27 -6.42
N SER D 69 -18.53 -1.34 -7.39
CA SER D 69 -18.50 0.07 -7.06
C SER D 69 -19.86 0.46 -6.49
N LEU D 70 -19.85 1.43 -5.57
CA LEU D 70 -21.03 1.81 -4.84
C LEU D 70 -22.06 2.51 -5.73
N ASN D 71 -21.66 2.87 -6.96
CA ASN D 71 -22.56 3.52 -7.90
C ASN D 71 -23.19 2.49 -8.85
N ALA D 72 -22.79 1.21 -8.75
CA ALA D 72 -23.19 0.20 -9.73
C ALA D 72 -24.67 0.31 -10.13
N ALA D 73 -25.48 0.75 -9.15
CA ALA D 73 -26.93 0.73 -9.25
C ALA D 73 -27.43 1.60 -10.39
N THR D 74 -26.88 2.82 -10.53
CA THR D 74 -27.23 3.75 -11.58
C THR D 74 -26.97 3.15 -12.96
N PHE D 75 -25.85 2.43 -13.11
CA PHE D 75 -25.46 1.90 -14.40
C PHE D 75 -26.25 0.63 -14.67
N LEU D 76 -26.27 -0.29 -13.70
CA LEU D 76 -26.70 -1.66 -13.91
C LEU D 76 -28.17 -1.83 -13.57
N GLY D 77 -28.76 -0.86 -12.84
CA GLY D 77 -30.16 -0.96 -12.46
C GLY D 77 -30.38 -1.69 -11.14
N GLN D 78 -29.37 -2.39 -10.62
CA GLN D 78 -29.50 -3.20 -9.41
C GLN D 78 -28.59 -2.61 -8.33
N GLU D 79 -28.93 -2.91 -7.07
CA GLU D 79 -28.15 -2.42 -5.93
C GLU D 79 -26.88 -3.23 -5.82
N PRO D 80 -25.74 -2.61 -5.44
CA PRO D 80 -24.49 -3.34 -5.15
C PRO D 80 -24.67 -4.59 -4.28
N THR D 81 -25.41 -4.48 -3.18
CA THR D 81 -25.65 -5.59 -2.27
C THR D 81 -26.37 -6.73 -2.99
N VAL D 82 -27.30 -6.39 -3.89
CA VAL D 82 -28.11 -7.36 -4.62
C VAL D 82 -27.23 -8.08 -5.66
N LEU D 83 -26.37 -7.32 -6.33
CA LEU D 83 -25.55 -7.82 -7.42
C LEU D 83 -24.48 -8.77 -6.90
N ARG D 84 -23.86 -8.43 -5.76
CA ARG D 84 -22.85 -9.26 -5.13
C ARG D 84 -23.45 -10.62 -4.75
N GLY D 85 -22.76 -11.69 -5.13
CA GLY D 85 -23.23 -13.04 -4.86
C GLY D 85 -23.82 -13.68 -6.11
N GLN D 86 -24.50 -12.88 -6.95
CA GLN D 86 -24.94 -13.36 -8.25
C GLN D 86 -23.72 -13.76 -9.08
N THR D 87 -23.95 -14.58 -10.11
CA THR D 87 -22.90 -15.01 -11.02
C THR D 87 -23.07 -14.29 -12.36
N LEU D 88 -21.97 -14.23 -13.12
CA LEU D 88 -21.98 -13.64 -14.44
C LEU D 88 -22.83 -14.48 -15.39
N ALA D 89 -23.03 -15.76 -15.08
CA ALA D 89 -23.94 -16.63 -15.82
C ALA D 89 -25.37 -16.09 -15.76
N ALA D 90 -25.77 -15.64 -14.56
CA ALA D 90 -27.10 -15.10 -14.32
C ALA D 90 -27.20 -13.66 -14.82
N LEU D 91 -26.14 -12.87 -14.62
CA LEU D 91 -26.14 -11.45 -14.94
C LEU D 91 -25.96 -11.22 -16.44
N LEU D 92 -25.00 -11.94 -17.04
CA LEU D 92 -24.58 -11.72 -18.42
C LEU D 92 -24.63 -13.05 -19.17
N PRO D 93 -25.82 -13.67 -19.33
CA PRO D 93 -25.91 -15.01 -19.92
C PRO D 93 -25.39 -15.12 -21.34
N GLU D 94 -25.55 -14.05 -22.13
CA GLU D 94 -25.13 -14.04 -23.52
C GLU D 94 -23.62 -13.89 -23.62
N GLN D 95 -23.04 -13.08 -22.71
CA GLN D 95 -21.64 -12.69 -22.79
C GLN D 95 -20.75 -13.65 -22.02
N TRP D 96 -21.27 -14.24 -20.92
CA TRP D 96 -20.47 -15.05 -20.01
C TRP D 96 -19.70 -16.12 -20.77
N PRO D 97 -20.32 -16.92 -21.67
CA PRO D 97 -19.59 -17.91 -22.46
C PRO D 97 -18.43 -17.34 -23.29
N ALA D 98 -18.69 -16.22 -23.98
CA ALA D 98 -17.71 -15.58 -24.85
C ALA D 98 -16.58 -14.96 -24.01
N LEU D 99 -16.94 -14.53 -22.80
CA LEU D 99 -16.04 -13.85 -21.89
C LEU D 99 -14.95 -14.80 -21.42
N GLN D 100 -15.32 -16.04 -21.08
CA GLN D 100 -14.38 -17.04 -20.60
C GLN D 100 -13.39 -17.42 -21.69
N ALA D 101 -13.87 -17.53 -22.93
CA ALA D 101 -13.05 -17.93 -24.06
C ALA D 101 -12.03 -16.84 -24.37
N ALA D 102 -12.46 -15.56 -24.28
CA ALA D 102 -11.63 -14.44 -24.67
C ALA D 102 -10.54 -14.17 -23.64
N LEU D 103 -10.80 -14.52 -22.38
CA LEU D 103 -9.91 -14.24 -21.26
C LEU D 103 -9.59 -15.53 -20.50
N PRO D 104 -8.80 -16.46 -21.10
CA PRO D 104 -8.43 -17.71 -20.43
C PRO D 104 -7.41 -17.44 -19.33
N PRO D 105 -7.35 -18.28 -18.26
CA PRO D 105 -6.34 -18.11 -17.21
C PRO D 105 -4.92 -17.90 -17.75
N GLY D 106 -4.22 -16.93 -17.16
CA GLY D 106 -2.82 -16.68 -17.48
C GLY D 106 -2.64 -15.74 -18.67
N CYS D 107 -3.75 -15.26 -19.25
CA CYS D 107 -3.69 -14.26 -20.31
C CYS D 107 -3.16 -12.96 -19.72
N PRO D 108 -2.55 -12.06 -20.53
CA PRO D 108 -2.09 -10.78 -20.00
C PRO D 108 -3.27 -9.94 -19.51
N ASP D 109 -3.00 -9.04 -18.56
CA ASP D 109 -4.05 -8.25 -17.93
C ASP D 109 -4.48 -7.10 -18.85
N ALA D 110 -3.70 -6.85 -19.91
CA ALA D 110 -4.01 -5.82 -20.89
C ALA D 110 -5.06 -6.33 -21.89
N LEU D 111 -5.20 -7.65 -22.01
CA LEU D 111 -6.18 -8.24 -22.91
C LEU D 111 -7.58 -7.93 -22.40
N GLN D 112 -8.51 -7.66 -23.32
CA GLN D 112 -9.84 -7.19 -22.95
C GLN D 112 -10.92 -7.88 -23.79
N TYR D 113 -11.99 -8.32 -23.12
CA TYR D 113 -13.23 -8.64 -23.78
C TYR D 113 -14.12 -7.40 -23.75
N ARG D 114 -14.79 -7.09 -24.87
CA ARG D 114 -15.67 -5.94 -24.93
C ARG D 114 -17.01 -6.32 -25.57
N ALA D 115 -18.09 -5.74 -25.05
CA ALA D 115 -19.42 -5.96 -25.57
C ALA D 115 -20.27 -4.71 -25.39
N THR D 116 -21.38 -4.66 -26.13
CA THR D 116 -22.40 -3.64 -25.97
C THR D 116 -23.67 -4.31 -25.43
N LEU D 117 -24.21 -3.74 -24.35
CA LEU D 117 -25.38 -4.27 -23.67
C LEU D 117 -26.54 -3.28 -23.82
N ASP D 118 -27.76 -3.82 -23.75
CA ASP D 118 -28.96 -3.01 -23.78
C ASP D 118 -29.41 -2.74 -22.35
N TRP D 119 -29.74 -1.46 -22.08
CA TRP D 119 -30.23 -1.04 -20.78
C TRP D 119 -31.41 -0.10 -21.01
N PRO D 120 -32.45 -0.13 -20.14
CA PRO D 120 -33.67 0.66 -20.35
C PRO D 120 -33.51 2.07 -20.91
N ALA D 121 -32.58 2.84 -20.31
CA ALA D 121 -32.32 4.22 -20.73
C ALA D 121 -32.04 4.28 -22.24
N GLY D 123 -29.17 5.37 -24.70
CA GLY D 123 -28.65 4.40 -25.68
C GLY D 123 -28.30 3.07 -25.04
N HIS D 124 -27.04 2.64 -25.23
CA HIS D 124 -26.55 1.33 -24.83
C HIS D 124 -25.54 1.44 -23.69
N LEU D 125 -24.95 0.29 -23.34
CA LEU D 125 -23.95 0.22 -22.28
C LEU D 125 -22.72 -0.52 -22.80
N SER D 126 -21.54 0.11 -22.65
CA SER D 126 -20.28 -0.50 -23.04
C SER D 126 -19.73 -1.33 -21.87
N LEU D 127 -19.38 -2.59 -22.15
CA LEU D 127 -18.77 -3.47 -21.16
C LEU D 127 -17.34 -3.81 -21.59
N THR D 128 -16.37 -3.57 -20.69
CA THR D 128 -15.00 -3.97 -20.90
C THR D 128 -14.56 -4.88 -19.75
N VAL D 129 -14.05 -6.05 -20.09
CA VAL D 129 -13.65 -7.05 -19.10
C VAL D 129 -12.18 -7.40 -19.33
N HIS D 130 -11.44 -7.58 -18.24
CA HIS D 130 -10.08 -8.08 -18.30
C HIS D 130 -9.83 -8.96 -17.08
N ARG D 131 -8.71 -9.69 -17.07
CA ARG D 131 -8.41 -10.66 -16.04
C ARG D 131 -7.09 -10.30 -15.36
N VAL D 132 -7.09 -10.28 -14.02
CA VAL D 132 -5.87 -10.24 -13.23
C VAL D 132 -5.90 -11.43 -12.27
N GLY D 133 -4.85 -12.26 -12.33
CA GLY D 133 -4.77 -13.46 -11.50
C GLY D 133 -6.02 -14.32 -11.63
N GLU D 134 -6.74 -14.46 -10.51
CA GLU D 134 -7.91 -15.32 -10.42
C GLU D 134 -9.19 -14.49 -10.47
N LEU D 135 -9.07 -13.25 -10.96
CA LEU D 135 -10.12 -12.25 -10.83
C LEU D 135 -10.44 -11.65 -12.19
N LEU D 136 -11.74 -11.57 -12.53
CA LEU D 136 -12.22 -10.83 -13.70
C LEU D 136 -12.70 -9.46 -13.25
N ILE D 137 -12.36 -8.42 -14.02
CA ILE D 137 -12.77 -7.06 -13.71
C ILE D 137 -13.63 -6.51 -14.86
N LEU D 138 -14.89 -6.17 -14.53
CA LEU D 138 -15.87 -5.74 -15.52
C LEU D 138 -16.15 -4.26 -15.37
N GLU D 139 -15.97 -3.49 -16.45
CA GLU D 139 -16.23 -2.06 -16.47
C GLU D 139 -17.41 -1.75 -17.38
N PHE D 140 -18.39 -1.01 -16.85
CA PHE D 140 -19.57 -0.61 -17.59
C PHE D 140 -19.60 0.90 -17.72
N GLU D 141 -19.82 1.43 -18.93
CA GLU D 141 -20.10 2.85 -19.06
C GLU D 141 -21.05 3.08 -20.25
N PRO D 142 -21.84 4.18 -20.24
CA PRO D 142 -22.77 4.48 -21.33
C PRO D 142 -22.05 4.73 -22.65
N THR D 143 -22.74 4.39 -23.75
CA THR D 143 -22.21 4.53 -25.09
C THR D 143 -23.36 4.85 -26.05
N GLU D 144 -23.02 5.27 -27.27
CA GLU D 144 -24.02 5.68 -28.25
C GLU D 144 -23.64 5.16 -29.64
N ALA D 145 -23.70 3.84 -29.81
CA ALA D 145 -23.46 3.22 -31.11
C ALA D 145 -24.61 3.56 -32.08
N THR D 149 -16.94 7.11 -37.76
CA THR D 149 -16.39 8.44 -38.11
C THR D 149 -14.94 8.54 -37.65
N GLY D 150 -14.71 8.14 -36.39
CA GLY D 150 -13.39 8.21 -35.76
C GLY D 150 -12.37 7.30 -36.43
N PRO D 151 -12.57 5.97 -36.42
CA PRO D 151 -11.64 5.03 -37.06
C PRO D 151 -11.24 5.41 -38.49
N HIS D 152 -12.19 5.98 -39.26
CA HIS D 152 -11.92 6.37 -40.63
C HIS D 152 -11.19 7.71 -40.69
N ALA D 153 -11.51 8.63 -39.76
CA ALA D 153 -10.81 9.89 -39.67
C ALA D 153 -9.33 9.66 -39.36
N LEU D 154 -9.05 8.57 -38.65
CA LEU D 154 -7.69 8.13 -38.37
C LEU D 154 -7.01 7.70 -39.67
N ARG D 155 -7.71 6.90 -40.48
CA ARG D 155 -7.20 6.43 -41.76
C ARG D 155 -6.69 7.61 -42.60
N ASN D 156 -7.39 8.74 -42.56
CA ASN D 156 -7.05 9.89 -43.38
C ASN D 156 -5.80 10.59 -42.83
N ALA D 157 -5.58 10.49 -41.51
CA ALA D 157 -4.45 11.14 -40.87
C ALA D 157 -3.16 10.34 -41.07
N MET D 158 -3.30 9.07 -41.48
CA MET D 158 -2.17 8.18 -41.67
C MET D 158 -1.21 8.72 -42.74
N PHE D 159 -1.77 9.43 -43.73
CA PHE D 159 -0.98 9.98 -44.82
C PHE D 159 -0.10 11.11 -44.29
N ALA D 160 -0.69 11.97 -43.45
CA ALA D 160 0.02 13.08 -42.85
C ALA D 160 1.10 12.58 -41.88
N LEU D 161 0.80 11.47 -41.19
CA LEU D 161 1.75 10.85 -40.27
C LEU D 161 2.95 10.29 -41.05
N GLU D 162 2.68 9.60 -42.15
CA GLU D 162 3.73 9.00 -42.96
C GLU D 162 4.57 10.07 -43.64
N SER D 163 3.92 11.17 -44.07
CA SER D 163 4.59 12.24 -44.80
C SER D 163 5.57 12.99 -43.92
N ALA D 164 5.24 13.13 -42.63
CA ALA D 164 6.02 13.96 -41.71
C ALA D 164 7.51 13.73 -41.92
N PRO D 165 8.30 14.75 -42.31
CA PRO D 165 9.72 14.58 -42.64
C PRO D 165 10.68 14.42 -41.47
N ASN D 166 10.20 14.68 -40.24
CA ASN D 166 11.03 14.55 -39.05
C ASN D 166 10.14 14.37 -37.82
N LEU D 167 10.79 14.14 -36.68
CA LEU D 167 10.12 13.83 -35.43
C LEU D 167 9.24 15.00 -34.97
N ARG D 168 9.74 16.23 -35.15
CA ARG D 168 9.01 17.42 -34.74
C ARG D 168 7.74 17.56 -35.59
N ALA D 169 7.88 17.37 -36.90
CA ALA D 169 6.75 17.49 -37.81
C ALA D 169 5.73 16.39 -37.52
N LEU D 170 6.21 15.18 -37.19
CA LEU D 170 5.36 14.05 -36.86
C LEU D 170 4.58 14.37 -35.58
N ALA D 171 5.29 14.91 -34.59
CA ALA D 171 4.68 15.28 -33.33
C ALA D 171 3.54 16.28 -33.56
N GLU D 172 3.76 17.27 -34.44
CA GLU D 172 2.78 18.31 -34.74
C GLU D 172 1.54 17.70 -35.40
N VAL D 173 1.76 16.77 -36.34
CA VAL D 173 0.67 16.13 -37.05
C VAL D 173 -0.15 15.29 -36.08
N ALA D 174 0.55 14.54 -35.21
CA ALA D 174 -0.08 13.63 -34.26
C ALA D 174 -1.04 14.40 -33.35
N THR D 175 -0.54 15.50 -32.77
CA THR D 175 -1.31 16.29 -31.82
C THR D 175 -2.49 16.97 -32.52
N GLN D 176 -2.29 17.48 -33.73
CA GLN D 176 -3.36 18.11 -34.49
C GLN D 176 -4.41 17.07 -34.84
N THR D 177 -3.96 15.86 -35.18
CA THR D 177 -4.86 14.77 -35.56
C THR D 177 -5.75 14.37 -34.38
N VAL D 178 -5.11 14.17 -33.21
CA VAL D 178 -5.81 13.76 -32.01
C VAL D 178 -6.82 14.84 -31.60
N ARG D 179 -6.44 16.10 -31.76
CA ARG D 179 -7.31 17.20 -31.40
C ARG D 179 -8.55 17.22 -32.29
N GLU D 180 -8.39 16.94 -33.59
CA GLU D 180 -9.51 16.85 -34.52
C GLU D 180 -10.42 15.67 -34.20
N LEU D 181 -9.81 14.55 -33.78
CA LEU D 181 -10.56 13.35 -33.40
C LEU D 181 -11.45 13.61 -32.18
N THR D 182 -10.90 14.31 -31.18
CA THR D 182 -11.44 14.30 -29.83
C THR D 182 -12.20 15.58 -29.50
N GLY D 183 -11.76 16.71 -30.07
CA GLY D 183 -12.27 18.02 -29.70
C GLY D 183 -11.59 18.59 -28.44
N PHE D 184 -10.55 17.91 -27.94
CA PHE D 184 -9.85 18.35 -26.74
C PHE D 184 -9.25 19.74 -26.97
N ASP D 185 -9.29 20.56 -25.91
CA ASP D 185 -8.85 21.94 -25.95
C ASP D 185 -7.33 22.01 -26.14
N ARG D 186 -6.62 21.02 -25.60
CA ARG D 186 -5.18 20.95 -25.78
C ARG D 186 -4.74 19.49 -25.94
N VAL D 187 -3.83 19.27 -26.89
CA VAL D 187 -3.22 17.98 -27.10
C VAL D 187 -1.72 18.21 -27.27
N MET D 188 -0.93 17.47 -26.48
CA MET D 188 0.52 17.67 -26.46
C MET D 188 1.21 16.34 -26.73
N LEU D 189 2.42 16.40 -27.29
CA LEU D 189 3.31 15.26 -27.24
C LEU D 189 4.41 15.58 -26.23
N TYR D 190 4.44 14.77 -25.18
CA TYR D 190 5.38 14.89 -24.08
C TYR D 190 6.45 13.82 -24.25
N LYS D 191 7.70 14.25 -24.44
CA LYS D 191 8.80 13.32 -24.65
C LYS D 191 9.63 13.21 -23.36
N PHE D 192 9.95 11.97 -22.97
CA PHE D 192 10.80 11.71 -21.81
C PHE D 192 12.26 11.68 -22.25
N ALA D 193 13.12 12.37 -21.50
CA ALA D 193 14.57 12.15 -21.56
C ALA D 193 14.91 10.85 -20.82
N PRO D 194 16.10 10.26 -21.03
CA PRO D 194 16.48 9.04 -20.31
C PRO D 194 16.50 9.16 -18.79
N ASP D 195 16.62 10.40 -18.26
CA ASP D 195 16.53 10.65 -16.83
C ASP D 195 15.07 10.91 -16.42
N ALA D 196 14.15 10.82 -17.38
CA ALA D 196 12.72 10.83 -17.15
C ALA D 196 12.20 12.24 -16.95
N THR D 197 13.06 13.26 -17.06
CA THR D 197 12.59 14.62 -17.27
C THR D 197 11.91 14.67 -18.62
N GLY D 198 11.07 15.67 -18.85
CA GLY D 198 10.25 15.70 -20.04
C GLY D 198 10.19 17.06 -20.70
N GLU D 199 9.77 17.06 -21.96
CA GLU D 199 9.63 18.27 -22.75
C GLU D 199 8.38 18.13 -23.61
N VAL D 200 7.55 19.18 -23.67
CA VAL D 200 6.48 19.22 -24.64
C VAL D 200 7.10 19.57 -25.99
N ILE D 201 7.17 18.58 -26.90
CA ILE D 201 7.85 18.80 -28.18
C ILE D 201 6.86 19.15 -29.28
N ALA D 202 5.55 19.02 -28.98
CA ALA D 202 4.52 19.51 -29.89
C ALA D 202 3.23 19.74 -29.13
N GLU D 203 2.34 20.56 -29.72
CA GLU D 203 1.15 21.06 -29.05
C GLU D 203 0.14 21.57 -30.06
N ALA D 204 -1.10 21.10 -29.93
CA ALA D 204 -2.24 21.64 -30.66
C ALA D 204 -3.23 22.14 -29.63
N ARG D 205 -3.64 23.41 -29.74
CA ARG D 205 -4.45 24.02 -28.70
C ARG D 205 -5.49 24.95 -29.31
N ARG D 206 -6.56 25.17 -28.53
CA ARG D 206 -7.60 26.12 -28.88
C ARG D 206 -6.99 27.53 -28.87
N GLU D 207 -7.53 28.42 -29.70
CA GLU D 207 -7.12 29.82 -29.73
C GLU D 207 -7.23 30.42 -28.34
N GLY D 208 -6.18 31.13 -27.92
CA GLY D 208 -6.22 31.87 -26.67
C GLY D 208 -5.34 31.24 -25.58
N LEU D 209 -5.14 29.93 -25.62
CA LEU D 209 -4.35 29.23 -24.61
C LEU D 209 -2.87 29.52 -24.80
N HIS D 210 -2.16 29.75 -23.68
CA HIS D 210 -0.73 29.98 -23.69
C HIS D 210 -0.05 28.63 -23.90
N ALA D 211 1.11 28.66 -24.57
CA ALA D 211 1.76 27.47 -25.08
C ALA D 211 2.57 26.80 -23.97
N PHE D 212 2.50 25.45 -23.93
CA PHE D 212 3.43 24.64 -23.16
C PHE D 212 4.61 24.19 -24.02
N LEU D 213 4.51 24.42 -25.33
CA LEU D 213 5.52 23.95 -26.26
C LEU D 213 6.91 24.41 -25.79
N GLY D 214 7.83 23.45 -25.66
CA GLY D 214 9.22 23.72 -25.33
C GLY D 214 9.48 23.73 -23.83
N HIS D 215 8.41 23.71 -23.02
CA HIS D 215 8.53 23.69 -21.58
C HIS D 215 9.07 22.34 -21.12
N ARG D 216 9.93 22.37 -20.10
CA ARG D 216 10.55 21.18 -19.56
C ARG D 216 10.03 20.95 -18.14
N PHE D 217 9.92 19.68 -17.76
CA PHE D 217 9.26 19.30 -16.53
C PHE D 217 10.08 18.22 -15.84
N PRO D 218 10.10 18.20 -14.49
CA PRO D 218 10.94 17.25 -13.75
C PRO D 218 10.41 15.82 -13.82
N ALA D 219 11.32 14.87 -13.57
CA ALA D 219 11.02 13.45 -13.57
C ALA D 219 9.81 13.11 -12.72
N SER D 220 9.65 13.83 -11.59
CA SER D 220 8.69 13.47 -10.57
C SER D 220 7.27 13.87 -10.95
N ASP D 221 7.11 14.66 -12.02
CA ASP D 221 5.78 15.04 -12.48
C ASP D 221 5.05 13.83 -13.05
N ILE D 222 5.84 12.89 -13.61
CA ILE D 222 5.34 11.57 -13.95
C ILE D 222 6.28 10.56 -13.32
N PRO D 223 6.01 10.11 -12.07
CA PRO D 223 6.99 9.33 -11.30
C PRO D 223 7.13 7.90 -11.80
N ALA D 224 8.18 7.22 -11.33
CA ALA D 224 8.67 5.98 -11.91
C ALA D 224 7.58 4.90 -11.94
N GLN D 225 6.75 4.83 -10.91
CA GLN D 225 5.74 3.78 -10.83
C GLN D 225 4.63 4.06 -11.84
N ALA D 226 4.35 5.35 -12.10
CA ALA D 226 3.41 5.74 -13.14
C ALA D 226 3.95 5.36 -14.51
N ARG D 227 5.22 5.73 -14.77
CA ARG D 227 5.87 5.43 -16.02
C ARG D 227 5.90 3.92 -16.26
N ALA D 228 6.16 3.14 -15.21
CA ALA D 228 6.15 1.69 -15.29
C ALA D 228 4.74 1.18 -15.64
N LEU D 229 3.73 1.67 -14.92
CA LEU D 229 2.37 1.27 -15.18
C LEU D 229 1.98 1.59 -16.63
N TYR D 230 2.43 2.76 -17.10
CA TYR D 230 2.06 3.28 -18.41
C TYR D 230 2.75 2.53 -19.54
N THR D 231 3.77 1.74 -19.22
CA THR D 231 4.46 0.91 -20.20
C THR D 231 3.62 -0.34 -20.52
N ARG D 232 2.75 -0.75 -19.57
CA ARG D 232 1.92 -1.93 -19.73
C ARG D 232 0.50 -1.55 -20.13
N HIS D 233 -0.08 -0.55 -19.45
CA HIS D 233 -1.44 -0.11 -19.70
C HIS D 233 -1.40 1.27 -20.36
N LEU D 234 -1.81 1.32 -21.62
CA LEU D 234 -1.32 2.33 -22.55
C LEU D 234 -2.26 3.55 -22.65
N LEU D 235 -3.43 3.48 -22.01
CA LEU D 235 -4.35 4.61 -21.99
C LEU D 235 -4.92 4.78 -20.59
N ARG D 236 -4.90 6.02 -20.09
CA ARG D 236 -5.59 6.34 -18.85
C ARG D 236 -6.10 7.77 -18.95
N LEU D 237 -7.08 8.09 -18.10
CA LEU D 237 -7.81 9.33 -18.21
C LEU D 237 -8.41 9.72 -16.86
N THR D 238 -8.71 11.01 -16.74
CA THR D 238 -9.58 11.54 -15.70
C THR D 238 -10.70 12.31 -16.39
N ALA D 239 -11.92 11.78 -16.32
CA ALA D 239 -13.05 12.35 -17.03
C ALA D 239 -13.44 13.70 -16.44
N ASP D 240 -13.42 13.78 -15.10
CA ASP D 240 -13.80 15.00 -14.38
C ASP D 240 -12.85 15.15 -13.21
N THR D 241 -12.00 16.19 -13.24
CA THR D 241 -10.95 16.37 -12.24
C THR D 241 -11.50 16.91 -10.92
N ARG D 242 -12.79 17.28 -10.88
CA ARG D 242 -13.43 17.76 -9.66
C ARG D 242 -14.38 16.71 -9.09
N ALA D 243 -14.48 15.55 -9.75
CA ALA D 243 -15.39 14.50 -9.30
C ALA D 243 -14.65 13.57 -8.35
N ALA D 244 -15.36 13.14 -7.31
CA ALA D 244 -14.81 12.21 -6.34
C ALA D 244 -14.88 10.78 -6.87
N ALA D 245 -13.87 9.98 -6.51
CA ALA D 245 -13.82 8.58 -6.86
C ALA D 245 -14.94 7.85 -6.12
N VAL D 246 -15.42 6.75 -6.70
CA VAL D 246 -16.43 5.90 -6.09
C VAL D 246 -15.74 4.64 -5.56
N PRO D 247 -15.83 4.33 -4.26
CA PRO D 247 -15.18 3.13 -3.72
C PRO D 247 -15.72 1.81 -4.27
N LEU D 248 -14.82 0.82 -4.30
CA LEU D 248 -15.18 -0.59 -4.44
C LEU D 248 -15.62 -1.13 -3.09
N ASP D 249 -16.67 -1.96 -3.10
CA ASP D 249 -17.18 -2.58 -1.88
C ASP D 249 -17.33 -4.09 -2.11
N PRO D 250 -16.66 -4.96 -1.32
CA PRO D 250 -15.64 -4.54 -0.35
C PRO D 250 -14.41 -4.01 -1.08
N VAL D 251 -13.56 -3.24 -0.39
CA VAL D 251 -12.42 -2.61 -1.01
C VAL D 251 -11.34 -3.66 -1.28
N LEU D 252 -11.20 -4.64 -0.37
CA LEU D 252 -10.22 -5.70 -0.54
C LEU D 252 -10.86 -6.84 -1.31
N ASN D 253 -10.01 -7.58 -2.04
CA ASN D 253 -10.41 -8.75 -2.79
C ASN D 253 -10.66 -9.89 -1.81
N PRO D 254 -11.90 -10.43 -1.71
CA PRO D 254 -12.18 -11.58 -0.83
C PRO D 254 -11.32 -12.81 -1.06
N GLN D 255 -10.87 -13.02 -2.31
CA GLN D 255 -10.02 -14.14 -2.66
C GLN D 255 -8.72 -14.10 -1.86
N THR D 256 -8.13 -12.91 -1.75
CA THR D 256 -6.78 -12.75 -1.26
C THR D 256 -6.73 -11.99 0.07
N ASN D 257 -7.84 -11.32 0.42
CA ASN D 257 -7.85 -10.35 1.51
C ASN D 257 -6.73 -9.33 1.27
N ALA D 258 -6.63 -8.86 0.02
CA ALA D 258 -5.59 -7.93 -0.40
C ALA D 258 -6.16 -6.98 -1.45
N PRO D 259 -5.48 -5.84 -1.73
CA PRO D 259 -5.97 -4.86 -2.70
C PRO D 259 -6.19 -5.44 -4.09
N THR D 260 -7.24 -4.98 -4.75
CA THR D 260 -7.56 -5.37 -6.12
C THR D 260 -6.73 -4.56 -7.10
N PRO D 261 -5.90 -5.18 -7.96
CA PRO D 261 -5.17 -4.45 -9.00
C PRO D 261 -6.12 -3.85 -10.03
N LEU D 262 -6.08 -2.52 -10.17
CA LEU D 262 -6.98 -1.80 -11.06
C LEU D 262 -6.23 -1.13 -12.20
N GLY D 263 -4.94 -1.46 -12.35
CA GLY D 263 -4.07 -0.86 -13.35
C GLY D 263 -4.62 -0.98 -14.77
N GLY D 264 -5.31 -2.09 -15.06
CA GLY D 264 -5.84 -2.36 -16.38
C GLY D 264 -7.28 -1.87 -16.56
N ALA D 265 -7.80 -1.17 -15.55
CA ALA D 265 -9.14 -0.63 -15.58
C ALA D 265 -9.09 0.85 -15.92
N VAL D 266 -9.76 1.25 -17.00
CA VAL D 266 -9.79 2.64 -17.44
C VAL D 266 -10.56 3.47 -16.41
N LEU D 267 -11.50 2.84 -15.69
CA LEU D 267 -12.28 3.51 -14.65
C LEU D 267 -11.46 3.68 -13.37
N ARG D 268 -10.24 3.12 -13.31
CA ARG D 268 -9.37 3.31 -12.15
C ARG D 268 -9.35 4.77 -11.73
N ALA D 269 -9.44 5.00 -10.42
CA ALA D 269 -9.36 6.35 -9.86
C ALA D 269 -7.95 6.90 -10.03
N THR D 270 -7.87 8.18 -10.43
CA THR D 270 -6.61 8.86 -10.65
C THR D 270 -5.96 9.24 -9.31
N SER D 271 -4.63 9.21 -9.27
CA SER D 271 -3.87 9.69 -8.14
C SER D 271 -4.35 11.09 -7.78
N PRO D 272 -4.81 11.31 -6.52
CA PRO D 272 -5.15 12.65 -6.05
C PRO D 272 -4.09 13.73 -6.28
N MET D 273 -2.81 13.37 -6.16
CA MET D 273 -1.71 14.30 -6.42
C MET D 273 -1.81 14.84 -7.84
N HIS D 274 -2.02 13.92 -8.79
CA HIS D 274 -2.09 14.28 -10.19
C HIS D 274 -3.36 15.07 -10.48
N MET D 275 -4.47 14.68 -9.87
CA MET D 275 -5.72 15.40 -10.07
C MET D 275 -5.59 16.84 -9.58
N GLN D 276 -4.86 17.05 -8.47
CA GLN D 276 -4.61 18.39 -7.96
C GLN D 276 -3.81 19.18 -9.00
N TYR D 277 -2.75 18.55 -9.52
CA TYR D 277 -1.91 19.14 -10.54
C TYR D 277 -2.73 19.55 -11.76
N LEU D 278 -3.68 18.70 -12.14
CA LEU D 278 -4.56 18.99 -13.27
C LEU D 278 -5.40 20.22 -12.99
N ARG D 279 -5.92 20.32 -11.76
CA ARG D 279 -6.79 21.43 -11.39
C ARG D 279 -6.01 22.74 -11.38
N ASN D 280 -4.74 22.68 -10.96
CA ASN D 280 -3.87 23.86 -10.98
C ASN D 280 -3.66 24.33 -12.42
N MET D 281 -3.76 23.41 -13.38
CA MET D 281 -3.60 23.71 -14.80
C MET D 281 -4.94 24.07 -15.44
N GLY D 282 -6.01 24.14 -14.64
CA GLY D 282 -7.32 24.48 -15.15
C GLY D 282 -7.87 23.39 -16.07
N VAL D 283 -7.39 22.16 -15.85
CA VAL D 283 -7.81 21.01 -16.64
C VAL D 283 -9.00 20.38 -15.97
N GLY D 284 -10.11 20.28 -16.71
CA GLY D 284 -11.33 19.61 -16.25
C GLY D 284 -11.37 18.14 -16.65
N SER D 285 -10.73 17.80 -17.76
CA SER D 285 -10.66 16.41 -18.20
C SER D 285 -9.27 16.16 -18.79
N SER D 286 -8.74 14.96 -18.56
CA SER D 286 -7.41 14.60 -19.01
C SER D 286 -7.39 13.17 -19.55
N LEU D 287 -6.57 12.97 -20.59
CA LEU D 287 -6.37 11.66 -21.17
C LEU D 287 -4.96 11.63 -21.74
N SER D 288 -4.24 10.53 -21.51
CA SER D 288 -2.97 10.35 -22.19
C SER D 288 -2.88 8.93 -22.73
N VAL D 289 -2.10 8.81 -23.80
CA VAL D 289 -1.81 7.53 -24.42
C VAL D 289 -0.29 7.37 -24.38
N SER D 290 0.15 6.18 -24.00
CA SER D 290 1.57 5.86 -23.96
C SER D 290 2.13 5.76 -25.37
N VAL D 291 3.31 6.37 -25.56
CA VAL D 291 4.15 6.12 -26.71
C VAL D 291 5.31 5.26 -26.19
N VAL D 292 5.30 3.99 -26.61
CA VAL D 292 6.25 2.99 -26.14
C VAL D 292 7.14 2.61 -27.31
N VAL D 293 8.46 2.68 -27.07
CA VAL D 293 9.46 2.44 -28.10
C VAL D 293 10.52 1.50 -27.53
N GLY D 294 10.54 0.26 -28.02
CA GLY D 294 11.50 -0.74 -27.58
C GLY D 294 11.20 -1.27 -26.18
N GLY D 295 9.91 -1.33 -25.83
CA GLY D 295 9.48 -1.74 -24.51
C GLY D 295 9.69 -0.66 -23.45
N GLN D 296 10.14 0.54 -23.85
CA GLN D 296 10.41 1.64 -22.93
C GLN D 296 9.47 2.80 -23.24
N LEU D 297 8.99 3.47 -22.19
CA LEU D 297 8.08 4.60 -22.36
C LEU D 297 8.87 5.77 -22.95
N TRP D 298 8.51 6.14 -24.19
CA TRP D 298 9.19 7.19 -24.90
C TRP D 298 8.56 8.54 -24.59
N GLY D 299 7.24 8.54 -24.46
CA GLY D 299 6.51 9.78 -24.29
C GLY D 299 5.02 9.52 -24.10
N LEU D 300 4.25 10.60 -24.11
CA LEU D 300 2.82 10.55 -23.89
C LEU D 300 2.16 11.51 -24.86
N ILE D 301 1.06 11.04 -25.48
CA ILE D 301 0.07 11.93 -26.05
C ILE D 301 -0.79 12.40 -24.89
N ALA D 302 -0.62 13.66 -24.49
CA ALA D 302 -1.30 14.19 -23.32
C ALA D 302 -2.37 15.17 -23.78
N CYS D 303 -3.63 14.87 -23.40
CA CYS D 303 -4.78 15.66 -23.80
C CYS D 303 -5.41 16.31 -22.58
N HIS D 304 -5.76 17.59 -22.74
CA HIS D 304 -6.44 18.37 -21.71
C HIS D 304 -7.72 18.96 -22.29
N HIS D 305 -8.80 18.90 -21.49
CA HIS D 305 -9.99 19.70 -21.75
C HIS D 305 -10.20 20.64 -20.56
N GLN D 306 -10.68 21.85 -20.83
CA GLN D 306 -10.94 22.84 -19.80
C GLN D 306 -12.16 22.42 -18.97
N THR D 307 -13.04 21.61 -19.55
CA THR D 307 -14.30 21.21 -18.93
C THR D 307 -14.35 19.69 -18.83
N PRO D 308 -15.12 19.11 -17.87
CA PRO D 308 -15.33 17.66 -17.81
C PRO D 308 -15.78 17.09 -19.15
N TYR D 309 -15.32 15.88 -19.44
CA TYR D 309 -15.51 15.28 -20.76
C TYR D 309 -15.24 13.79 -20.67
N VAL D 310 -16.31 13.00 -20.81
CA VAL D 310 -16.17 11.56 -20.97
C VAL D 310 -16.01 11.29 -22.46
N LEU D 311 -14.78 10.99 -22.86
CA LEU D 311 -14.51 10.58 -24.23
C LEU D 311 -15.19 9.23 -24.47
N PRO D 312 -16.03 9.08 -25.51
CA PRO D 312 -16.71 7.82 -25.80
C PRO D 312 -15.75 6.63 -25.98
N PRO D 313 -16.14 5.41 -25.54
CA PRO D 313 -15.29 4.23 -25.64
C PRO D 313 -14.67 3.95 -27.01
N ASP D 314 -15.44 4.21 -28.08
CA ASP D 314 -15.02 3.92 -29.44
C ASP D 314 -13.89 4.87 -29.85
N LEU D 315 -13.94 6.13 -29.36
CA LEU D 315 -12.91 7.09 -29.67
C LEU D 315 -11.63 6.76 -28.88
N ARG D 316 -11.78 6.20 -27.68
CA ARG D 316 -10.64 5.77 -26.88
C ARG D 316 -9.91 4.65 -27.58
N THR D 317 -10.68 3.70 -28.13
CA THR D 317 -10.15 2.61 -28.94
C THR D 317 -9.31 3.19 -30.09
N THR D 318 -9.85 4.24 -30.73
CA THR D 318 -9.17 4.91 -31.83
C THR D 318 -7.84 5.50 -31.37
N LEU D 319 -7.81 6.07 -30.16
CA LEU D 319 -6.60 6.71 -29.65
C LEU D 319 -5.56 5.63 -29.30
N GLU D 320 -6.01 4.50 -28.76
CA GLU D 320 -5.12 3.38 -28.47
C GLU D 320 -4.43 2.91 -29.75
N TYR D 321 -5.20 2.87 -30.85
CA TYR D 321 -4.67 2.50 -32.16
C TYR D 321 -3.64 3.52 -32.64
N LEU D 322 -3.99 4.80 -32.50
CA LEU D 322 -3.11 5.89 -32.89
C LEU D 322 -1.81 5.83 -32.08
N GLY D 323 -1.89 5.48 -30.80
CA GLY D 323 -0.73 5.38 -29.93
C GLY D 323 0.25 4.32 -30.40
N ARG D 324 -0.30 3.17 -30.84
CA ARG D 324 0.52 2.07 -31.33
C ARG D 324 1.23 2.49 -32.62
N LEU D 325 0.47 3.16 -33.49
CA LEU D 325 0.97 3.58 -34.78
C LEU D 325 2.07 4.63 -34.60
N LEU D 326 1.80 5.60 -33.74
CA LEU D 326 2.72 6.70 -33.48
C LEU D 326 3.97 6.18 -32.80
N SER D 327 3.85 5.18 -31.93
CA SER D 327 5.02 4.56 -31.30
C SER D 327 6.05 4.14 -32.33
N LEU D 328 5.55 3.49 -33.39
CA LEU D 328 6.42 2.96 -34.44
C LEU D 328 6.95 4.08 -35.33
N GLN D 329 6.06 5.03 -35.66
CA GLN D 329 6.41 6.19 -36.46
C GLN D 329 7.46 7.04 -35.74
N VAL D 330 7.38 7.14 -34.41
CA VAL D 330 8.34 7.90 -33.64
C VAL D 330 9.71 7.19 -33.68
N GLN D 331 9.70 5.87 -33.48
CA GLN D 331 10.92 5.08 -33.48
C GLN D 331 11.67 5.28 -34.80
N VAL D 332 10.92 5.23 -35.92
CA VAL D 332 11.50 5.31 -37.24
C VAL D 332 12.04 6.72 -37.51
N LYS D 333 11.20 7.73 -37.23
CA LYS D 333 11.53 9.11 -37.52
C LYS D 333 12.71 9.55 -36.65
N GLU D 334 12.71 9.10 -35.39
CA GLU D 334 13.74 9.46 -34.46
C GLU D 334 15.07 8.82 -34.86
N ALA D 335 15.03 7.59 -35.38
CA ALA D 335 16.23 6.90 -35.80
C ALA D 335 16.90 7.67 -36.94
N ALA D 336 16.09 8.28 -37.80
CA ALA D 336 16.58 9.04 -38.95
C ALA D 336 17.22 10.37 -38.50
N ASP D 337 16.62 11.01 -37.49
CA ASP D 337 17.15 12.25 -36.95
C ASP D 337 18.51 11.98 -36.29
N VAL D 338 18.61 10.86 -35.57
CA VAL D 338 19.83 10.46 -34.89
C VAL D 338 20.93 10.22 -35.90
N ALA D 339 20.61 9.48 -36.97
CA ALA D 339 21.59 9.15 -38.00
C ALA D 339 22.08 10.42 -38.70
N ALA D 340 21.14 11.37 -38.93
CA ALA D 340 21.46 12.64 -39.57
C ALA D 340 22.40 13.47 -38.67
N PHE D 341 22.16 13.40 -37.36
CA PHE D 341 22.96 14.14 -36.40
C PHE D 341 24.35 13.53 -36.29
N ARG D 342 24.43 12.19 -36.20
CA ARG D 342 25.69 11.50 -35.99
C ARG D 342 26.59 11.62 -37.22
N GLN D 343 25.99 11.78 -38.42
CA GLN D 343 26.76 11.95 -39.64
C GLN D 343 27.60 13.22 -39.55
N SER D 344 27.05 14.27 -38.93
CA SER D 344 27.76 15.54 -38.82
C SER D 344 28.84 15.49 -37.75
N LEU D 345 28.91 14.39 -36.98
CA LEU D 345 29.92 14.21 -35.95
C LEU D 345 30.98 13.18 -36.35
N ARG D 346 30.92 12.68 -37.59
CA ARG D 346 31.74 11.53 -37.97
C ARG D 346 33.23 11.89 -38.02
N GLU D 347 33.54 13.04 -38.66
CA GLU D 347 34.92 13.49 -38.80
C GLU D 347 35.56 13.62 -37.42
N HIS D 348 34.84 14.26 -36.50
CA HIS D 348 35.30 14.48 -35.14
C HIS D 348 35.44 13.14 -34.42
N HIS D 349 34.45 12.25 -34.59
CA HIS D 349 34.48 10.95 -33.95
C HIS D 349 35.73 10.15 -34.35
N ALA D 350 36.05 10.20 -35.66
CA ALA D 350 37.18 9.48 -36.21
C ALA D 350 38.48 9.95 -35.56
N ARG D 351 38.62 11.27 -35.46
CA ARG D 351 39.77 11.93 -34.87
C ARG D 351 40.01 11.39 -33.46
N VAL D 352 38.91 11.16 -32.71
CA VAL D 352 38.96 10.74 -31.32
C VAL D 352 39.33 9.26 -31.25
N ALA D 353 38.69 8.44 -32.11
CA ALA D 353 38.95 7.01 -32.16
C ALA D 353 40.43 6.76 -32.49
N LEU D 354 40.95 7.55 -33.43
CA LEU D 354 42.34 7.46 -33.87
C LEU D 354 43.28 7.74 -32.70
N ALA D 355 42.98 8.77 -31.90
CA ALA D 355 43.82 9.16 -30.79
C ALA D 355 43.76 8.10 -29.68
N ALA D 356 42.56 7.54 -29.46
CA ALA D 356 42.34 6.54 -28.43
C ALA D 356 43.08 5.24 -28.75
N ALA D 357 43.20 4.92 -30.04
CA ALA D 357 43.89 3.71 -30.47
C ALA D 357 45.37 3.77 -30.10
N HIS D 358 45.99 4.94 -30.25
CA HIS D 358 47.42 5.11 -30.06
C HIS D 358 47.69 5.29 -28.56
N SER D 361 49.24 7.13 -22.73
CA SER D 361 48.57 7.58 -21.50
C SER D 361 47.24 8.24 -21.86
N PRO D 362 46.09 7.77 -21.33
CA PRO D 362 44.80 8.38 -21.65
C PRO D 362 44.68 9.84 -21.16
N HIS D 363 45.43 10.18 -20.10
CA HIS D 363 45.44 11.52 -19.56
C HIS D 363 45.99 12.49 -20.60
N ASP D 364 47.15 12.17 -21.18
CA ASP D 364 47.81 13.04 -22.13
C ASP D 364 46.99 13.14 -23.42
N THR D 365 46.43 12.01 -23.87
CA THR D 365 45.75 11.92 -25.15
C THR D 365 44.41 12.65 -25.09
N LEU D 366 43.58 12.33 -24.10
CA LEU D 366 42.19 12.77 -24.09
C LEU D 366 42.07 14.22 -23.61
N SER D 367 43.09 14.71 -22.90
CA SER D 367 43.11 16.08 -22.42
C SER D 367 43.64 17.02 -23.50
N ASP D 368 44.17 16.46 -24.60
CA ASP D 368 44.70 17.26 -25.69
C ASP D 368 43.58 18.14 -26.24
N PRO D 369 43.72 19.49 -26.22
CA PRO D 369 42.72 20.39 -26.80
C PRO D 369 42.44 20.14 -28.28
N ALA D 370 43.46 19.63 -28.98
CA ALA D 370 43.36 19.31 -30.41
C ALA D 370 42.24 18.32 -30.66
N LEU D 371 42.02 17.39 -29.73
CA LEU D 371 40.97 16.39 -29.84
C LEU D 371 39.58 17.01 -29.65
N ASP D 372 39.53 18.02 -28.75
CA ASP D 372 38.31 18.77 -28.50
C ASP D 372 37.18 17.80 -28.13
N LEU D 373 37.39 17.04 -27.04
CA LEU D 373 36.36 16.17 -26.50
C LEU D 373 35.18 16.98 -25.95
N LEU D 374 35.46 18.23 -25.54
CA LEU D 374 34.43 19.15 -25.10
C LEU D 374 33.42 19.39 -26.23
N GLY D 375 33.93 19.82 -27.39
CA GLY D 375 33.11 20.20 -28.52
C GLY D 375 32.33 19.02 -29.11
N LEU D 376 32.92 17.82 -29.01
CA LEU D 376 32.30 16.60 -29.49
C LEU D 376 30.88 16.46 -28.92
N MET D 377 30.71 16.83 -27.65
CA MET D 377 29.47 16.62 -26.93
C MET D 377 28.79 17.96 -26.62
N ARG D 378 29.30 19.06 -27.20
CA ARG D 378 28.83 20.39 -26.89
C ARG D 378 28.79 20.58 -25.38
N ALA D 379 29.89 20.20 -24.72
CA ALA D 379 30.00 20.27 -23.27
C ALA D 379 30.73 21.55 -22.88
N GLY D 380 30.48 22.00 -21.65
CA GLY D 380 31.23 23.08 -21.03
C GLY D 380 32.44 22.56 -20.27
N GLY D 381 32.37 21.31 -19.81
CA GLY D 381 33.44 20.73 -19.00
C GLY D 381 33.56 19.22 -19.20
N LEU D 382 34.66 18.67 -18.69
CA LEU D 382 34.97 17.27 -18.87
C LEU D 382 35.88 16.81 -17.73
N ILE D 383 35.52 15.69 -17.10
CA ILE D 383 36.37 15.06 -16.12
C ILE D 383 36.92 13.77 -16.71
N LEU D 384 38.24 13.60 -16.60
CA LEU D 384 38.93 12.40 -17.04
C LEU D 384 39.55 11.73 -15.82
N ARG D 385 39.08 10.53 -15.44
CA ARG D 385 39.73 9.76 -14.39
C ARG D 385 40.38 8.51 -14.97
N PHE D 386 41.69 8.38 -14.72
CA PHE D 386 42.49 7.25 -15.18
C PHE D 386 43.68 7.09 -14.22
N GLU D 387 44.00 5.83 -13.87
CA GLU D 387 45.21 5.51 -13.13
C GLU D 387 45.20 6.17 -11.76
N GLY D 388 44.02 6.25 -11.13
CA GLY D 388 43.88 6.76 -9.77
C GLY D 388 44.01 8.28 -9.65
N ARG D 389 43.99 9.01 -10.78
CA ARG D 389 43.97 10.46 -10.77
C ARG D 389 42.91 10.96 -11.75
N TRP D 390 42.47 12.20 -11.56
CA TRP D 390 41.62 12.85 -12.53
C TRP D 390 42.18 14.23 -12.88
N GLN D 391 41.75 14.70 -14.05
CA GLN D 391 41.99 16.07 -14.47
C GLN D 391 40.74 16.56 -15.23
N THR D 392 40.71 17.85 -15.54
CA THR D 392 39.53 18.46 -16.11
C THR D 392 39.90 19.40 -17.25
N LEU D 393 38.92 19.59 -18.13
CA LEU D 393 38.96 20.62 -19.15
C LEU D 393 37.67 21.43 -19.03
N GLY D 394 37.76 22.70 -19.43
CA GLY D 394 36.61 23.58 -19.46
C GLY D 394 36.14 23.96 -18.06
N GLU D 395 34.86 24.36 -17.97
CA GLU D 395 34.23 24.77 -16.72
C GLU D 395 33.74 23.52 -15.99
N VAL D 396 34.27 23.34 -14.77
CA VAL D 396 34.04 22.18 -13.94
C VAL D 396 33.78 22.67 -12.51
N PRO D 397 33.14 21.88 -11.62
CA PRO D 397 33.14 22.20 -10.19
C PRO D 397 34.55 22.13 -9.60
N PRO D 398 34.77 22.65 -8.38
CA PRO D 398 36.07 22.49 -7.70
C PRO D 398 36.33 21.05 -7.28
N ALA D 399 37.57 20.79 -6.82
CA ALA D 399 38.06 19.43 -6.64
C ALA D 399 37.14 18.62 -5.72
N PRO D 400 36.75 19.11 -4.53
CA PRO D 400 35.89 18.33 -3.63
C PRO D 400 34.55 17.92 -4.25
N ALA D 401 33.96 18.81 -5.05
CA ALA D 401 32.70 18.54 -5.74
C ALA D 401 32.89 17.44 -6.79
N VAL D 402 34.02 17.52 -7.51
CA VAL D 402 34.38 16.51 -8.50
C VAL D 402 34.54 15.16 -7.82
N ASP D 403 35.23 15.14 -6.66
CA ASP D 403 35.45 13.92 -5.91
C ASP D 403 34.12 13.29 -5.49
N ALA D 404 33.19 14.13 -5.02
CA ALA D 404 31.87 13.70 -4.61
C ALA D 404 31.09 13.16 -5.81
N LEU D 405 31.19 13.87 -6.95
CA LEU D 405 30.52 13.46 -8.17
C LEU D 405 31.01 12.07 -8.58
N LEU D 406 32.33 11.86 -8.52
CA LEU D 406 32.93 10.60 -8.91
C LEU D 406 32.53 9.49 -7.93
N ALA D 407 32.40 9.82 -6.65
CA ALA D 407 32.01 8.87 -5.62
C ALA D 407 30.56 8.42 -5.82
N TRP D 408 29.70 9.36 -6.23
CA TRP D 408 28.31 9.04 -6.55
C TRP D 408 28.23 8.14 -7.78
N LEU D 409 29.06 8.44 -8.78
CA LEU D 409 29.07 7.74 -10.04
C LEU D 409 29.37 6.26 -9.80
N GLU D 410 30.33 5.98 -8.91
CA GLU D 410 30.76 4.62 -8.57
C GLU D 410 29.59 3.76 -8.11
N THR D 411 28.57 4.38 -7.50
CA THR D 411 27.41 3.66 -6.98
C THR D 411 26.41 3.33 -8.09
N GLN D 412 26.56 3.93 -9.27
CA GLN D 412 25.59 3.77 -10.34
C GLN D 412 25.82 2.45 -11.06
N PRO D 413 24.74 1.72 -11.42
CA PRO D 413 24.87 0.51 -12.24
C PRO D 413 25.03 0.86 -13.72
N GLY D 414 25.56 -0.09 -14.49
CA GLY D 414 25.79 0.11 -15.92
C GLY D 414 27.07 0.90 -16.19
N ALA D 415 27.28 1.23 -17.47
CA ALA D 415 28.49 1.90 -17.92
C ALA D 415 28.17 3.25 -18.55
N LEU D 416 26.91 3.70 -18.41
CA LEU D 416 26.50 4.99 -18.93
C LEU D 416 25.53 5.63 -17.93
N VAL D 417 25.80 6.89 -17.57
CA VAL D 417 24.88 7.70 -16.82
C VAL D 417 24.68 9.00 -17.59
N GLN D 418 23.41 9.40 -17.75
CA GLN D 418 23.08 10.60 -18.51
C GLN D 418 21.88 11.30 -17.88
N THR D 419 21.97 12.63 -17.82
CA THR D 419 20.94 13.42 -17.15
C THR D 419 21.01 14.85 -17.69
N ASP D 420 19.85 15.48 -17.86
CA ASP D 420 19.74 16.86 -18.30
C ASP D 420 19.46 17.75 -17.09
N ALA D 421 19.35 17.13 -15.91
CA ALA D 421 19.13 17.84 -14.66
C ALA D 421 19.71 17.00 -13.52
N LEU D 422 21.02 17.13 -13.30
CA LEU D 422 21.77 16.31 -12.37
C LEU D 422 21.15 16.40 -10.96
N GLY D 423 20.65 17.60 -10.61
CA GLY D 423 20.03 17.83 -9.32
C GLY D 423 18.91 16.83 -8.99
N GLN D 424 18.04 16.56 -9.96
CA GLN D 424 16.86 15.74 -9.72
C GLN D 424 17.27 14.30 -9.45
N LEU D 425 18.31 13.83 -10.16
CA LEU D 425 18.78 12.46 -10.05
C LEU D 425 19.73 12.34 -8.87
N TRP D 426 20.54 13.38 -8.63
CA TRP D 426 21.60 13.40 -7.63
C TRP D 426 21.47 14.68 -6.80
N PRO D 427 20.52 14.75 -5.84
CA PRO D 427 20.21 15.98 -5.12
C PRO D 427 21.38 16.70 -4.45
N ALA D 428 22.34 15.95 -3.92
CA ALA D 428 23.56 16.54 -3.37
C ALA D 428 24.39 17.21 -4.46
N GLY D 429 24.14 16.86 -5.72
CA GLY D 429 24.84 17.45 -6.84
C GLY D 429 24.10 18.62 -7.48
N ALA D 430 23.03 19.09 -6.81
CA ALA D 430 22.24 20.21 -7.32
C ALA D 430 23.04 21.51 -7.27
N ASP D 431 23.99 21.61 -6.34
CA ASP D 431 24.81 22.80 -6.17
C ASP D 431 25.89 22.88 -7.26
N LEU D 432 26.04 21.82 -8.06
CA LEU D 432 27.03 21.80 -9.13
C LEU D 432 26.47 22.40 -10.43
N ALA D 433 25.24 22.92 -10.37
CA ALA D 433 24.47 23.23 -11.57
C ALA D 433 25.14 24.30 -12.44
N PRO D 434 25.88 25.29 -11.90
CA PRO D 434 26.57 26.27 -12.75
C PRO D 434 27.41 25.66 -13.87
N SER D 435 28.12 24.57 -13.58
CA SER D 435 28.97 23.91 -14.57
C SER D 435 28.48 22.51 -14.91
N ALA D 436 27.66 21.91 -14.04
CA ALA D 436 27.34 20.49 -14.14
C ALA D 436 25.85 20.22 -13.90
N ALA D 437 24.98 20.95 -14.61
CA ALA D 437 23.55 20.70 -14.56
C ALA D 437 23.22 19.47 -15.38
N GLY D 438 23.81 19.39 -16.58
CA GLY D 438 23.75 18.20 -17.40
C GLY D 438 25.02 17.36 -17.22
N LEU D 439 24.86 16.03 -17.24
CA LEU D 439 26.00 15.14 -17.07
C LEU D 439 25.84 13.94 -17.99
N LEU D 440 26.95 13.54 -18.60
CA LEU D 440 27.03 12.34 -19.41
C LEU D 440 28.34 11.65 -19.09
N ALA D 441 28.25 10.47 -18.47
CA ALA D 441 29.42 9.77 -17.99
C ALA D 441 29.45 8.36 -18.57
N ILE D 442 30.66 7.90 -18.91
CA ILE D 442 30.87 6.55 -19.41
C ILE D 442 32.00 5.90 -18.62
N SER D 443 31.81 4.64 -18.25
CA SER D 443 32.84 3.86 -17.59
C SER D 443 33.73 3.23 -18.67
N VAL D 444 35.05 3.28 -18.45
CA VAL D 444 36.02 2.78 -19.41
C VAL D 444 36.55 1.41 -18.95
N GLY D 445 36.38 1.09 -17.67
CA GLY D 445 36.50 -0.29 -17.22
C GLY D 445 35.14 -0.83 -16.78
N GLU D 446 35.12 -1.51 -15.63
CA GLU D 446 33.91 -1.69 -14.86
C GLU D 446 34.14 -1.10 -13.46
N GLY D 447 33.10 -0.45 -12.92
CA GLY D 447 33.14 0.08 -11.56
C GLY D 447 33.51 1.56 -11.51
N TRP D 448 33.71 2.16 -12.69
CA TRP D 448 33.94 3.59 -12.85
C TRP D 448 35.30 4.01 -12.31
N SER D 449 36.25 3.07 -12.18
CA SER D 449 37.58 3.45 -11.73
C SER D 449 38.24 4.34 -12.78
N GLU D 450 37.94 4.06 -14.06
CA GLU D 450 38.32 4.91 -15.17
C GLU D 450 37.05 5.36 -15.91
N CYS D 451 36.92 6.66 -16.15
CA CYS D 451 35.72 7.18 -16.78
C CYS D 451 35.92 8.56 -17.42
N LEU D 452 34.96 8.94 -18.27
N LEU D 452 34.96 8.94 -18.27
CA LEU D 452 34.85 10.28 -18.81
CA LEU D 452 34.86 10.28 -18.82
C LEU D 452 33.50 10.84 -18.40
C LEU D 452 33.50 10.86 -18.45
N VAL D 453 33.48 12.13 -18.02
CA VAL D 453 32.25 12.77 -17.59
C VAL D 453 32.15 14.12 -18.29
N TRP D 454 31.24 14.21 -19.26
CA TRP D 454 30.93 15.47 -19.91
C TRP D 454 29.92 16.23 -19.07
N LEU D 455 30.14 17.54 -18.91
CA LEU D 455 29.31 18.39 -18.08
C LEU D 455 28.78 19.54 -18.94
N ARG D 456 27.54 19.95 -18.65
CA ARG D 456 26.94 21.11 -19.28
C ARG D 456 26.38 22.04 -18.21
N PRO D 457 26.51 23.37 -18.39
CA PRO D 457 25.97 24.33 -17.43
C PRO D 457 24.45 24.34 -17.46
N GLU D 458 23.85 24.84 -16.38
CA GLU D 458 22.45 25.20 -16.33
C GLU D 458 22.17 26.24 -17.41
N LEU D 459 20.94 26.21 -17.97
CA LEU D 459 20.53 27.20 -18.95
C LEU D 459 20.44 28.58 -18.27
N ARG D 460 20.97 29.61 -18.95
CA ARG D 460 20.98 30.96 -18.43
C ARG D 460 19.56 31.53 -18.43
N GLY D 462 15.88 31.00 -17.30
CA GLY D 462 14.92 30.03 -16.74
C GLY D 462 15.55 28.65 -16.53
N GLY D 463 16.63 28.62 -15.74
CA GLY D 463 17.44 27.41 -15.56
C GLY D 463 16.67 26.25 -14.96
N SER D 464 16.34 26.38 -13.67
CA SER D 464 15.63 25.36 -12.89
C SER D 464 16.48 24.09 -12.77
N GLY D 465 17.79 24.22 -12.93
CA GLY D 465 18.70 23.09 -12.82
C GLY D 465 18.76 22.24 -14.09
N TYR D 466 18.21 22.76 -15.19
CA TYR D 466 18.18 22.04 -16.46
C TYR D 466 19.33 22.52 -17.33
N ALA D 467 19.98 21.56 -18.01
CA ALA D 467 20.94 21.86 -19.06
C ALA D 467 20.30 21.58 -20.40
N GLU D 468 20.92 22.08 -21.48
CA GLU D 468 20.50 21.75 -22.83
C GLU D 468 20.51 20.24 -22.95
N PRO D 469 19.40 19.58 -23.37
CA PRO D 469 19.33 18.12 -23.36
C PRO D 469 20.41 17.51 -24.23
N TRP D 470 20.95 16.37 -23.79
CA TRP D 470 21.80 15.55 -24.63
C TRP D 470 20.96 15.02 -25.78
N HIS D 471 21.44 15.22 -27.01
CA HIS D 471 20.82 14.66 -28.19
C HIS D 471 21.06 13.15 -28.17
N PRO D 472 20.06 12.30 -28.54
CA PRO D 472 20.27 10.84 -28.58
C PRO D 472 21.50 10.41 -29.40
N GLY D 473 21.90 11.24 -30.37
CA GLY D 473 23.11 11.04 -31.14
C GLY D 473 24.39 11.17 -30.30
N GLU D 474 24.39 12.14 -29.37
CA GLU D 474 25.52 12.36 -28.48
C GLU D 474 25.64 11.20 -27.49
N ILE D 475 24.50 10.58 -27.15
CA ILE D 475 24.48 9.45 -26.23
C ILE D 475 25.13 8.25 -26.90
N GLU D 476 24.75 7.97 -28.15
CA GLU D 476 25.27 6.83 -28.89
C GLU D 476 26.75 7.05 -29.19
N GLU D 477 27.13 8.31 -29.43
CA GLU D 477 28.51 8.67 -29.64
C GLU D 477 29.33 8.34 -28.39
N ALA D 478 28.75 8.60 -27.21
CA ALA D 478 29.39 8.30 -25.94
C ALA D 478 29.55 6.78 -25.79
N GLN D 479 28.51 6.04 -26.16
CA GLN D 479 28.55 4.59 -26.12
C GLN D 479 29.66 4.08 -27.04
N ASP D 480 29.79 4.68 -28.23
CA ASP D 480 30.82 4.28 -29.18
C ASP D 480 32.20 4.57 -28.59
N LEU D 481 32.33 5.73 -27.94
CA LEU D 481 33.58 6.11 -27.29
C LEU D 481 33.93 5.13 -26.17
N ARG D 482 32.92 4.70 -25.41
CA ARG D 482 33.13 3.76 -24.33
C ARG D 482 33.79 2.50 -24.87
N ASP D 483 33.19 1.91 -25.92
CA ASP D 483 33.69 0.71 -26.56
C ASP D 483 35.14 0.89 -27.01
N THR D 484 35.38 1.94 -27.80
CA THR D 484 36.70 2.26 -28.34
C THR D 484 37.74 2.33 -27.22
N LEU D 485 37.44 3.13 -26.18
CA LEU D 485 38.38 3.36 -25.09
C LEU D 485 38.57 2.09 -24.28
N THR D 486 37.46 1.39 -23.99
CA THR D 486 37.51 0.14 -23.25
C THR D 486 38.45 -0.84 -23.96
N GLY D 487 38.32 -0.95 -25.28
CA GLY D 487 39.17 -1.83 -26.08
C GLY D 487 40.63 -1.37 -26.10
N ALA D 488 40.84 -0.08 -26.39
CA ALA D 488 42.18 0.45 -26.62
C ALA D 488 43.02 0.42 -25.35
N LEU D 489 42.38 0.66 -24.20
CA LEU D 489 43.07 0.82 -22.93
C LEU D 489 43.34 -0.55 -22.28
N GLU D 490 42.52 -1.56 -22.59
CA GLU D 490 42.71 -2.89 -22.04
C GLU D 490 43.97 -3.53 -22.61
N HIS D 491 44.37 -3.14 -23.83
CA HIS D 491 45.64 -3.57 -24.41
C HIS D 491 46.78 -2.88 -23.65
N HIS D 492 46.68 -1.56 -23.46
CA HIS D 492 47.64 -0.80 -22.67
C HIS D 492 47.51 -1.17 -21.18
C1A LBV E . 2.75 6.83 65.74
C1B LBV E . 3.79 9.15 62.04
O1B LBV E . 7.62 11.33 57.40
C1C LBV E . 4.04 5.61 59.30
O1C LBV E . 7.94 3.88 57.35
C1D LBV E . 3.32 1.48 61.31
C2A LBV E . 1.90 7.92 66.37
C2B LBV E . 4.17 10.08 61.05
O2B LBV E . 6.53 10.10 55.98
C2C LBV E . 4.18 4.65 58.24
O2C LBV E . 6.69 3.30 55.65
C2D LBV E . 2.50 0.52 62.01
C3A LBV E . 2.30 9.13 65.55
C3B LBV E . 4.38 9.37 59.89
C3C LBV E . 3.83 3.40 58.75
C3D LBV E . 3.10 -0.71 61.93
C4A LBV E . 3.07 8.67 64.39
C4B LBV E . 4.12 7.99 60.13
C4C LBV E . 3.47 3.61 60.13
C4D LBV E . 4.36 -0.52 61.16
CAA LBV E . 1.70 10.32 65.54
CAB LBV E . 4.80 9.94 58.56
CAC LBV E . 4.62 4.96 56.86
CAD LBV E . 2.67 -1.96 62.48
CBA LBV E . 1.90 11.34 66.62
CBB LBV E . 6.23 9.55 58.25
CBC LBV E . 6.09 5.31 56.75
CBD LBV E . 3.20 -3.15 62.15
CGB LBV E . 6.84 10.39 57.15
CGC LBV E . 6.97 4.09 56.58
CHB LBV E . 3.51 9.47 63.39
CHC LBV E . 4.25 6.97 59.19
CHD LBV E . 3.03 2.78 61.18
CMA LBV E . 2.15 8.08 67.88
CMB LBV E . 4.30 11.54 61.30
CMC LBV E . 3.84 2.10 57.98
CMD LBV E . 1.22 0.91 62.68
N_A LBV E . 3.38 7.32 64.62
O_A LBV E . 2.88 5.68 66.11
N_B LBV E . 3.77 7.89 61.47
N_C LBV E . 3.61 4.92 60.41
N_D LBV E . 4.41 0.82 60.82
O_D LBV E . 5.20 -1.29 60.83
C1A LBV F . -5.60 -11.88 8.16
C1B LBV F . -3.56 -14.30 11.31
O1B LBV F . 1.95 -15.97 14.44
C1C LBV F . -2.68 -10.73 13.93
O1C LBV F . 1.48 -8.38 14.56
C1D LBV F . -4.33 -6.58 12.39
C2A LBV F . -5.95 -12.97 7.18
C2B LBV F . -2.73 -15.17 12.07
O2B LBV F . 1.23 -14.73 16.13
C2C LBV F . -2.20 -9.76 14.85
O2C LBV F . 0.88 -8.16 16.62
C2D LBV F . -5.44 -5.71 12.03
C3A LBV F . -5.56 -14.21 7.98
C3B LBV F . -2.19 -14.46 13.13
C3C LBV F . -2.77 -8.53 14.55
C3D LBV F . -4.98 -4.44 11.87
C4A LBV F . -4.86 -13.81 9.20
C4B LBV F . -2.66 -13.12 13.04
C4C LBV F . -3.60 -8.75 13.42
C4D LBV F . -3.51 -4.47 12.13
CAA LBV F . -5.49 -15.47 7.52
CAB LBV F . -1.25 -14.95 14.18
CAC LBV F . -1.24 -10.05 15.97
CAD LBV F . -5.76 -3.25 11.50
CBA LBV F . -6.53 -16.08 6.64
CBB LBV F . 0.17 -14.42 14.01
CBC LBV F . 0.20 -10.17 15.54
CBD LBV F . -5.23 -2.06 11.17
CGB LBV F . 1.19 -15.09 14.92
CGC LBV F . 0.91 -8.83 15.57
CHB LBV F . -4.31 -14.64 10.14
CHC LBV F . -2.35 -12.09 13.92
CHD LBV F . -4.45 -7.92 12.62
CMA LBV F . -5.12 -12.69 5.90
CMB LBV F . -2.51 -16.61 11.74
CMC LBV F . -2.54 -7.24 15.27
CMD LBV F . -6.85 -6.21 11.88
N_A LBV F . -4.98 -12.44 9.27
O_A LBV F . -5.80 -10.68 8.01
N_B LBV F . -3.49 -13.06 11.93
N_C LBV F . -3.54 -10.06 13.08
N_D LBV F . -3.20 -5.81 12.45
O_D LBV F . -2.69 -3.57 12.12
C1A LBV G . -1.54 -13.91 -63.18
C1B LBV G . -2.58 -9.66 -62.41
O1B LBV G . -7.11 -5.31 -60.67
C1C LBV G . -2.72 -10.16 -57.93
O1C LBV G . -6.37 -10.47 -55.16
C1D LBV G . -1.51 -14.29 -56.14
C2A LBV G . -0.61 -13.64 -64.35
C2B LBV G . -3.19 -8.38 -62.40
O2B LBV G . -6.04 -5.11 -58.77
C2C LBV G . -2.85 -10.07 -56.51
O2C LBV G . -5.81 -8.96 -53.71
C2D LBV G . -0.51 -15.28 -55.81
C3A LBV G . -0.96 -12.23 -64.74
C3B LBV G . -3.44 -8.05 -61.07
C3C LBV G . -2.37 -11.23 -55.93
C3D LBV G . -1.01 -16.06 -54.81
C4A LBV G . -1.75 -11.66 -63.64
C4B LBV G . -2.99 -9.12 -60.25
C4C LBV G . -1.93 -12.05 -57.01
C4D LBV G . -2.38 -15.56 -54.48
CAA LBV G . -0.20 -11.49 -65.54
CAB LBV G . -4.06 -6.77 -60.58
CAC LBV G . -3.43 -8.92 -55.72
CAD LBV G . -0.40 -17.20 -54.15
CBA LBV G . 1.14 -11.96 -66.06
CBB LBV G . -5.51 -6.97 -60.17
CBC LBV G . -4.93 -8.74 -55.92
CBD LBV G . -1.04 -18.34 -53.84
CGB LBV G . -6.26 -5.70 -59.85
CGC LBV G . -5.75 -9.44 -54.86
CHB LBV G . -2.17 -10.37 -63.56
CHC LBV G . -3.09 -9.19 -58.86
CHD LBV G . -1.33 -13.33 -57.08
CMA LBV G . -0.88 -14.61 -65.50
CMB LBV G . -3.48 -7.55 -63.60
CMC LBV G . -2.34 -11.54 -54.47
CMD LBV G . 0.82 -15.34 -56.50
N_A LBV G . -2.15 -12.72 -62.84
O_A LBV G . -1.71 -14.99 -62.60
N_B LBV G . -2.47 -10.10 -61.11
N_C LBV G . -2.16 -11.39 -58.19
N_D LBV G . -2.60 -14.48 -55.34
O_D LBV G . -3.19 -15.95 -53.68
C1A LBV H . 3.33 15.96 -9.83
C1B LBV H . 1.66 11.83 -10.59
O1B LBV H . -3.16 7.54 -11.38
C1C LBV H . 0.79 12.22 -14.98
O1C LBV H . -3.54 12.86 -17.10
C1D LBV H . 1.92 16.41 -16.87
C2A LBV H . 4.17 15.60 -8.59
C2B LBV H . 0.99 10.59 -10.46
O2B LBV H . -2.65 7.37 -13.51
C2C LBV H . 0.35 12.17 -16.34
O2C LBV H . -2.60 11.84 -18.73
C2D LBV H . 2.92 17.45 -17.12
C3A LBV H . 3.60 14.24 -8.20
C3B LBV H . 0.50 10.23 -11.71
C3C LBV H . 0.76 13.34 -16.99
C3D LBV H . 2.37 18.36 -17.97
C4A LBV H . 2.84 13.76 -9.37
C4B LBV H . 0.87 11.24 -12.65
C4C LBV H . 1.45 14.10 -16.02
C4D LBV H . 0.96 17.92 -18.26
CAA LBV H . 4.20 13.35 -7.39
CAB LBV H . -0.29 8.98 -12.01
CAC LBV H . -0.45 11.05 -16.94
CAD LBV H . 2.98 19.55 -18.51
CBA LBV H . 4.61 13.57 -5.96
CBB LBV H . -1.74 9.24 -12.35
CBC LBV H . -1.93 11.10 -16.60
CBD LBV H . 2.33 20.40 -19.33
CGB LBV H . -2.57 7.97 -12.41
CGC LBV H . -2.74 11.99 -17.52
CHB LBV H . 2.28 12.51 -9.49
CHC LBV H . 0.58 11.25 -14.01
CHD LBV H . 2.14 15.35 -16.04
CMA LBV H . 4.04 16.70 -7.51
CMB LBV H . 0.86 9.87 -9.16
CMC LBV H . 0.53 13.73 -18.43
CMD LBV H . 4.30 17.44 -16.52
N_A LBV H . 2.61 14.85 -10.21
O_A LBV H . 3.29 17.03 -10.46
N_B LBV H . 1.59 12.21 -11.92
N_C LBV H . 1.46 13.42 -14.85
N_D LBV H . 0.78 16.73 -17.56
O_D LBV H . 0.11 18.42 -18.96
#